data_3NDQ
# 
_entry.id   3NDQ 
# 
_audit_conform.dict_name       mmcif_pdbx.dic 
_audit_conform.dict_version    5.379 
_audit_conform.dict_location   http://mmcif.pdb.org/dictionaries/ascii/mmcif_pdbx.dic 
# 
loop_
_database_2.database_id 
_database_2.database_code 
_database_2.pdbx_database_accession 
_database_2.pdbx_DOI 
PDB   3NDQ         pdb_00003ndq 10.2210/pdb3ndq/pdb 
RCSB  RCSB059700   ?            ?                   
WWPDB D_1000059700 ?            ?                   
# 
_pdbx_database_status.entry_id                        3NDQ 
_pdbx_database_status.status_code                     REL 
_pdbx_database_status.deposit_site                    RCSB 
_pdbx_database_status.process_site                    RCSB 
_pdbx_database_status.recvd_initial_deposition_date   2010-06-07 
_pdbx_database_status.status_code_sf                  REL 
_pdbx_database_status.status_code_mr                  ? 
_pdbx_database_status.SG_entry                        ? 
_pdbx_database_status.status_code_cs                  ? 
_pdbx_database_status.pdb_format_compatible           Y 
_pdbx_database_status.status_code_nmr_data            ? 
_pdbx_database_status.methods_development_category    ? 
# 
loop_
_audit_author.name 
_audit_author.pdbx_ordinal 
'Hu, X.P.'    1 
'Averell, G.' 2 
'Ye, X.Y.'    3 
'Hou, J.'     4 
'Luo, H.'     5 
# 
_citation.id                        primary 
_citation.title                     'Structure of Human TFIIS Domain II' 
_citation.journal_abbrev            'To be Published' 
_citation.journal_volume            ? 
_citation.page_first                ? 
_citation.page_last                 ? 
_citation.year                      ? 
_citation.journal_id_ASTM           ? 
_citation.country                   ? 
_citation.journal_id_ISSN           ? 
_citation.journal_id_CSD            0353 
_citation.book_publisher            ? 
_citation.pdbx_database_id_PubMed   ? 
_citation.pdbx_database_id_DOI      ? 
# 
loop_
_citation_author.citation_id 
_citation_author.name 
_citation_author.ordinal 
_citation_author.identifier_ORCID 
primary 'Ye, X.'    1 ? 
primary 'Gnatt, A.' 2 ? 
primary 'Hu, X.P.'  3 ? 
# 
_cell.entry_id           3NDQ 
_cell.length_a           59.270 
_cell.length_b           60.750 
_cell.length_c           61.980 
_cell.angle_alpha        90.00 
_cell.angle_beta         90.00 
_cell.angle_gamma        90.00 
_cell.Z_PDB              8 
_cell.pdbx_unique_axis   ? 
_cell.length_a_esd       ? 
_cell.length_b_esd       ? 
_cell.length_c_esd       ? 
_cell.angle_alpha_esd    ? 
_cell.angle_beta_esd     ? 
_cell.angle_gamma_esd    ? 
# 
_symmetry.entry_id                         3NDQ 
_symmetry.space_group_name_H-M             'I 2 2 2' 
_symmetry.pdbx_full_space_group_name_H-M   ? 
_symmetry.cell_setting                     ? 
_symmetry.Int_Tables_number                23 
_symmetry.space_group_name_Hall            ? 
# 
loop_
_entity.id 
_entity.type 
_entity.src_method 
_entity.pdbx_description 
_entity.formula_weight 
_entity.pdbx_number_of_molecules 
_entity.pdbx_ec 
_entity.pdbx_mutation 
_entity.pdbx_fragment 
_entity.details 
1 polymer     man 'Transcription elongation factor A protein 1' 12134.657 1   ? ? 'TFIIS Domain II, residues 131-232' ? 
2 non-polymer syn 'SODIUM ION'                                  22.990    2   ? ? ?                                   ? 
3 water       nat water                                         18.015    149 ? ? ?                                   ? 
# 
_entity_name_com.entity_id   1 
_entity_name_com.name        'Transcription elongation factor S-II protein 1, Transcription elongation factor TFIIS.o' 
# 
_entity_poly.entity_id                      1 
_entity_poly.type                           'polypeptide(L)' 
_entity_poly.nstd_linkage                   no 
_entity_poly.nstd_monomer                   no 
_entity_poly.pdbx_seq_one_letter_code       
;GIDPFTPRAPSTSDSVRLKCREMLAAALRTGDDYIAIGADEEELGSQIEEAIYQEIRNTDMKYKNRVRSRISNLKDAKNP
NLRKNVLCGNIPPDLFARMTAEEMASDE
;
_entity_poly.pdbx_seq_one_letter_code_can   
;GIDPFTPRAPSTSDSVRLKCREMLAAALRTGDDYIAIGADEEELGSQIEEAIYQEIRNTDMKYKNRVRSRISNLKDAKNP
NLRKNVLCGNIPPDLFARMTAEEMASDE
;
_entity_poly.pdbx_strand_id                 A 
_entity_poly.pdbx_target_identifier         ? 
# 
loop_
_entity_poly_seq.entity_id 
_entity_poly_seq.num 
_entity_poly_seq.mon_id 
_entity_poly_seq.hetero 
1 1   GLY n 
1 2   ILE n 
1 3   ASP n 
1 4   PRO n 
1 5   PHE n 
1 6   THR n 
1 7   PRO n 
1 8   ARG n 
1 9   ALA n 
1 10  PRO n 
1 11  SER n 
1 12  THR n 
1 13  SER n 
1 14  ASP n 
1 15  SER n 
1 16  VAL n 
1 17  ARG n 
1 18  LEU n 
1 19  LYS n 
1 20  CYS n 
1 21  ARG n 
1 22  GLU n 
1 23  MET n 
1 24  LEU n 
1 25  ALA n 
1 26  ALA n 
1 27  ALA n 
1 28  LEU n 
1 29  ARG n 
1 30  THR n 
1 31  GLY n 
1 32  ASP n 
1 33  ASP n 
1 34  TYR n 
1 35  ILE n 
1 36  ALA n 
1 37  ILE n 
1 38  GLY n 
1 39  ALA n 
1 40  ASP n 
1 41  GLU n 
1 42  GLU n 
1 43  GLU n 
1 44  LEU n 
1 45  GLY n 
1 46  SER n 
1 47  GLN n 
1 48  ILE n 
1 49  GLU n 
1 50  GLU n 
1 51  ALA n 
1 52  ILE n 
1 53  TYR n 
1 54  GLN n 
1 55  GLU n 
1 56  ILE n 
1 57  ARG n 
1 58  ASN n 
1 59  THR n 
1 60  ASP n 
1 61  MET n 
1 62  LYS n 
1 63  TYR n 
1 64  LYS n 
1 65  ASN n 
1 66  ARG n 
1 67  VAL n 
1 68  ARG n 
1 69  SER n 
1 70  ARG n 
1 71  ILE n 
1 72  SER n 
1 73  ASN n 
1 74  LEU n 
1 75  LYS n 
1 76  ASP n 
1 77  ALA n 
1 78  LYS n 
1 79  ASN n 
1 80  PRO n 
1 81  ASN n 
1 82  LEU n 
1 83  ARG n 
1 84  LYS n 
1 85  ASN n 
1 86  VAL n 
1 87  LEU n 
1 88  CYS n 
1 89  GLY n 
1 90  ASN n 
1 91  ILE n 
1 92  PRO n 
1 93  PRO n 
1 94  ASP n 
1 95  LEU n 
1 96  PHE n 
1 97  ALA n 
1 98  ARG n 
1 99  MET n 
1 100 THR n 
1 101 ALA n 
1 102 GLU n 
1 103 GLU n 
1 104 MET n 
1 105 ALA n 
1 106 SER n 
1 107 ASP n 
1 108 GLU n 
# 
_entity_src_gen.entity_id                          1 
_entity_src_gen.pdbx_src_id                        1 
_entity_src_gen.pdbx_alt_source_flag               sample 
_entity_src_gen.pdbx_seq_type                      ? 
_entity_src_gen.pdbx_beg_seq_num                   ? 
_entity_src_gen.pdbx_end_seq_num                   ? 
_entity_src_gen.gene_src_common_name               human 
_entity_src_gen.gene_src_genus                     ? 
_entity_src_gen.pdbx_gene_src_gene                 'GTF2S, TCEA1, TFIIS' 
_entity_src_gen.gene_src_species                   ? 
_entity_src_gen.gene_src_strain                    ? 
_entity_src_gen.gene_src_tissue                    ? 
_entity_src_gen.gene_src_tissue_fraction           ? 
_entity_src_gen.gene_src_details                   ? 
_entity_src_gen.pdbx_gene_src_fragment             ? 
_entity_src_gen.pdbx_gene_src_scientific_name      'Homo sapiens' 
_entity_src_gen.pdbx_gene_src_ncbi_taxonomy_id     9606 
_entity_src_gen.pdbx_gene_src_variant              ? 
_entity_src_gen.pdbx_gene_src_cell_line            ? 
_entity_src_gen.pdbx_gene_src_atcc                 ? 
_entity_src_gen.pdbx_gene_src_organ                ? 
_entity_src_gen.pdbx_gene_src_organelle            ? 
_entity_src_gen.pdbx_gene_src_cell                 ? 
_entity_src_gen.pdbx_gene_src_cellular_location    ? 
_entity_src_gen.host_org_common_name               ? 
_entity_src_gen.pdbx_host_org_scientific_name      'Escherichia coli' 
_entity_src_gen.pdbx_host_org_ncbi_taxonomy_id     469008 
_entity_src_gen.host_org_genus                     ? 
_entity_src_gen.pdbx_host_org_gene                 ? 
_entity_src_gen.pdbx_host_org_organ                ? 
_entity_src_gen.host_org_species                   ? 
_entity_src_gen.pdbx_host_org_tissue               ? 
_entity_src_gen.pdbx_host_org_tissue_fraction      ? 
_entity_src_gen.pdbx_host_org_strain               'BL21 DE3 Plys' 
_entity_src_gen.pdbx_host_org_variant              ? 
_entity_src_gen.pdbx_host_org_cell_line            ? 
_entity_src_gen.pdbx_host_org_atcc                 ? 
_entity_src_gen.pdbx_host_org_culture_collection   ? 
_entity_src_gen.pdbx_host_org_cell                 ? 
_entity_src_gen.pdbx_host_org_organelle            ? 
_entity_src_gen.pdbx_host_org_cellular_location    ? 
_entity_src_gen.pdbx_host_org_vector_type          plasmid 
_entity_src_gen.pdbx_host_org_vector               ? 
_entity_src_gen.host_org_details                   ? 
_entity_src_gen.expression_system_id               ? 
_entity_src_gen.plasmid_name                       pET151 
_entity_src_gen.plasmid_details                    ? 
_entity_src_gen.pdbx_description                   ? 
# 
_struct_ref.id                         1 
_struct_ref.db_name                    UNP 
_struct_ref.db_code                    TCEA1_HUMAN 
_struct_ref.pdbx_db_accession          P23193 
_struct_ref.entity_id                  1 
_struct_ref.pdbx_seq_one_letter_code   
;RAPSTSDSVRLKCREMLAAALRTGDDYIAIGADEEELGSQIEEAIYQEIRNTDMKYKNRVRSRISNLKDAKNPNLRKNVL
CGNIPPDLFARMTAEEM
;
_struct_ref.pdbx_align_begin           132 
_struct_ref.pdbx_db_isoform            ? 
# 
_struct_ref_seq.align_id                      1 
_struct_ref_seq.ref_id                        1 
_struct_ref_seq.pdbx_PDB_id_code              3NDQ 
_struct_ref_seq.pdbx_strand_id                A 
_struct_ref_seq.seq_align_beg                 7 
_struct_ref_seq.pdbx_seq_align_beg_ins_code   ? 
_struct_ref_seq.seq_align_end                 108 
_struct_ref_seq.pdbx_seq_align_end_ins_code   ? 
_struct_ref_seq.pdbx_db_accession             P23193 
_struct_ref_seq.db_align_beg                  131 
_struct_ref_seq.pdbx_db_align_beg_ins_code    ? 
_struct_ref_seq.db_align_end                  232 
_struct_ref_seq.pdbx_db_align_end_ins_code    ? 
_struct_ref_seq.pdbx_auth_seq_align_beg       131 
_struct_ref_seq.pdbx_auth_seq_align_end       232 
# 
loop_
_struct_ref_seq_dif.align_id 
_struct_ref_seq_dif.pdbx_pdb_id_code 
_struct_ref_seq_dif.mon_id 
_struct_ref_seq_dif.pdbx_pdb_strand_id 
_struct_ref_seq_dif.seq_num 
_struct_ref_seq_dif.pdbx_pdb_ins_code 
_struct_ref_seq_dif.pdbx_seq_db_name 
_struct_ref_seq_dif.pdbx_seq_db_accession_code 
_struct_ref_seq_dif.db_mon_id 
_struct_ref_seq_dif.pdbx_seq_db_seq_num 
_struct_ref_seq_dif.details 
_struct_ref_seq_dif.pdbx_auth_seq_num 
_struct_ref_seq_dif.pdbx_ordinal 
1 3NDQ GLY A 1 ? UNP P23193 ? ? 'expression tag' 125 1 
1 3NDQ ILE A 2 ? UNP P23193 ? ? 'expression tag' 126 2 
1 3NDQ ASP A 3 ? UNP P23193 ? ? 'expression tag' 127 3 
1 3NDQ PRO A 4 ? UNP P23193 ? ? 'expression tag' 128 4 
1 3NDQ PHE A 5 ? UNP P23193 ? ? 'expression tag' 129 5 
1 3NDQ THR A 6 ? UNP P23193 ? ? 'expression tag' 130 6 
# 
loop_
_chem_comp.id 
_chem_comp.type 
_chem_comp.mon_nstd_flag 
_chem_comp.name 
_chem_comp.pdbx_synonyms 
_chem_comp.formula 
_chem_comp.formula_weight 
ALA 'L-peptide linking' y ALANINE         ? 'C3 H7 N O2'     89.093  
ARG 'L-peptide linking' y ARGININE        ? 'C6 H15 N4 O2 1' 175.209 
ASN 'L-peptide linking' y ASPARAGINE      ? 'C4 H8 N2 O3'    132.118 
ASP 'L-peptide linking' y 'ASPARTIC ACID' ? 'C4 H7 N O4'     133.103 
CYS 'L-peptide linking' y CYSTEINE        ? 'C3 H7 N O2 S'   121.158 
GLN 'L-peptide linking' y GLUTAMINE       ? 'C5 H10 N2 O3'   146.144 
GLU 'L-peptide linking' y 'GLUTAMIC ACID' ? 'C5 H9 N O4'     147.129 
GLY 'peptide linking'   y GLYCINE         ? 'C2 H5 N O2'     75.067  
HOH non-polymer         . WATER           ? 'H2 O'           18.015  
ILE 'L-peptide linking' y ISOLEUCINE      ? 'C6 H13 N O2'    131.173 
LEU 'L-peptide linking' y LEUCINE         ? 'C6 H13 N O2'    131.173 
LYS 'L-peptide linking' y LYSINE          ? 'C6 H15 N2 O2 1' 147.195 
MET 'L-peptide linking' y METHIONINE      ? 'C5 H11 N O2 S'  149.211 
NA  non-polymer         . 'SODIUM ION'    ? 'Na 1'           22.990  
PHE 'L-peptide linking' y PHENYLALANINE   ? 'C9 H11 N O2'    165.189 
PRO 'L-peptide linking' y PROLINE         ? 'C5 H9 N O2'     115.130 
SER 'L-peptide linking' y SERINE          ? 'C3 H7 N O3'     105.093 
THR 'L-peptide linking' y THREONINE       ? 'C4 H9 N O3'     119.119 
TYR 'L-peptide linking' y TYROSINE        ? 'C9 H11 N O3'    181.189 
VAL 'L-peptide linking' y VALINE          ? 'C5 H11 N O2'    117.146 
# 
_exptl.crystals_number   1 
_exptl.entry_id          3NDQ 
_exptl.method            'X-RAY DIFFRACTION' 
# 
_exptl_crystal.id                    1 
_exptl_crystal.density_Matthews      2.3 
_exptl_crystal.density_meas          ? 
_exptl_crystal.density_percent_sol   46.50 
_exptl_crystal.description           ? 
_exptl_crystal.F_000                 ? 
_exptl_crystal.preparation           ? 
# 
_exptl_crystal_grow.crystal_id      1 
_exptl_crystal_grow.method          'VAPOR DIFFUSION, HANGING DROP' 
_exptl_crystal_grow.pH              6.5 
_exptl_crystal_grow.temp            289 
_exptl_crystal_grow.pdbx_details    
'1.0 M Ammonium sulphate, 0.1 M 2-(N-morpholino)ethanesulfonic acid , pH 6.5, VAPOR DIFFUSION, HANGING DROP, temperature 289K' 
_exptl_crystal_grow.temp_details    ? 
_exptl_crystal_grow.pdbx_pH_range   ? 
# 
_diffrn.id                     1 
_diffrn.ambient_temp           100 
_diffrn.ambient_temp_details   ? 
_diffrn.crystal_id             1 
# 
_diffrn_detector.diffrn_id              1 
_diffrn_detector.detector               CCD 
_diffrn_detector.type                   'RAYONIX MX-225' 
_diffrn_detector.pdbx_collection_date   2010-04-01 
_diffrn_detector.details                mirrors 
# 
_diffrn_radiation.diffrn_id                        1 
_diffrn_radiation.pdbx_diffrn_protocol             'SINGLE WAVELENGTH' 
_diffrn_radiation.monochromator                    'double crystal' 
_diffrn_radiation.wavelength_id                    1 
_diffrn_radiation.pdbx_monochromatic_or_laue_m_l   M 
_diffrn_radiation.pdbx_scattering_type             x-ray 
# 
_diffrn_radiation_wavelength.id           1 
_diffrn_radiation_wavelength.wavelength   0.97947 
_diffrn_radiation_wavelength.wt           1.0 
# 
_diffrn_source.diffrn_id                   1 
_diffrn_source.source                      SYNCHROTRON 
_diffrn_source.type                        'SSRF BEAMLINE BL17U' 
_diffrn_source.pdbx_wavelength_list        0.97947 
_diffrn_source.pdbx_wavelength             ? 
_diffrn_source.pdbx_synchrotron_site       SSRF 
_diffrn_source.pdbx_synchrotron_beamline   BL17U 
# 
_reflns.entry_id                     3NDQ 
_reflns.d_resolution_high            1.933 
_reflns.d_resolution_low             43.385 
_reflns.number_all                   8564 
_reflns.number_obs                   8564 
_reflns.pdbx_netI_over_sigmaI        27.000 
_reflns.pdbx_Rsym_value              0.079 
_reflns.pdbx_redundancy              14.200 
_reflns.percent_possible_obs         99.000 
_reflns.observed_criterion_sigma_F   0 
_reflns.observed_criterion_sigma_I   0 
_reflns.pdbx_Rmerge_I_obs            0.079 
_reflns.B_iso_Wilson_estimate        15.4 
_reflns.R_free_details               ? 
_reflns.limit_h_max                  ? 
_reflns.limit_h_min                  ? 
_reflns.limit_k_max                  ? 
_reflns.limit_k_min                  ? 
_reflns.limit_l_max                  ? 
_reflns.limit_l_min                  ? 
_reflns.observed_criterion_F_max     ? 
_reflns.observed_criterion_F_min     ? 
_reflns.pdbx_chi_squared             ? 
_reflns.pdbx_scaling_rejects         ? 
_reflns.pdbx_ordinal                 1 
_reflns.pdbx_diffrn_id               1 
# 
loop_
_reflns_shell.d_res_high 
_reflns_shell.d_res_low 
_reflns_shell.number_measured_obs 
_reflns_shell.number_measured_all 
_reflns_shell.number_unique_obs 
_reflns_shell.Rmerge_I_obs 
_reflns_shell.meanI_over_sigI_obs 
_reflns_shell.pdbx_Rsym_value 
_reflns_shell.pdbx_chi_squared 
_reflns_shell.pdbx_redundancy 
_reflns_shell.percent_possible_obs 
_reflns_shell.number_unique_all 
_reflns_shell.percent_possible_all 
_reflns_shell.pdbx_ordinal 
_reflns_shell.pdbx_diffrn_id 
1.933 2.04  ? 17758 ? 0.110 5.0  0.110 ? 14.40 ? 1230 100.00 1  1 
2.04  2.16  ? 17037 ? 0.096 6.1  0.096 ? 14.60 ? 1169 100.00 2  1 
2.16  2.31  ? 16295 ? 0.085 7.1  0.085 ? 14.60 ? 1116 100.00 3  1 
2.31  2.50  ? 15276 ? 0.074 8.2  0.074 ? 14.60 ? 1049 100.00 4  1 
2.50  2.73  ? 13745 ? 0.076 8.0  0.076 ? 14.50 ? 946  100.00 5  1 
2.73  3.06  ? 12657 ? 0.069 8.9  0.069 ? 14.50 ? 874  100.00 6  1 
3.06  3.53  ? 11110 ? 0.072 8.4  0.072 ? 14.30 ? 778  100.00 7  1 
3.53  4.32  ? 8940  ? 0.085 7.4  0.085 ? 13.60 ? 658  98.70  8  1 
4.32  6.11  ? 6650  ? 0.075 8.1  0.075 ? 12.90 ? 515  98.70  9  1 
6.11  21.69 ? 2508  ? 0.061 10.6 0.061 ? 11.00 ? 229  74.20  10 1 
# 
_refine.entry_id                                 3NDQ 
_refine.ls_d_res_high                            1.933 
_refine.ls_d_res_low                             21.693 
_refine.pdbx_ls_sigma_F                          2.10 
_refine.pdbx_data_cutoff_high_absF               ? 
_refine.pdbx_data_cutoff_low_absF                ? 
_refine.ls_percent_reflns_obs                    98.850 
_refine.ls_number_reflns_obs                     8562 
_refine.ls_number_reflns_all                     8562 
_refine.pdbx_ls_cross_valid_method               ? 
_refine.pdbx_R_Free_selection_details            ? 
_refine.details                                  ? 
_refine.ls_R_factor_all                          0.168 
_refine.ls_R_factor_obs                          0.168 
_refine.ls_R_factor_R_work                       0.166 
_refine.ls_wR_factor_R_work                      ? 
_refine.ls_R_factor_R_free                       0.208 
_refine.ls_wR_factor_R_free                      ? 
_refine.ls_percent_reflns_R_free                 4.770 
_refine.ls_number_reflns_R_free                  408 
_refine.ls_R_factor_R_free_error                 ? 
_refine.B_iso_mean                               18.589 
_refine.solvent_model_param_bsol                 39.798 
_refine.solvent_model_param_ksol                 0.393 
_refine.pdbx_isotropic_thermal_model             Isotropic 
_refine.aniso_B[1][1]                            -7.315 
_refine.aniso_B[2][2]                            -0.703 
_refine.aniso_B[3][3]                            6.284 
_refine.aniso_B[1][2]                            -0.000 
_refine.aniso_B[1][3]                            0.000 
_refine.aniso_B[2][3]                            -0.000 
_refine.correlation_coeff_Fo_to_Fc               ? 
_refine.correlation_coeff_Fo_to_Fc_free          ? 
_refine.overall_SU_R_Cruickshank_DPI             ? 
_refine.overall_SU_R_free                        ? 
_refine.pdbx_overall_ESU_R_Free                  ? 
_refine.overall_SU_ML                            0.140 
_refine.overall_SU_B                             ? 
_refine.solvent_model_details                    'FLAT BULK SOLVENT MODEL' 
_refine.pdbx_solvent_vdw_probe_radii             1.110 
_refine.pdbx_solvent_ion_probe_radii             ? 
_refine.pdbx_solvent_shrinkage_radii             0.900 
_refine.ls_number_parameters                     ? 
_refine.ls_number_restraints                     ? 
_refine.pdbx_starting_model                      'PDB ENTRY 2DME' 
_refine.pdbx_method_to_determine_struct          'MOLECULAR REPLACEMENT' 
_refine.pdbx_stereochemistry_target_values       ML 
_refine.pdbx_stereochem_target_val_spec_case     ? 
_refine.overall_FOM_work_R_set                   ? 
_refine.B_iso_max                                58.54 
_refine.B_iso_min                                6.24 
_refine.occupancy_max                            1.00 
_refine.occupancy_min                            0.40 
_refine.pdbx_ls_sigma_I                          ? 
_refine.ls_redundancy_reflns_obs                 ? 
_refine.ls_R_factor_R_free_error_details         ? 
_refine.pdbx_data_cutoff_high_rms_absF           ? 
_refine.overall_FOM_free_R_set                   ? 
_refine.pdbx_overall_phase_error                 ? 
_refine.pdbx_refine_id                           'X-RAY DIFFRACTION' 
_refine.pdbx_overall_ESU_R                       ? 
_refine.pdbx_diffrn_id                           1 
_refine.pdbx_TLS_residual_ADP_flag               ? 
_refine.pdbx_overall_SU_R_free_Cruickshank_DPI   ? 
_refine.pdbx_overall_SU_R_Blow_DPI               ? 
_refine.pdbx_overall_SU_R_free_Blow_DPI          ? 
# 
_refine_hist.pdbx_refine_id                   'X-RAY DIFFRACTION' 
_refine_hist.cycle_id                         LAST 
_refine_hist.pdbx_number_atoms_protein        765 
_refine_hist.pdbx_number_atoms_nucleic_acid   0 
_refine_hist.pdbx_number_atoms_ligand         2 
_refine_hist.number_atoms_solvent             149 
_refine_hist.number_atoms_total               916 
_refine_hist.d_res_high                       1.933 
_refine_hist.d_res_low                        21.693 
# 
loop_
_refine_ls_restr.type 
_refine_ls_restr.number 
_refine_ls_restr.dev_ideal 
_refine_ls_restr.dev_ideal_target 
_refine_ls_restr.weight 
_refine_ls_restr.pdbx_refine_id 
_refine_ls_restr.pdbx_restraint_function 
f_bond_d           792  0.006  ? ? 'X-RAY DIFFRACTION' ? 
f_angle_d          1066 0.894  ? ? 'X-RAY DIFFRACTION' ? 
f_chiral_restr     118  0.065  ? ? 'X-RAY DIFFRACTION' ? 
f_plane_restr      144  0.003  ? ? 'X-RAY DIFFRACTION' ? 
f_dihedral_angle_d 323  10.656 ? ? 'X-RAY DIFFRACTION' ? 
# 
loop_
_refine_ls_shell.d_res_high 
_refine_ls_shell.d_res_low 
_refine_ls_shell.pdbx_total_number_of_bins_used 
_refine_ls_shell.percent_reflns_obs 
_refine_ls_shell.number_reflns_R_work 
_refine_ls_shell.R_factor_all 
_refine_ls_shell.R_factor_R_work 
_refine_ls_shell.R_factor_R_free 
_refine_ls_shell.percent_reflns_R_free 
_refine_ls_shell.number_reflns_R_free 
_refine_ls_shell.R_factor_R_free_error 
_refine_ls_shell.number_reflns_all 
_refine_ls_shell.number_reflns_obs 
_refine_ls_shell.redundancy_reflns_obs 
_refine_ls_shell.pdbx_refine_id 
1.933 2.213  3 100.000 2682 . 0.159 0.217 . 135 . 2817 . . 'X-RAY DIFFRACTION' 
2.213 2.787  3 100.000 2729 . 0.162 0.203 . 138 . 2867 . . 'X-RAY DIFFRACTION' 
2.787 21.694 3 97.000  2743 . 0.171 0.208 . 135 . 2878 . . 'X-RAY DIFFRACTION' 
# 
_struct.entry_id                  3NDQ 
_struct.title                     'Structure of Human TFIIS Domain II' 
_struct.pdbx_model_details        ? 
_struct.pdbx_CASP_flag            ? 
_struct.pdbx_model_type_details   ? 
# 
_struct_keywords.entry_id        3NDQ 
_struct_keywords.text            'helix bundle, TRANSCRIPTION' 
_struct_keywords.pdbx_keywords   TRANSCRIPTION 
# 
loop_
_struct_asym.id 
_struct_asym.pdbx_blank_PDB_chainid_flag 
_struct_asym.pdbx_modified 
_struct_asym.entity_id 
_struct_asym.details 
A N N 1 ? 
B N N 2 ? 
C N N 2 ? 
D N N 3 ? 
# 
_struct_biol.id        1 
_struct_biol.details   ? 
# 
loop_
_struct_conf.conf_type_id 
_struct_conf.id 
_struct_conf.pdbx_PDB_helix_id 
_struct_conf.beg_label_comp_id 
_struct_conf.beg_label_asym_id 
_struct_conf.beg_label_seq_id 
_struct_conf.pdbx_beg_PDB_ins_code 
_struct_conf.end_label_comp_id 
_struct_conf.end_label_asym_id 
_struct_conf.end_label_seq_id 
_struct_conf.pdbx_end_PDB_ins_code 
_struct_conf.beg_auth_comp_id 
_struct_conf.beg_auth_asym_id 
_struct_conf.beg_auth_seq_id 
_struct_conf.end_auth_comp_id 
_struct_conf.end_auth_asym_id 
_struct_conf.end_auth_seq_id 
_struct_conf.pdbx_PDB_helix_class 
_struct_conf.details 
_struct_conf.pdbx_PDB_helix_length 
HELX_P HELX_P1 1 ASP A 14 ? LEU A 28 ? ASP A 138 LEU A 152 1 ? 15 
HELX_P HELX_P2 2 ARG A 29 ? GLY A 31 ? ARG A 153 GLY A 155 5 ? 3  
HELX_P HELX_P3 3 ASP A 32 ? GLY A 38 ? ASP A 156 GLY A 162 1 ? 7  
HELX_P HELX_P4 4 ASP A 40 ? ARG A 57 ? ASP A 164 ARG A 181 1 ? 18 
HELX_P HELX_P5 5 ASP A 60 ? LYS A 75 ? ASP A 184 LYS A 199 1 ? 16 
HELX_P HELX_P6 6 ASN A 79 ? CYS A 88 ? ASN A 203 CYS A 212 1 ? 10 
HELX_P HELX_P7 7 PRO A 92 ? MET A 99 ? PRO A 216 MET A 223 1 ? 8  
# 
_struct_conf_type.id          HELX_P 
_struct_conf_type.criteria    ? 
_struct_conf_type.reference   ? 
# 
loop_
_struct_conn.id 
_struct_conn.conn_type_id 
_struct_conn.pdbx_leaving_atom_flag 
_struct_conn.pdbx_PDB_id 
_struct_conn.ptnr1_label_asym_id 
_struct_conn.ptnr1_label_comp_id 
_struct_conn.ptnr1_label_seq_id 
_struct_conn.ptnr1_label_atom_id 
_struct_conn.pdbx_ptnr1_label_alt_id 
_struct_conn.pdbx_ptnr1_PDB_ins_code 
_struct_conn.pdbx_ptnr1_standard_comp_id 
_struct_conn.ptnr1_symmetry 
_struct_conn.ptnr2_label_asym_id 
_struct_conn.ptnr2_label_comp_id 
_struct_conn.ptnr2_label_seq_id 
_struct_conn.ptnr2_label_atom_id 
_struct_conn.pdbx_ptnr2_label_alt_id 
_struct_conn.pdbx_ptnr2_PDB_ins_code 
_struct_conn.ptnr1_auth_asym_id 
_struct_conn.ptnr1_auth_comp_id 
_struct_conn.ptnr1_auth_seq_id 
_struct_conn.ptnr2_auth_asym_id 
_struct_conn.ptnr2_auth_comp_id 
_struct_conn.ptnr2_auth_seq_id 
_struct_conn.ptnr2_symmetry 
_struct_conn.pdbx_ptnr3_label_atom_id 
_struct_conn.pdbx_ptnr3_label_seq_id 
_struct_conn.pdbx_ptnr3_label_comp_id 
_struct_conn.pdbx_ptnr3_label_asym_id 
_struct_conn.pdbx_ptnr3_label_alt_id 
_struct_conn.pdbx_ptnr3_PDB_ins_code 
_struct_conn.details 
_struct_conn.pdbx_dist_value 
_struct_conn.pdbx_value_order 
_struct_conn.pdbx_role 
metalc1 metalc ? ? A ALA 77 O  ? ? ? 1_555 B NA  . NA ? ? A ALA 201  A NA  1229 1_555 ? ? ? ? ? ? ? 2.969 ? ? 
metalc2 metalc ? ? B NA  .  NA ? ? ? 1_555 D HOH . O  ? ? A NA  1229 A HOH 1261 1_555 ? ? ? ? ? ? ? 2.854 ? ? 
# 
_struct_conn_type.id          metalc 
_struct_conn_type.criteria    ? 
_struct_conn_type.reference   ? 
# 
loop_
_struct_site.id 
_struct_site.pdbx_evidence_code 
_struct_site.pdbx_auth_asym_id 
_struct_site.pdbx_auth_comp_id 
_struct_site.pdbx_auth_seq_id 
_struct_site.pdbx_auth_ins_code 
_struct_site.pdbx_num_residues 
_struct_site.details 
AC1 Software A NA 1229 ? 4 'BINDING SITE FOR RESIDUE NA A 1229' 
AC2 Software A NA 1230 ? 2 'BINDING SITE FOR RESIDUE NA A 1230' 
# 
loop_
_struct_site_gen.id 
_struct_site_gen.site_id 
_struct_site_gen.pdbx_num_res 
_struct_site_gen.label_comp_id 
_struct_site_gen.label_asym_id 
_struct_site_gen.label_seq_id 
_struct_site_gen.pdbx_auth_ins_code 
_struct_site_gen.auth_comp_id 
_struct_site_gen.auth_asym_id 
_struct_site_gen.auth_seq_id 
_struct_site_gen.label_atom_id 
_struct_site_gen.label_alt_id 
_struct_site_gen.symmetry 
_struct_site_gen.details 
1 AC1 4 ALA A 77 ? ALA A 201  . ? 1_555 ? 
2 AC1 4 ALA A 77 ? ALA A 201  . ? 3_555 ? 
3 AC1 4 HOH D .  ? HOH A 1261 . ? 3_555 ? 
4 AC1 4 HOH D .  ? HOH A 1261 . ? 1_555 ? 
5 AC2 2 SER A 72 ? SER A 196  . ? 1_555 ? 
6 AC2 2 ASN A 73 ? ASN A 197  . ? 1_555 ? 
# 
_atom_sites.entry_id                    3NDQ 
_atom_sites.fract_transf_matrix[1][1]   0.00475787 
_atom_sites.fract_transf_matrix[1][2]   0.01214060 
_atom_sites.fract_transf_matrix[1][3]   -0.01070667 
_atom_sites.fract_transf_matrix[2][1]   0.00541579 
_atom_sites.fract_transf_matrix[2][2]   -0.01142144 
_atom_sites.fract_transf_matrix[2][3]   -0.01054441 
_atom_sites.fract_transf_matrix[3][1]   -0.01454059 
_atom_sites.fract_transf_matrix[3][2]   -0.00045406 
_atom_sites.fract_transf_matrix[3][3]   -0.00697647 
_atom_sites.fract_transf_vector[1]      0.242246 
_atom_sites.fract_transf_vector[2]      -0.315256 
_atom_sites.fract_transf_vector[3]      -0.175748 
# 
loop_
_atom_type.symbol 
C  
N  
NA 
O  
S  
# 
loop_
_atom_site.group_PDB 
_atom_site.id 
_atom_site.type_symbol 
_atom_site.label_atom_id 
_atom_site.label_alt_id 
_atom_site.label_comp_id 
_atom_site.label_asym_id 
_atom_site.label_entity_id 
_atom_site.label_seq_id 
_atom_site.pdbx_PDB_ins_code 
_atom_site.Cartn_x 
_atom_site.Cartn_y 
_atom_site.Cartn_z 
_atom_site.occupancy 
_atom_site.B_iso_or_equiv 
_atom_site.pdbx_formal_charge 
_atom_site.auth_seq_id 
_atom_site.auth_comp_id 
_atom_site.auth_asym_id 
_atom_site.auth_atom_id 
_atom_site.pdbx_PDB_model_num 
ATOM   1   N  N   . ARG A 1 8   ? 11.145  -4.547  -7.840  1.00 32.49 ? 132  ARG A N   1 
ATOM   2   C  CA  . ARG A 1 8   ? 10.845  -3.564  -8.871  1.00 28.30 ? 132  ARG A CA  1 
ATOM   3   C  C   . ARG A 1 8   ? 10.787  -2.133  -8.328  1.00 20.75 ? 132  ARG A C   1 
ATOM   4   O  O   . ARG A 1 8   ? 11.268  -1.213  -8.983  1.00 24.89 ? 132  ARG A O   1 
ATOM   5   C  CB  . ARG A 1 8   ? 9.552   -3.909  -9.613  1.00 32.36 ? 132  ARG A CB  1 
ATOM   6   C  CG  . ARG A 1 8   ? 9.033   -2.776  -10.476 1.00 28.68 ? 132  ARG A CG  1 
ATOM   7   C  CD  . ARG A 1 8   ? 7.898   -3.212  -11.387 1.00 48.17 ? 132  ARG A CD  1 
ATOM   8   N  NE  . ARG A 1 8   ? 8.364   -4.041  -12.497 1.00 44.27 ? 132  ARG A NE  1 
ATOM   9   C  CZ  . ARG A 1 8   ? 8.349   -5.370  -12.490 1.00 48.14 ? 132  ARG A CZ  1 
ATOM   10  N  NH1 . ARG A 1 8   ? 7.892   -6.030  -11.434 1.00 40.84 ? 132  ARG A NH1 1 
ATOM   11  N  NH2 . ARG A 1 8   ? 8.787   -6.047  -13.545 1.00 58.54 ? 132  ARG A NH2 1 
ATOM   12  N  N   . ALA A 1 9   ? 10.199  -1.932  -7.149  1.00 18.68 ? 133  ALA A N   1 
ATOM   13  C  CA  . ALA A 1 9   ? 10.226  -0.602  -6.536  1.00 18.62 ? 133  ALA A CA  1 
ATOM   14  C  C   . ALA A 1 9   ? 11.668  -0.264  -6.169  1.00 15.13 ? 133  ALA A C   1 
ATOM   15  O  O   . ALA A 1 9   ? 12.411  -1.126  -5.699  1.00 14.96 ? 133  ALA A O   1 
ATOM   16  C  CB  . ALA A 1 9   ? 9.346   -0.551  -5.290  1.00 18.85 ? 133  ALA A CB  1 
ATOM   17  N  N   . PRO A 1 10  ? 12.070  0.994   -6.376  1.00 18.38 ? 134  PRO A N   1 
ATOM   18  C  CA  . PRO A 1 10  ? 13.401  1.414   -5.936  1.00 15.25 ? 134  PRO A CA  1 
ATOM   19  C  C   . PRO A 1 10  ? 13.549  1.235   -4.433  1.00 15.82 ? 134  PRO A C   1 
ATOM   20  O  O   . PRO A 1 10  ? 12.566  1.356   -3.695  1.00 15.02 ? 134  PRO A O   1 
ATOM   21  C  CB  . PRO A 1 10  ? 13.414  2.903   -6.276  1.00 15.99 ? 134  PRO A CB  1 
ATOM   22  C  CG  . PRO A 1 10  ? 12.478  3.019   -7.428  1.00 16.94 ? 134  PRO A CG  1 
ATOM   23  C  CD  . PRO A 1 10  ? 11.382  2.055   -7.133  1.00 15.23 ? 134  PRO A CD  1 
ATOM   24  N  N   . SER A 1 11  ? 14.766  0.950   -3.988  1.00 12.26 ? 135  SER A N   1 
ATOM   25  C  CA  . SER A 1 11  ? 15.056  0.892   -2.568  1.00 13.86 ? 135  SER A CA  1 
ATOM   26  C  C   . SER A 1 11  ? 15.047  2.312   -2.019  1.00 10.31 ? 135  SER A C   1 
ATOM   27  O  O   . SER A 1 11  ? 15.036  3.279   -2.783  1.00 11.49 ? 135  SER A O   1 
ATOM   28  C  CB  . SER A 1 11  ? 16.430  0.269   -2.350  1.00 15.49 ? 135  SER A CB  1 
ATOM   29  O  OG  . SER A 1 11  ? 17.424  1.060   -2.981  1.00 14.99 ? 135  SER A OG  1 
ATOM   30  N  N   . THR A 1 12  ? 15.027  2.430   -0.698  1.00 12.72 ? 136  THR A N   1 
ATOM   31  C  CA  . THR A 1 12  ? 15.144  3.723   -0.028  1.00 11.20 ? 136  THR A CA  1 
ATOM   32  C  C   . THR A 1 12  ? 15.999  3.569   1.234   1.00 13.84 ? 136  THR A C   1 
ATOM   33  O  O   . THR A 1 12  ? 16.044  2.492   1.839   1.00 13.29 ? 136  THR A O   1 
ATOM   34  C  CB  . THR A 1 12  ? 13.762  4.306   0.341   1.00 10.58 ? 136  THR A CB  1 
ATOM   35  O  OG1 . THR A 1 12  ? 13.934  5.518   1.090   1.00 11.92 ? 136  THR A OG1 1 
ATOM   36  C  CG2 . THR A 1 12  ? 12.960  3.327   1.192   1.00 9.40  ? 136  THR A CG2 1 
ATOM   37  N  N   . SER A 1 13  ? 16.697  4.633   1.619   1.00 11.14 ? 137  SER A N   1 
ATOM   38  C  CA  . SER A 1 13  ? 17.396  4.654   2.906   1.00 15.09 ? 137  SER A CA  1 
ATOM   39  C  C   . SER A 1 13  ? 16.820  5.727   3.834   1.00 14.54 ? 137  SER A C   1 
ATOM   40  O  O   . SER A 1 13  ? 17.469  6.148   4.787   1.00 14.14 ? 137  SER A O   1 
ATOM   41  C  CB  . SER A 1 13  ? 18.907  4.853   2.721   1.00 14.54 ? 137  SER A CB  1 
ATOM   42  O  OG  . SER A 1 13  ? 19.183  5.997   1.935   1.00 14.33 ? 137  SER A OG  1 
ATOM   43  N  N   . ASP A 1 14  ? 15.591  6.157   3.551   1.00 12.01 ? 138  ASP A N   1 
ATOM   44  C  CA  . ASP A 1 14  ? 14.877  7.124   4.392   1.00 11.61 ? 138  ASP A CA  1 
ATOM   45  C  C   . ASP A 1 14  ? 14.050  6.366   5.427   1.00 15.34 ? 138  ASP A C   1 
ATOM   46  O  O   . ASP A 1 14  ? 13.154  5.603   5.074   1.00 13.46 ? 138  ASP A O   1 
ATOM   47  C  CB  . ASP A 1 14  ? 13.982  8.004   3.508   1.00 12.88 ? 138  ASP A CB  1 
ATOM   48  C  CG  . ASP A 1 14  ? 13.218  9.063   4.291   1.00 20.45 ? 138  ASP A CG  1 
ATOM   49  O  OD1 . ASP A 1 14  ? 12.782  8.787   5.429   1.00 18.48 ? 138  ASP A OD1 1 
ATOM   50  O  OD2 . ASP A 1 14  ? 13.038  10.176  3.750   1.00 23.67 ? 138  ASP A OD2 1 
ATOM   51  N  N   . SER A 1 15  ? 14.356  6.566   6.706   1.00 14.35 ? 139  SER A N   1 
ATOM   52  C  CA  . SER A 1 15  ? 13.762  5.753   7.763   1.00 16.70 ? 139  SER A CA  1 
ATOM   53  C  C   . SER A 1 15  ? 12.246  5.891   7.805   1.00 13.94 ? 139  SER A C   1 
ATOM   54  O  O   . SER A 1 15  ? 11.534  4.922   8.091   1.00 13.63 ? 139  SER A O   1 
ATOM   55  C  CB  . SER A 1 15  ? 14.370  6.083   9.132   1.00 18.56 ? 139  SER A CB  1 
ATOM   56  O  OG  . SER A 1 15  ? 14.071  7.412   9.516   1.00 25.74 ? 139  SER A OG  1 
ATOM   57  N  N   . VAL A 1 16  ? 11.756  7.093   7.518   1.00 13.84 ? 140  VAL A N   1 
ATOM   58  C  CA  . VAL A 1 16  ? 10.318  7.344   7.508   1.00 15.36 ? 140  VAL A CA  1 
ATOM   59  C  C   . VAL A 1 16  ? 9.643   6.556   6.399   1.00 13.71 ? 140  VAL A C   1 
ATOM   60  O  O   . VAL A 1 16  ? 8.603   5.942   6.621   1.00 12.32 ? 140  VAL A O   1 
ATOM   61  C  CB  . VAL A 1 16  ? 9.992   8.848   7.352   1.00 15.70 ? 140  VAL A CB  1 
ATOM   62  C  CG1 . VAL A 1 16  ? 8.498   9.040   7.081   1.00 15.61 ? 140  VAL A CG1 1 
ATOM   63  C  CG2 . VAL A 1 16  ? 10.408  9.606   8.609   1.00 19.80 ? 140  VAL A CG2 1 
ATOM   64  N  N   . ARG A 1 17  ? 10.234  6.586   5.205   1.00 10.53 ? 141  ARG A N   1 
ATOM   65  C  CA  . ARG A 1 17  ? 9.729   5.808   4.075   1.00 10.48 ? 141  ARG A CA  1 
ATOM   66  C  C   . ARG A 1 17  ? 9.773   4.306   4.345   1.00 10.48 ? 141  ARG A C   1 
ATOM   67  O  O   . ARG A 1 17  ? 8.847   3.575   3.989   1.00 6.85  ? 141  ARG A O   1 
ATOM   68  C  CB  . ARG A 1 17  ? 10.515  6.134   2.797   1.00 8.51  ? 141  ARG A CB  1 
ATOM   69  C  CG  . ARG A 1 17  ? 10.406  7.602   2.370   1.00 9.82  ? 141  ARG A CG  1 
ATOM   70  C  CD  . ARG A 1 17  ? 11.051  7.827   1.003   1.00 12.58 ? 141  ARG A CD  1 
ATOM   71  N  NE  . ARG A 1 17  ? 10.458  6.963   -0.009  1.00 11.37 ? 141  ARG A NE  1 
ATOM   72  C  CZ  . ARG A 1 17  ? 11.051  6.619   -1.148  1.00 12.57 ? 141  ARG A CZ  1 
ATOM   73  N  NH1 . ARG A 1 17  ? 12.261  7.082   -1.445  1.00 13.14 ? 141  ARG A NH1 1 
ATOM   74  N  NH2 . ARG A 1 17  ? 10.430  5.814   -1.995  1.00 9.67  ? 141  ARG A NH2 1 
ATOM   75  N  N   . LEU A 1 18  ? 10.852  3.835   4.963   1.00 9.49  ? 142  LEU A N   1 
ATOM   76  C  CA  . LEU A 1 18  ? 10.959  2.411   5.272   1.00 12.10 ? 142  LEU A CA  1 
ATOM   77  C  C   . LEU A 1 18  ? 9.854   1.966   6.229   1.00 10.79 ? 142  LEU A C   1 
ATOM   78  O  O   . LEU A 1 18  ? 9.279   0.888   6.068   1.00 12.56 ? 142  LEU A O   1 
ATOM   79  C  CB  . LEU A 1 18  ? 12.341  2.076   5.847   1.00 13.10 ? 142  LEU A CB  1 
ATOM   80  C  CG  . LEU A 1 18  ? 13.530  2.167   4.885   1.00 12.91 ? 142  LEU A CG  1 
ATOM   81  C  CD1 . LEU A 1 18  ? 14.848  2.192   5.658   1.00 15.23 ? 142  LEU A CD1 1 
ATOM   82  C  CD2 . LEU A 1 18  ? 13.500  1.020   3.868   1.00 12.58 ? 142  LEU A CD2 1 
ATOM   83  N  N   . LYS A 1 19  ? 9.560   2.786   7.231   1.00 10.41 ? 143  LYS A N   1 
ATOM   84  C  CA  . LYS A 1 19  ? 8.510   2.436   8.193   1.00 13.13 ? 143  LYS A CA  1 
ATOM   85  C  C   . LYS A 1 19  ? 7.153   2.386   7.498   1.00 12.93 ? 143  LYS A C   1 
ATOM   86  O  O   . LYS A 1 19  ? 6.324   1.532   7.799   1.00 12.50 ? 143  LYS A O   1 
ATOM   87  C  CB  . LYS A 1 19  ? 8.466   3.442   9.342   1.00 13.16 ? 143  LYS A CB  1 
ATOM   88  C  CG  . LYS A 1 19  ? 7.259   3.294   10.257  1.00 18.85 ? 143  LYS A CG  1 
ATOM   89  C  CD  . LYS A 1 19  ? 7.450   2.137   11.229  1.00 23.39 ? 143  LYS A CD  1 
ATOM   90  C  CE  . LYS A 1 19  ? 6.250   1.986   12.153  1.00 23.58 ? 143  LYS A CE  1 
ATOM   91  N  NZ  . LYS A 1 19  ? 6.557   1.085   13.295  1.00 40.85 ? 143  LYS A NZ  1 
ATOM   92  N  N   . CYS A 1 20  ? 6.925   3.311   6.570   1.00 7.87  ? 144  CYS A N   1 
ATOM   93  C  CA  . CYS A 1 20  ? 5.653   3.357   5.863   1.00 8.38  ? 144  CYS A CA  1 
ATOM   94  C  C   . CYS A 1 20  ? 5.485   2.150   4.946   1.00 9.31  ? 144  CYS A C   1 
ATOM   95  O  O   . CYS A 1 20  ? 4.389   1.614   4.812   1.00 11.18 ? 144  CYS A O   1 
ATOM   96  C  CB  . CYS A 1 20  ? 5.538   4.658   5.074   1.00 6.96  ? 144  CYS A CB  1 
ATOM   97  S  SG  . CYS A 1 20  ? 5.197   6.053   6.164   1.00 17.12 ? 144  CYS A SG  1 
ATOM   98  N  N   . ARG A 1 21  ? 6.574   1.740   4.304   1.00 8.03  ? 145  ARG A N   1 
ATOM   99  C  CA  . ARG A 1 21  ? 6.556   0.528   3.487   1.00 10.00 ? 145  ARG A CA  1 
ATOM   100 C  C   . ARG A 1 21  ? 6.194   -0.683  4.329   1.00 12.01 ? 145  ARG A C   1 
ATOM   101 O  O   . ARG A 1 21  ? 5.378   -1.512  3.924   1.00 12.12 ? 145  ARG A O   1 
ATOM   102 C  CB  . ARG A 1 21  ? 7.906   0.301   2.810   1.00 10.24 ? 145  ARG A CB  1 
ATOM   103 C  CG  . ARG A 1 21  ? 8.206   1.329   1.731   1.00 8.65  ? 145  ARG A CG  1 
ATOM   104 C  CD  . ARG A 1 21  ? 9.472   1.017   0.965   1.00 10.51 ? 145  ARG A CD  1 
ATOM   105 N  NE  . ARG A 1 21  ? 9.584   1.904   -0.199  1.00 12.02 ? 145  ARG A NE  1 
ATOM   106 C  CZ  . ARG A 1 21  ? 10.421  1.714   -1.210  1.00 12.72 ? 145  ARG A CZ  1 
ATOM   107 N  NH1 . ARG A 1 21  ? 11.239  0.662   -1.212  1.00 12.75 ? 145  ARG A NH1 1 
ATOM   108 N  NH2 . ARG A 1 21  ? 10.429  2.573   -2.225  1.00 10.11 ? 145  ARG A NH2 1 
ATOM   109 N  N   A GLU A 1 22  ? 6.811   -0.801  5.502   0.53 12.00 ? 146  GLU A N   1 
ATOM   110 N  N   B GLU A 1 22  ? 6.804   -0.789  5.506   0.47 12.09 ? 146  GLU A N   1 
ATOM   111 C  CA  A GLU A 1 22  ? 6.510   -1.922  6.389   0.53 14.54 ? 146  GLU A CA  1 
ATOM   112 C  CA  B GLU A 1 22  ? 6.524   -1.927  6.372   0.47 14.56 ? 146  GLU A CA  1 
ATOM   113 C  C   A GLU A 1 22  ? 5.061   -1.891  6.873   0.53 12.77 ? 146  GLU A C   1 
ATOM   114 C  C   B GLU A 1 22  ? 5.099   -1.889  6.929   0.47 12.79 ? 146  GLU A C   1 
ATOM   115 O  O   A GLU A 1 22  ? 4.416   -2.932  6.991   0.53 11.42 ? 146  GLU A O   1 
ATOM   116 O  O   B GLU A 1 22  ? 4.493   -2.937  7.146   0.47 11.53 ? 146  GLU A O   1 
ATOM   117 C  CB  A GLU A 1 22  ? 7.472   -1.957  7.579   0.53 17.75 ? 146  GLU A CB  1 
ATOM   118 C  CB  B GLU A 1 22  ? 7.559   -2.064  7.496   0.47 17.80 ? 146  GLU A CB  1 
ATOM   119 C  CG  A GLU A 1 22  ? 8.882   -2.406  7.218   0.53 20.65 ? 146  GLU A CG  1 
ATOM   120 C  CG  B GLU A 1 22  ? 7.450   -1.052  8.616   0.47 18.93 ? 146  GLU A CG  1 
ATOM   121 C  CD  A GLU A 1 22  ? 8.930   -3.799  6.602   0.53 20.60 ? 146  GLU A CD  1 
ATOM   122 C  CD  B GLU A 1 22  ? 8.127   -1.533  9.891   0.47 23.94 ? 146  GLU A CD  1 
ATOM   123 O  OE1 A GLU A 1 22  ? 7.971   -4.580  6.797   0.53 25.06 ? 146  GLU A OE1 1 
ATOM   124 O  OE1 B GLU A 1 22  ? 8.767   -0.714  10.580  0.47 21.70 ? 146  GLU A OE1 1 
ATOM   125 O  OE2 A GLU A 1 22  ? 9.929   -4.116  5.926   0.53 22.90 ? 146  GLU A OE2 1 
ATOM   126 O  OE2 B GLU A 1 22  ? 8.013   -2.737  10.204  0.47 27.06 ? 146  GLU A OE2 1 
ATOM   127 N  N   . MET A 1 23  ? 4.553   -0.694  7.147   1.00 10.63 ? 147  MET A N   1 
ATOM   128 C  CA  A MET A 1 23  ? 3.173   -0.537  7.623   0.60 12.75 ? 147  MET A CA  1 
ATOM   129 C  CA  B MET A 1 23  ? 3.184   -0.611  7.642   0.40 12.71 ? 147  MET A CA  1 
ATOM   130 C  C   . MET A 1 23  ? 2.179   -0.916  6.533   1.00 12.47 ? 147  MET A C   1 
ATOM   131 O  O   . MET A 1 23  ? 1.109   -1.462  6.800   1.00 10.33 ? 147  MET A O   1 
ATOM   132 C  CB  A MET A 1 23  ? 2.899   0.904   8.076   0.60 12.69 ? 147  MET A CB  1 
ATOM   133 C  CB  B MET A 1 23  ? 2.911   0.738   8.308   0.40 12.80 ? 147  MET A CB  1 
ATOM   134 C  CG  A MET A 1 23  ? 3.590   1.331   9.367   0.60 12.96 ? 147  MET A CG  1 
ATOM   135 C  CG  B MET A 1 23  ? 3.806   1.020   9.517   0.40 13.03 ? 147  MET A CG  1 
ATOM   136 S  SD  A MET A 1 23  ? 3.431   3.112   9.663   0.60 20.48 ? 147  MET A SD  1 
ATOM   137 S  SD  B MET A 1 23  ? 3.612   -0.133  10.901  0.40 25.72 ? 147  MET A SD  1 
ATOM   138 C  CE  A MET A 1 23  ? 1.650   3.317   9.638   0.60 20.67 ? 147  MET A CE  1 
ATOM   139 C  CE  B MET A 1 23  ? 4.694   -1.486  10.440  0.40 18.24 ? 147  MET A CE  1 
ATOM   140 N  N   . LEU A 1 24  ? 2.530   -0.597  5.291   1.00 10.28 ? 148  LEU A N   1 
ATOM   141 C  CA  . LEU A 1 24  ? 1.686   -0.954  4.155   1.00 9.42  ? 148  LEU A CA  1 
ATOM   142 C  C   . LEU A 1 24  ? 1.723   -2.461  3.898   1.00 9.84  ? 148  LEU A C   1 
ATOM   143 O  O   . LEU A 1 24  ? 0.698   -3.078  3.596   1.00 6.97  ? 148  LEU A O   1 
ATOM   144 C  CB  . LEU A 1 24  ? 2.133   -0.201  2.900   1.00 6.37  ? 148  LEU A CB  1 
ATOM   145 C  CG  . LEU A 1 24  ? 1.732   1.277   2.832   1.00 8.04  ? 148  LEU A CG  1 
ATOM   146 C  CD1 . LEU A 1 24  ? 2.595   2.022   1.805   1.00 8.90  ? 148  LEU A CD1 1 
ATOM   147 C  CD2 . LEU A 1 24  ? 0.253   1.399   2.472   1.00 12.22 ? 148  LEU A CD2 1 
ATOM   148 N  N   . ALA A 1 25  ? 2.909   -3.049  4.003   1.00 7.91  ? 149  ALA A N   1 
ATOM   149 C  CA  . ALA A 1 25  ? 3.051   -4.499  3.883   1.00 9.26  ? 149  ALA A CA  1 
ATOM   150 C  C   . ALA A 1 25  ? 2.182   -5.210  4.921   1.00 11.18 ? 149  ALA A C   1 
ATOM   151 O  O   . ALA A 1 25  ? 1.537   -6.209  4.624   1.00 11.67 ? 149  ALA A O   1 
ATOM   152 C  CB  . ALA A 1 25  ? 4.513   -4.909  4.044   1.00 10.57 ? 149  ALA A CB  1 
ATOM   153 N  N   . ALA A 1 26  ? 2.180   -4.688  6.140   1.00 10.72 ? 150  ALA A N   1 
ATOM   154 C  CA  . ALA A 1 26  ? 1.410   -5.283  7.228   1.00 12.59 ? 150  ALA A CA  1 
ATOM   155 C  C   . ALA A 1 26  ? -0.091  -5.196  6.950   1.00 12.68 ? 150  ALA A C   1 
ATOM   156 O  O   . ALA A 1 26  ? -0.832  -6.138  7.213   1.00 11.38 ? 150  ALA A O   1 
ATOM   157 C  CB  . ALA A 1 26  ? 1.755   -4.610  8.544   1.00 13.52 ? 150  ALA A CB  1 
ATOM   158 N  N   . ALA A 1 27  ? -0.537  -4.060  6.420   1.00 9.73  ? 151  ALA A N   1 
ATOM   159 C  CA  . ALA A 1 27  ? -1.946  -3.873  6.095   1.00 10.01 ? 151  ALA A CA  1 
ATOM   160 C  C   . ALA A 1 27  ? -2.366  -4.868  5.031   1.00 11.70 ? 151  ALA A C   1 
ATOM   161 O  O   . ALA A 1 27  ? -3.482  -5.396  5.065   1.00 12.36 ? 151  ALA A O   1 
ATOM   162 C  CB  . ALA A 1 27  ? -2.201  -2.462  5.616   1.00 7.18  ? 151  ALA A CB  1 
ATOM   163 N  N   . LEU A 1 28  ? -1.467  -5.114  4.080   1.00 7.93  ? 152  LEU A N   1 
ATOM   164 C  CA  . LEU A 1 28  ? -1.714  -6.080  3.017   1.00 9.84  ? 152  LEU A CA  1 
ATOM   165 C  C   . LEU A 1 28  ? -1.869  -7.520  3.513   1.00 10.99 ? 152  LEU A C   1 
ATOM   166 O  O   . LEU A 1 28  ? -2.352  -8.382  2.772   1.00 9.79  ? 152  LEU A O   1 
ATOM   167 C  CB  . LEU A 1 28  ? -0.595  -6.020  1.979   1.00 7.73  ? 152  LEU A CB  1 
ATOM   168 C  CG  . LEU A 1 28  ? -0.641  -4.807  1.043   1.00 8.07  ? 152  LEU A CG  1 
ATOM   169 C  CD1 . LEU A 1 28  ? 0.661   -4.713  0.252   1.00 10.26 ? 152  LEU A CD1 1 
ATOM   170 C  CD2 . LEU A 1 28  ? -1.856  -4.879  0.106   1.00 9.05  ? 152  LEU A CD2 1 
ATOM   171 N  N   . ARG A 1 29  ? -1.442  -7.782  4.746   1.00 11.43 ? 153  ARG A N   1 
ATOM   172 C  CA  . ARG A 1 29  ? -1.530  -9.128  5.326   1.00 10.50 ? 153  ARG A CA  1 
ATOM   173 C  C   . ARG A 1 29  ? -2.893  -9.418  5.955   1.00 10.97 ? 153  ARG A C   1 
ATOM   174 O  O   . ARG A 1 29  ? -3.148  -10.537 6.405   1.00 12.70 ? 153  ARG A O   1 
ATOM   175 C  CB  . ARG A 1 29  ? -0.433  -9.348  6.384   1.00 10.83 ? 153  ARG A CB  1 
ATOM   176 C  CG  . ARG A 1 29  ? 0.979   -9.252  5.843   1.00 12.24 ? 153  ARG A CG  1 
ATOM   177 C  CD  . ARG A 1 29  ? 2.038   -9.680  6.871   1.00 14.99 ? 153  ARG A CD  1 
ATOM   178 N  NE  . ARG A 1 29  ? 3.346   -9.670  6.234   1.00 15.56 ? 153  ARG A NE  1 
ATOM   179 C  CZ  . ARG A 1 29  ? 4.265   -8.732  6.430   1.00 18.98 ? 153  ARG A CZ  1 
ATOM   180 N  NH1 . ARG A 1 29  ? 4.040   -7.758  7.304   1.00 14.62 ? 153  ARG A NH1 1 
ATOM   181 N  NH2 . ARG A 1 29  ? 5.420   -8.788  5.780   1.00 17.27 ? 153  ARG A NH2 1 
ATOM   182 N  N   . THR A 1 30  ? -3.752  -8.409  5.981   1.00 13.91 ? 154  THR A N   1 
ATOM   183 C  CA  . THR A 1 30  ? -5.064  -8.497  6.614   1.00 14.75 ? 154  THR A CA  1 
ATOM   184 C  C   . THR A 1 30  ? -5.862  -9.712  6.113   1.00 17.31 ? 154  THR A C   1 
ATOM   185 O  O   . THR A 1 30  ? -5.984  -9.934  4.909   1.00 14.22 ? 154  THR A O   1 
ATOM   186 C  CB  . THR A 1 30  ? -5.863  -7.189  6.375   1.00 13.61 ? 154  THR A CB  1 
ATOM   187 O  OG1 . THR A 1 30  ? -5.154  -6.082  6.946   1.00 12.39 ? 154  THR A OG1 1 
ATOM   188 C  CG2 . THR A 1 30  ? -7.264  -7.272  6.977   1.00 14.86 ? 154  THR A CG2 1 
ATOM   189 N  N   . GLY A 1 31  ? -6.393  -10.504 7.044   1.00 18.50 ? 155  GLY A N   1 
ATOM   190 C  CA  . GLY A 1 31  ? -7.205  -11.661 6.692   1.00 17.44 ? 155  GLY A CA  1 
ATOM   191 C  C   . GLY A 1 31  ? -6.432  -12.849 6.144   1.00 16.63 ? 155  GLY A C   1 
ATOM   192 O  O   . GLY A 1 31  ? -7.026  -13.870 5.785   1.00 15.29 ? 155  GLY A O   1 
ATOM   193 N  N   . ASP A 1 32  ? -5.111  -12.715 6.079   1.00 14.37 ? 156  ASP A N   1 
ATOM   194 C  CA  . ASP A 1 32  ? -4.226  -13.744 5.535   1.00 12.47 ? 156  ASP A CA  1 
ATOM   195 C  C   . ASP A 1 32  ? -4.429  -14.073 4.052   1.00 13.80 ? 156  ASP A C   1 
ATOM   196 O  O   . ASP A 1 32  ? -3.900  -15.071 3.565   1.00 14.25 ? 156  ASP A O   1 
ATOM   197 C  CB  . ASP A 1 32  ? -4.327  -15.045 6.356   1.00 18.80 ? 156  ASP A CB  1 
ATOM   198 C  CG  . ASP A 1 32  ? -3.457  -15.029 7.602   1.00 22.30 ? 156  ASP A CG  1 
ATOM   199 O  OD1 . ASP A 1 32  ? -2.660  -14.080 7.779   1.00 19.86 ? 156  ASP A OD1 1 
ATOM   200 O  OD2 . ASP A 1 32  ? -3.562  -15.988 8.398   1.00 19.97 ? 156  ASP A OD2 1 
ATOM   201 N  N   . ASP A 1 33  ? -5.192  -13.257 3.332   1.00 15.01 ? 157  ASP A N   1 
ATOM   202 C  CA  . ASP A 1 33  ? -5.441  -13.524 1.910   1.00 14.20 ? 157  ASP A CA  1 
ATOM   203 C  C   . ASP A 1 33  ? -4.177  -13.565 1.068   1.00 15.93 ? 157  ASP A C   1 
ATOM   204 O  O   . ASP A 1 33  ? -4.102  -14.302 0.079   1.00 15.05 ? 157  ASP A O   1 
ATOM   205 C  CB  . ASP A 1 33  ? -6.412  -12.495 1.334   1.00 16.32 ? 157  ASP A CB  1 
ATOM   206 C  CG  . ASP A 1 33  ? -7.726  -12.489 2.065   1.00 22.27 ? 157  ASP A CG  1 
ATOM   207 O  OD1 . ASP A 1 33  ? -8.281  -13.588 2.274   1.00 21.87 ? 157  ASP A OD1 1 
ATOM   208 O  OD2 . ASP A 1 33  ? -8.184  -11.399 2.454   1.00 23.10 ? 157  ASP A OD2 1 
ATOM   209 N  N   . TYR A 1 34  ? -3.184  -12.775 1.464   1.00 12.96 ? 158  TYR A N   1 
ATOM   210 C  CA  . TYR A 1 34  ? -1.949  -12.655 0.695   1.00 12.46 ? 158  TYR A CA  1 
ATOM   211 C  C   . TYR A 1 34  ? -1.227  -13.988 0.537   1.00 15.97 ? 158  TYR A C   1 
ATOM   212 O  O   . TYR A 1 34  ? -0.536  -14.206 -0.447  1.00 13.04 ? 158  TYR A O   1 
ATOM   213 C  CB  . TYR A 1 34  ? -1.009  -11.641 1.347   1.00 12.66 ? 158  TYR A CB  1 
ATOM   214 C  CG  . TYR A 1 34  ? -0.399  -12.097 2.667   1.00 14.42 ? 158  TYR A CG  1 
ATOM   215 C  CD1 . TYR A 1 34  ? -1.164  -12.158 3.828   1.00 9.96  ? 158  TYR A CD1 1 
ATOM   216 C  CD2 . TYR A 1 34  ? 0.946   -12.434 2.754   1.00 15.29 ? 158  TYR A CD2 1 
ATOM   217 C  CE1 . TYR A 1 34  ? -0.610  -12.559 5.031   1.00 12.14 ? 158  TYR A CE1 1 
ATOM   218 C  CE2 . TYR A 1 34  ? 1.509   -12.834 3.960   1.00 16.40 ? 158  TYR A CE2 1 
ATOM   219 C  CZ  . TYR A 1 34  ? 0.723   -12.895 5.091   1.00 14.47 ? 158  TYR A CZ  1 
ATOM   220 O  OH  . TYR A 1 34  ? 1.270   -13.294 6.293   1.00 13.71 ? 158  TYR A OH  1 
ATOM   221 N  N   . ILE A 1 35  ? -1.373  -14.875 1.513   1.00 11.69 ? 159  ILE A N   1 
ATOM   222 C  CA  . ILE A 1 35  ? -0.633  -16.126 1.471   1.00 14.98 ? 159  ILE A CA  1 
ATOM   223 C  C   . ILE A 1 35  ? -1.136  -17.018 0.335   1.00 17.56 ? 159  ILE A C   1 
ATOM   224 O  O   . ILE A 1 35  ? -0.366  -17.409 -0.539  1.00 19.35 ? 159  ILE A O   1 
ATOM   225 C  CB  . ILE A 1 35  ? -0.700  -16.871 2.819   1.00 16.78 ? 159  ILE A CB  1 
ATOM   226 C  CG1 . ILE A 1 35  ? -0.166  -15.968 3.942   1.00 19.42 ? 159  ILE A CG1 1 
ATOM   227 C  CG2 . ILE A 1 35  ? 0.084   -18.167 2.732   1.00 15.89 ? 159  ILE A CG2 1 
ATOM   228 C  CD1 . ILE A 1 35  ? -0.482  -16.453 5.361   1.00 15.07 ? 159  ILE A CD1 1 
ATOM   229 N  N   . ALA A 1 36  ? -2.432  -17.320 0.345   1.00 17.98 ? 160  ALA A N   1 
ATOM   230 C  CA  . ALA A 1 36  ? -3.028  -18.184 -0.673  1.00 22.97 ? 160  ALA A CA  1 
ATOM   231 C  C   . ALA A 1 36  ? -2.899  -17.611 -2.082  1.00 23.76 ? 160  ALA A C   1 
ATOM   232 O  O   . ALA A 1 36  ? -2.705  -18.359 -3.043  1.00 22.20 ? 160  ALA A O   1 
ATOM   233 C  CB  . ALA A 1 36  ? -4.495  -18.480 -0.344  1.00 26.73 ? 160  ALA A CB  1 
ATOM   234 N  N   . ILE A 1 37  ? -3.016  -16.289 -2.195  1.00 20.96 ? 161  ILE A N   1 
ATOM   235 C  CA  . ILE A 1 37  ? -2.837  -15.579 -3.466  1.00 19.19 ? 161  ILE A CA  1 
ATOM   236 C  C   . ILE A 1 37  ? -1.399  -15.671 -3.977  1.00 17.63 ? 161  ILE A C   1 
ATOM   237 O  O   . ILE A 1 37  ? -1.153  -15.616 -5.183  1.00 21.76 ? 161  ILE A O   1 
ATOM   238 C  CB  . ILE A 1 37  ? -3.272  -14.090 -3.342  1.00 16.53 ? 161  ILE A CB  1 
ATOM   239 C  CG1 . ILE A 1 37  ? -4.790  -14.003 -3.158  1.00 16.49 ? 161  ILE A CG1 1 
ATOM   240 C  CG2 . ILE A 1 37  ? -2.822  -13.266 -4.564  1.00 16.84 ? 161  ILE A CG2 1 
ATOM   241 C  CD1 . ILE A 1 37  ? -5.330  -12.597 -2.933  1.00 18.48 ? 161  ILE A CD1 1 
ATOM   242 N  N   . GLY A 1 38  ? -0.448  -15.818 -3.061  1.00 15.95 ? 162  GLY A N   1 
ATOM   243 C  CA  . GLY A 1 38  ? 0.956   -15.888 -3.426  1.00 15.66 ? 162  GLY A CA  1 
ATOM   244 C  C   . GLY A 1 38  ? 1.575   -14.531 -3.725  1.00 19.25 ? 162  GLY A C   1 
ATOM   245 O  O   . GLY A 1 38  ? 2.556   -14.434 -4.454  1.00 17.18 ? 162  GLY A O   1 
ATOM   246 N  N   . ALA A 1 39  ? 1.015   -13.482 -3.142  1.00 17.80 ? 163  ALA A N   1 
ATOM   247 C  CA  . ALA A 1 39  ? 1.506   -12.132 -3.384  1.00 18.59 ? 163  ALA A CA  1 
ATOM   248 C  C   . ALA A 1 39  ? 2.741   -11.845 -2.540  1.00 21.87 ? 163  ALA A C   1 
ATOM   249 O  O   . ALA A 1 39  ? 2.891   -12.376 -1.432  1.00 14.85 ? 163  ALA A O   1 
ATOM   250 C  CB  . ALA A 1 39  ? 0.410   -11.116 -3.080  1.00 18.36 ? 163  ALA A CB  1 
ATOM   251 N  N   . ASP A 1 40  ? 3.619   -11.005 -3.074  1.00 16.26 ? 164  ASP A N   1 
ATOM   252 C  CA  . ASP A 1 40  ? 4.785   -10.523 -2.345  1.00 14.81 ? 164  ASP A CA  1 
ATOM   253 C  C   . ASP A 1 40  ? 4.370   -9.229  -1.651  1.00 14.19 ? 164  ASP A C   1 
ATOM   254 O  O   . ASP A 1 40  ? 4.466   -8.145  -2.242  1.00 11.96 ? 164  ASP A O   1 
ATOM   255 C  CB  . ASP A 1 40  ? 5.923   -10.248 -3.332  1.00 17.26 ? 164  ASP A CB  1 
ATOM   256 C  CG  . ASP A 1 40  ? 7.235   -9.912  -2.645  1.00 21.50 ? 164  ASP A CG  1 
ATOM   257 O  OD1 . ASP A 1 40  ? 7.225   -9.494  -1.465  1.00 19.87 ? 164  ASP A OD1 1 
ATOM   258 O  OD2 . ASP A 1 40  ? 8.287   -10.059 -3.294  1.00 24.34 ? 164  ASP A OD2 1 
ATOM   259 N  N   . GLU A 1 41  ? 3.901   -9.336  -0.410  1.00 12.35 ? 165  GLU A N   1 
ATOM   260 C  CA  . GLU A 1 41  ? 3.307   -8.189  0.288   1.00 9.44  ? 165  GLU A CA  1 
ATOM   261 C  C   . GLU A 1 41  ? 4.306   -7.068  0.604   1.00 14.48 ? 165  GLU A C   1 
ATOM   262 O  O   . GLU A 1 41  ? 3.932   -5.895  0.647   1.00 13.94 ? 165  GLU A O   1 
ATOM   263 C  CB  . GLU A 1 41  ? 2.552   -8.630  1.552   1.00 11.75 ? 165  GLU A CB  1 
ATOM   264 C  CG  . GLU A 1 41  ? 3.418   -8.982  2.763   1.00 14.87 ? 165  GLU A CG  1 
ATOM   265 C  CD  . GLU A 1 41  ? 4.058   -10.370 2.688   1.00 16.53 ? 165  GLU A CD  1 
ATOM   266 O  OE1 . GLU A 1 41  ? 4.668   -10.784 3.693   1.00 19.65 ? 165  GLU A OE1 1 
ATOM   267 O  OE2 . GLU A 1 41  ? 3.967   -11.045 1.642   1.00 16.63 ? 165  GLU A OE2 1 
ATOM   268 N  N   . GLU A 1 42  ? 5.563   -7.426  0.842   1.00 13.41 ? 166  GLU A N   1 
ATOM   269 C  CA  . GLU A 1 42  ? 6.603   -6.429  1.077   1.00 12.99 ? 166  GLU A CA  1 
ATOM   270 C  C   . GLU A 1 42  ? 6.914   -5.645  -0.203  1.00 13.07 ? 166  GLU A C   1 
ATOM   271 O  O   . GLU A 1 42  ? 7.077   -4.424  -0.170  1.00 12.89 ? 166  GLU A O   1 
ATOM   272 C  CB  . GLU A 1 42  ? 7.873   -7.084  1.635   1.00 18.18 ? 166  GLU A CB  1 
ATOM   273 C  CG  . GLU A 1 42  ? 7.725   -7.629  3.070   1.00 17.18 ? 166  GLU A CG  1 
ATOM   274 C  CD  . GLU A 1 42  ? 7.678   -6.521  4.121   1.00 24.42 ? 166  GLU A CD  1 
ATOM   275 O  OE1 . GLU A 1 42  ? 8.034   -5.363  3.796   1.00 24.79 ? 166  GLU A OE1 1 
ATOM   276 O  OE2 . GLU A 1 42  ? 7.285   -6.807  5.275   1.00 20.77 ? 166  GLU A OE2 1 
ATOM   277 N  N   . GLU A 1 43  ? 6.998   -6.345  -1.329  1.00 11.93 ? 167  GLU A N   1 
ATOM   278 C  CA  . GLU A 1 43  ? 7.237   -5.676  -2.606  1.00 12.02 ? 167  GLU A CA  1 
ATOM   279 C  C   . GLU A 1 43  ? 6.058   -4.795  -2.997  1.00 11.92 ? 167  GLU A C   1 
ATOM   280 O  O   . GLU A 1 43  ? 6.245   -3.678  -3.476  1.00 11.42 ? 167  GLU A O   1 
ATOM   281 C  CB  . GLU A 1 43  ? 7.522   -6.694  -3.714  1.00 16.42 ? 167  GLU A CB  1 
ATOM   282 C  CG  . GLU A 1 43  ? 7.666   -6.074  -5.111  1.00 13.78 ? 167  GLU A CG  1 
ATOM   283 C  CD  . GLU A 1 43  ? 8.749   -4.999  -5.175  1.00 24.31 ? 167  GLU A CD  1 
ATOM   284 O  OE1 . GLU A 1 43  ? 9.736   -5.098  -4.417  1.00 25.17 ? 167  GLU A OE1 1 
ATOM   285 O  OE2 . GLU A 1 43  ? 8.613   -4.056  -5.985  1.00 21.73 ? 167  GLU A OE2 1 
ATOM   286 N  N   . LEU A 1 44  ? 4.841   -5.293  -2.808  1.00 11.51 ? 168  LEU A N   1 
ATOM   287 C  CA  . LEU A 1 44  ? 3.656   -4.488  -3.107  1.00 13.74 ? 168  LEU A CA  1 
ATOM   288 C  C   . LEU A 1 44  ? 3.615   -3.239  -2.218  1.00 10.24 ? 168  LEU A C   1 
ATOM   289 O  O   . LEU A 1 44  ? 3.310   -2.131  -2.679  1.00 11.05 ? 168  LEU A O   1 
ATOM   290 C  CB  . LEU A 1 44  ? 2.379   -5.318  -2.930  1.00 12.35 ? 168  LEU A CB  1 
ATOM   291 C  CG  . LEU A 1 44  ? 2.034   -6.357  -4.002  1.00 17.29 ? 168  LEU A CG  1 
ATOM   292 C  CD1 . LEU A 1 44  ? 0.889   -7.240  -3.519  1.00 13.53 ? 168  LEU A CD1 1 
ATOM   293 C  CD2 . LEU A 1 44  ? 1.677   -5.685  -5.317  1.00 17.40 ? 168  LEU A CD2 1 
ATOM   294 N  N   . GLY A 1 45  ? 3.937   -3.421  -0.944  1.00 9.82  ? 169  GLY A N   1 
ATOM   295 C  CA  . GLY A 1 45  ? 4.010   -2.301  -0.017  1.00 11.24 ? 169  GLY A CA  1 
ATOM   296 C  C   . GLY A 1 45  ? 5.004   -1.241  -0.461  1.00 12.00 ? 169  GLY A C   1 
ATOM   297 O  O   . GLY A 1 45  ? 4.730   -0.037  -0.371  1.00 13.11 ? 169  GLY A O   1 
ATOM   298 N  N   . SER A 1 46  ? 6.165   -1.680  -0.942  1.00 9.48  ? 170  SER A N   1 
ATOM   299 C  CA  . SER A 1 46  ? 7.192   -0.765  -1.450  1.00 11.83 ? 170  SER A CA  1 
ATOM   300 C  C   . SER A 1 46  ? 6.747   -0.038  -2.718  1.00 11.07 ? 170  SER A C   1 
ATOM   301 O  O   . SER A 1 46  ? 7.061   1.138   -2.910  1.00 8.68  ? 170  SER A O   1 
ATOM   302 C  CB  . SER A 1 46  ? 8.490   -1.531  -1.731  1.00 11.81 ? 170  SER A CB  1 
ATOM   303 O  OG  . SER A 1 46  ? 9.017   -2.063  -0.528  1.00 13.58 ? 170  SER A OG  1 
ATOM   304 N  N   . GLN A 1 47  ? 6.023   -0.742  -3.586  1.00 10.16 ? 171  GLN A N   1 
ATOM   305 C  CA  . GLN A 1 47  ? 5.538   -0.147  -4.837  1.00 8.62  ? 171  GLN A CA  1 
ATOM   306 C  C   . GLN A 1 47  ? 4.447   0.887   -4.593  1.00 9.20  ? 171  GLN A C   1 
ATOM   307 O  O   . GLN A 1 47  ? 4.385   1.917   -5.270  1.00 7.75  ? 171  GLN A O   1 
ATOM   308 C  CB  . GLN A 1 47  ? 5.020   -1.235  -5.777  1.00 11.75 ? 171  GLN A CB  1 
ATOM   309 C  CG  . GLN A 1 47  ? 6.127   -2.109  -6.347  1.00 11.67 ? 171  GLN A CG  1 
ATOM   310 C  CD  . GLN A 1 47  ? 5.599   -3.318  -7.081  1.00 20.74 ? 171  GLN A CD  1 
ATOM   311 O  OE1 . GLN A 1 47  ? 4.593   -3.906  -6.689  1.00 18.39 ? 171  GLN A OE1 1 
ATOM   312 N  NE2 . GLN A 1 47  ? 6.274   -3.696  -8.158  1.00 24.85 ? 171  GLN A NE2 1 
ATOM   313 N  N   . ILE A 1 48  ? 3.581   0.604   -3.629  1.00 8.53  ? 172  ILE A N   1 
ATOM   314 C  CA  . ILE A 1 48  ? 2.549   1.550   -3.234  1.00 7.82  ? 172  ILE A CA  1 
ATOM   315 C  C   . ILE A 1 48  ? 3.207   2.808   -2.665  1.00 8.57  ? 172  ILE A C   1 
ATOM   316 O  O   . ILE A 1 48  ? 2.906   3.921   -3.091  1.00 9.34  ? 172  ILE A O   1 
ATOM   317 C  CB  . ILE A 1 48  ? 1.585   0.940   -2.182  1.00 8.63  ? 172  ILE A CB  1 
ATOM   318 C  CG1 . ILE A 1 48  ? 0.758   -0.190  -2.799  1.00 10.95 ? 172  ILE A CG1 1 
ATOM   319 C  CG2 . ILE A 1 48  ? 0.654   2.006   -1.632  1.00 8.43  ? 172  ILE A CG2 1 
ATOM   320 C  CD1 . ILE A 1 48  ? -0.006  -1.040  -1.747  1.00 8.80  ? 172  ILE A CD1 1 
ATOM   321 N  N   . GLU A 1 49  ? 4.127   2.620   -1.721  1.00 8.49  ? 173  GLU A N   1 
ATOM   322 C  CA  . GLU A 1 49  ? 4.817   3.739   -1.083  1.00 10.16 ? 173  GLU A CA  1 
ATOM   323 C  C   . GLU A 1 49  ? 5.597   4.554   -2.113  1.00 9.21  ? 173  GLU A C   1 
ATOM   324 O  O   . GLU A 1 49  ? 5.603   5.773   -2.083  1.00 7.17  ? 173  GLU A O   1 
ATOM   325 C  CB  . GLU A 1 49  ? 5.759   3.233   0.016   1.00 10.43 ? 173  GLU A CB  1 
ATOM   326 C  CG  . GLU A 1 49  ? 6.372   4.343   0.898   1.00 9.77  ? 173  GLU A CG  1 
ATOM   327 C  CD  . GLU A 1 49  ? 7.554   5.025   0.238   1.00 14.89 ? 173  GLU A CD  1 
ATOM   328 O  OE1 . GLU A 1 49  ? 7.801   6.215   0.535   1.00 10.97 ? 173  GLU A OE1 1 
ATOM   329 O  OE2 . GLU A 1 49  ? 8.234   4.373   -0.582  1.00 10.75 ? 173  GLU A OE2 1 
ATOM   330 N  N   . GLU A 1 50  ? 6.263   3.869   -3.028  1.00 7.56  ? 174  GLU A N   1 
ATOM   331 C  CA  . GLU A 1 50  ? 7.023   4.559   -4.069  1.00 6.64  ? 174  GLU A CA  1 
ATOM   332 C  C   . GLU A 1 50  ? 6.144   5.504   -4.874  1.00 6.95  ? 174  GLU A C   1 
ATOM   333 O  O   . GLU A 1 50  ? 6.523   6.646   -5.134  1.00 8.47  ? 174  GLU A O   1 
ATOM   334 C  CB  . GLU A 1 50  ? 7.688   3.546   -5.008  1.00 7.35  ? 174  GLU A CB  1 
ATOM   335 C  CG  . GLU A 1 50  ? 8.500   4.192   -6.127  1.00 11.03 ? 174  GLU A CG  1 
ATOM   336 C  CD  . GLU A 1 50  ? 9.791   4.829   -5.643  1.00 13.38 ? 174  GLU A CD  1 
ATOM   337 O  OE1 . GLU A 1 50  ? 10.251  4.509   -4.529  1.00 13.20 ? 174  GLU A OE1 1 
ATOM   338 O  OE2 . GLU A 1 50  ? 10.354  5.655   -6.390  1.00 15.13 ? 174  GLU A OE2 1 
ATOM   339 N  N   . ALA A 1 51  ? 4.969   5.023   -5.270  1.00 6.95  ? 175  ALA A N   1 
ATOM   340 C  CA  . ALA A 1 51  ? 4.011   5.833   -6.022  1.00 9.75  ? 175  ALA A CA  1 
ATOM   341 C  C   . ALA A 1 51  ? 3.503   7.025   -5.216  1.00 8.29  ? 175  ALA A C   1 
ATOM   342 O  O   . ALA A 1 51  ? 3.317   8.119   -5.751  1.00 7.78  ? 175  ALA A O   1 
ATOM   343 C  CB  . ALA A 1 51  ? 2.838   4.970   -6.479  1.00 9.81  ? 175  ALA A CB  1 
ATOM   344 N  N   . ILE A 1 52  ? 3.275   6.818   -3.928  1.00 7.82  ? 176  ILE A N   1 
ATOM   345 C  CA  . ILE A 1 52  ? 2.899   7.935   -3.060  1.00 6.24  ? 176  ILE A CA  1 
ATOM   346 C  C   . ILE A 1 52  ? 4.020   8.987   -2.983  1.00 9.40  ? 176  ILE A C   1 
ATOM   347 O  O   . ILE A 1 52  ? 3.786   10.180  -3.155  1.00 11.32 ? 176  ILE A O   1 
ATOM   348 C  CB  . ILE A 1 52  ? 2.540   7.445   -1.648  1.00 11.09 ? 176  ILE A CB  1 
ATOM   349 C  CG1 . ILE A 1 52  ? 1.323   6.509   -1.704  1.00 8.52  ? 176  ILE A CG1 1 
ATOM   350 C  CG2 . ILE A 1 52  ? 2.258   8.632   -0.722  1.00 9.57  ? 176  ILE A CG2 1 
ATOM   351 C  CD1 . ILE A 1 52  ? 0.950   5.908   -0.334  1.00 10.86 ? 176  ILE A CD1 1 
ATOM   352 N  N   . TYR A 1 53  ? 5.242   8.536   -2.732  1.00 8.32  ? 177  TYR A N   1 
ATOM   353 C  CA  . TYR A 1 53  ? 6.383   9.445   -2.637  1.00 8.59  ? 177  TYR A CA  1 
ATOM   354 C  C   . TYR A 1 53  ? 6.667   10.180  -3.958  1.00 9.99  ? 177  TYR A C   1 
ATOM   355 O  O   . TYR A 1 53  ? 6.972   11.372  -3.955  1.00 11.17 ? 177  TYR A O   1 
ATOM   356 C  CB  . TYR A 1 53  ? 7.612   8.682   -2.123  1.00 9.71  ? 177  TYR A CB  1 
ATOM   357 C  CG  . TYR A 1 53  ? 8.796   9.550   -1.744  1.00 11.03 ? 177  TYR A CG  1 
ATOM   358 C  CD1 . TYR A 1 53  ? 8.693   10.513  -0.740  1.00 12.19 ? 177  TYR A CD1 1 
ATOM   359 C  CD2 . TYR A 1 53  ? 10.021  9.387   -2.369  1.00 13.76 ? 177  TYR A CD2 1 
ATOM   360 C  CE1 . TYR A 1 53  ? 9.784   11.301  -0.383  1.00 13.28 ? 177  TYR A CE1 1 
ATOM   361 C  CE2 . TYR A 1 53  ? 11.113  10.169  -2.023  1.00 16.28 ? 177  TYR A CE2 1 
ATOM   362 C  CZ  . TYR A 1 53  ? 10.989  11.119  -1.034  1.00 14.26 ? 177  TYR A CZ  1 
ATOM   363 O  OH  . TYR A 1 53  ? 12.079  11.884  -0.698  1.00 16.59 ? 177  TYR A OH  1 
ATOM   364 N  N   . GLN A 1 54  ? 6.559   9.486   -5.085  1.00 9.49  ? 178  GLN A N   1 
ATOM   365 C  CA  . GLN A 1 54  ? 6.762   10.130  -6.389  1.00 11.40 ? 178  GLN A CA  1 
ATOM   366 C  C   . GLN A 1 54  ? 5.780   11.258  -6.662  1.00 13.38 ? 178  GLN A C   1 
ATOM   367 O  O   . GLN A 1 54  ? 6.119   12.230  -7.335  1.00 12.94 ? 178  GLN A O   1 
ATOM   368 C  CB  . GLN A 1 54  ? 6.650   9.113   -7.523  1.00 12.17 ? 178  GLN A CB  1 
ATOM   369 C  CG  . GLN A 1 54  ? 7.760   8.093   -7.563  1.00 16.30 ? 178  GLN A CG  1 
ATOM   370 C  CD  . GLN A 1 54  ? 7.419   6.929   -8.461  1.00 17.37 ? 178  GLN A CD  1 
ATOM   371 O  OE1 . GLN A 1 54  ? 6.243   6.565   -8.610  1.00 19.25 ? 178  GLN A OE1 1 
ATOM   372 N  NE2 . GLN A 1 54  ? 8.440   6.332   -9.065  1.00 13.96 ? 178  GLN A NE2 1 
ATOM   373 N  N   . GLU A 1 55  ? 4.555   11.110  -6.169  1.00 9.91  ? 179  GLU A N   1 
ATOM   374 C  CA  . GLU A 1 55  ? 3.526   12.118  -6.368  1.00 13.39 ? 179  GLU A CA  1 
ATOM   375 C  C   . GLU A 1 55  ? 3.680   13.260  -5.367  1.00 14.40 ? 179  GLU A C   1 
ATOM   376 O  O   . GLU A 1 55  ? 3.655   14.426  -5.740  1.00 15.29 ? 179  GLU A O   1 
ATOM   377 C  CB  . GLU A 1 55  ? 2.117   11.514  -6.256  1.00 13.23 ? 179  GLU A CB  1 
ATOM   378 C  CG  . GLU A 1 55  ? 1.008   12.581  -6.223  1.00 17.05 ? 179  GLU A CG  1 
ATOM   379 C  CD  . GLU A 1 55  ? -0.346  12.039  -5.786  1.00 22.84 ? 179  GLU A CD  1 
ATOM   380 O  OE1 . GLU A 1 55  ? -0.544  10.809  -5.818  1.00 15.78 ? 179  GLU A OE1 1 
ATOM   381 O  OE2 . GLU A 1 55  ? -1.220  12.852  -5.410  1.00 22.55 ? 179  GLU A OE2 1 
ATOM   382 N  N   . ILE A 1 56  ? 3.854   12.925  -4.093  1.00 12.61 ? 180  ILE A N   1 
ATOM   383 C  CA  . ILE A 1 56  ? 3.882   13.948  -3.046  1.00 12.71 ? 180  ILE A CA  1 
ATOM   384 C  C   . ILE A 1 56  ? 5.263   14.581  -2.849  1.00 14.75 ? 180  ILE A C   1 
ATOM   385 O  O   . ILE A 1 56  ? 5.368   15.784  -2.586  1.00 10.72 ? 180  ILE A O   1 
ATOM   386 C  CB  . ILE A 1 56  ? 3.312   13.393  -1.730  1.00 8.57  ? 180  ILE A CB  1 
ATOM   387 C  CG1 . ILE A 1 56  ? 1.835   13.060  -1.941  1.00 11.40 ? 180  ILE A CG1 1 
ATOM   388 C  CG2 . ILE A 1 56  ? 3.447   14.413  -0.604  1.00 12.01 ? 180  ILE A CG2 1 
ATOM   389 C  CD1 . ILE A 1 56  ? 1.140   12.508  -0.711  1.00 20.71 ? 180  ILE A CD1 1 
ATOM   390 N  N   . ARG A 1 57  ? 6.309   13.764  -2.982  1.00 9.50  ? 181  ARG A N   1 
ATOM   391 C  CA  . ARG A 1 57  ? 7.703   14.230  -3.009  1.00 11.40 ? 181  ARG A CA  1 
ATOM   392 C  C   . ARG A 1 57  ? 8.236   14.793  -1.695  1.00 15.29 ? 181  ARG A C   1 
ATOM   393 O  O   . ARG A 1 57  ? 9.165   15.606  -1.683  1.00 11.09 ? 181  ARG A O   1 
ATOM   394 C  CB  . ARG A 1 57  ? 7.920   15.220  -4.165  1.00 12.98 ? 181  ARG A CB  1 
ATOM   395 C  CG  . ARG A 1 57  ? 7.539   14.624  -5.505  1.00 13.44 ? 181  ARG A CG  1 
ATOM   396 C  CD  . ARG A 1 57  ? 8.309   15.247  -6.655  1.00 16.83 ? 181  ARG A CD  1 
ATOM   397 N  NE  . ARG A 1 57  ? 7.911   14.657  -7.934  1.00 16.44 ? 181  ARG A NE  1 
ATOM   398 C  CZ  . ARG A 1 57  ? 8.490   14.933  -9.098  1.00 24.21 ? 181  ARG A CZ  1 
ATOM   399 N  NH1 . ARG A 1 57  ? 9.509   15.784  -9.146  1.00 12.73 ? 181  ARG A NH1 1 
ATOM   400 N  NH2 . ARG A 1 57  ? 8.060   14.353  -10.214 1.00 22.11 ? 181  ARG A NH2 1 
ATOM   401 N  N   . ASN A 1 58  ? 7.645   14.352  -0.589  1.00 13.75 ? 182  ASN A N   1 
ATOM   402 C  CA  . ASN A 1 58  ? 8.185   14.598  0.736   1.00 13.65 ? 182  ASN A CA  1 
ATOM   403 C  C   . ASN A 1 58  ? 7.506   13.618  1.684   1.00 14.25 ? 182  ASN A C   1 
ATOM   404 O  O   . ASN A 1 58  ? 6.592   12.905  1.278   1.00 12.61 ? 182  ASN A O   1 
ATOM   405 C  CB  . ASN A 1 58  ? 7.956   16.049  1.181   1.00 14.32 ? 182  ASN A CB  1 
ATOM   406 C  CG  . ASN A 1 58  ? 6.491   16.411  1.256   1.00 18.54 ? 182  ASN A CG  1 
ATOM   407 O  OD1 . ASN A 1 58  ? 5.754   15.900  2.105   1.00 15.50 ? 182  ASN A OD1 1 
ATOM   408 N  ND2 . ASN A 1 58  ? 6.055   17.294  0.367   1.00 14.41 ? 182  ASN A ND2 1 
ATOM   409 N  N   . THR A 1 59  ? 7.953   13.565  2.932   1.00 13.19 ? 183  THR A N   1 
ATOM   410 C  CA  . THR A 1 59  ? 7.373   12.623  3.882   1.00 9.92  ? 183  THR A CA  1 
ATOM   411 C  C   . THR A 1 59  ? 6.623   13.346  4.990   1.00 15.44 ? 183  THR A C   1 
ATOM   412 O  O   . THR A 1 59  ? 6.531   12.850  6.108   1.00 15.83 ? 183  THR A O   1 
ATOM   413 C  CB  . THR A 1 59  ? 8.455   11.719  4.505   1.00 15.48 ? 183  THR A CB  1 
ATOM   414 O  OG1 . THR A 1 59  ? 9.435   12.529  5.169   1.00 16.37 ? 183  THR A OG1 1 
ATOM   415 C  CG2 . THR A 1 59  ? 9.142   10.898  3.424   1.00 16.48 ? 183  THR A CG2 1 
ATOM   416 N  N   . ASP A 1 60  ? 6.081   14.517  4.676   1.00 13.93 ? 184  ASP A N   1 
ATOM   417 C  CA  . ASP A 1 60  ? 5.408   15.329  5.684   1.00 15.17 ? 184  ASP A CA  1 
ATOM   418 C  C   . ASP A 1 60  ? 3.939   14.945  5.819   1.00 17.79 ? 184  ASP A C   1 
ATOM   419 O  O   . ASP A 1 60  ? 3.557   13.802  5.564   1.00 15.95 ? 184  ASP A O   1 
ATOM   420 C  CB  . ASP A 1 60  ? 5.555   16.818  5.363   1.00 20.83 ? 184  ASP A CB  1 
ATOM   421 C  CG  . ASP A 1 60  ? 7.001   17.258  5.343   1.00 25.42 ? 184  ASP A CG  1 
ATOM   422 O  OD1 . ASP A 1 60  ? 7.770   16.788  6.211   1.00 22.22 ? 184  ASP A OD1 1 
ATOM   423 O  OD2 . ASP A 1 60  ? 7.373   18.053  4.452   1.00 28.53 ? 184  ASP A OD2 1 
ATOM   424 N  N   . MET A 1 61  ? 3.118   15.908  6.208   1.00 17.15 ? 185  MET A N   1 
ATOM   425 C  CA  . MET A 1 61  ? 1.753   15.617  6.632   1.00 21.09 ? 185  MET A CA  1 
ATOM   426 C  C   . MET A 1 61  ? 0.877   14.973  5.557   1.00 15.65 ? 185  MET A C   1 
ATOM   427 O  O   . MET A 1 61  ? 0.148   14.020  5.834   1.00 16.82 ? 185  MET A O   1 
ATOM   428 C  CB  . MET A 1 61  ? 1.096   16.893  7.159   1.00 23.15 ? 185  MET A CB  1 
ATOM   429 C  CG  . MET A 1 61  ? -0.256  16.693  7.787   1.00 27.94 ? 185  MET A CG  1 
ATOM   430 S  SD  . MET A 1 61  ? -0.907  18.288  8.302   1.00 24.07 ? 185  MET A SD  1 
ATOM   431 C  CE  . MET A 1 61  ? -0.918  19.155  6.737   1.00 26.12 ? 185  MET A CE  1 
ATOM   432 N  N   . LYS A 1 62  ? 0.942   15.493  4.338   1.00 12.85 ? 186  LYS A N   1 
ATOM   433 C  CA  . LYS A 1 62  ? 0.122   14.988  3.240   1.00 13.87 ? 186  LYS A CA  1 
ATOM   434 C  C   . LYS A 1 62  ? 0.557   13.571  2.853   1.00 17.43 ? 186  LYS A C   1 
ATOM   435 O  O   . LYS A 1 62  ? -0.261  12.725  2.473   1.00 13.93 ? 186  LYS A O   1 
ATOM   436 C  CB  . LYS A 1 62  ? 0.250   15.919  2.038   1.00 21.87 ? 186  LYS A CB  1 
ATOM   437 C  CG  . LYS A 1 62  ? -0.661  15.620  0.867   1.00 30.18 ? 186  LYS A CG  1 
ATOM   438 C  CD  . LYS A 1 62  ? -0.326  16.558  -0.296  1.00 33.75 ? 186  LYS A CD  1 
ATOM   439 C  CE  . LYS A 1 62  ? -1.227  16.334  -1.500  1.00 39.52 ? 186  LYS A CE  1 
ATOM   440 N  NZ  . LYS A 1 62  ? -0.752  17.081  -2.700  1.00 48.25 ? 186  LYS A NZ  1 
ATOM   441 N  N   . TYR A 1 63  ? 1.859   13.328  2.937   1.00 13.65 ? 187  TYR A N   1 
ATOM   442 C  CA  . TYR A 1 63  ? 2.413   12.013  2.663   1.00 13.09 ? 187  TYR A CA  1 
ATOM   443 C  C   . TYR A 1 63  ? 1.921   11.005  3.705   1.00 13.64 ? 187  TYR A C   1 
ATOM   444 O  O   . TYR A 1 63  ? 1.448   9.930   3.361   1.00 11.75 ? 187  TYR A O   1 
ATOM   445 C  CB  . TYR A 1 63  ? 3.942   12.091  2.663   1.00 13.83 ? 187  TYR A CB  1 
ATOM   446 C  CG  . TYR A 1 63  ? 4.649   10.743  2.667   1.00 13.93 ? 187  TYR A CG  1 
ATOM   447 C  CD1 . TYR A 1 63  ? 4.965   10.099  1.472   1.00 9.59  ? 187  TYR A CD1 1 
ATOM   448 C  CD2 . TYR A 1 63  ? 5.028   10.138  3.865   1.00 11.01 ? 187  TYR A CD2 1 
ATOM   449 C  CE1 . TYR A 1 63  ? 5.621   8.878   1.461   1.00 10.00 ? 187  TYR A CE1 1 
ATOM   450 C  CE2 . TYR A 1 63  ? 5.688   8.911   3.869   1.00 12.49 ? 187  TYR A CE2 1 
ATOM   451 C  CZ  . TYR A 1 63  ? 5.982   8.290   2.667   1.00 11.38 ? 187  TYR A CZ  1 
ATOM   452 O  OH  . TYR A 1 63  ? 6.642   7.081   2.664   1.00 9.83  ? 187  TYR A OH  1 
ATOM   453 N  N   . LYS A 1 64  ? 2.029   11.351  4.981   1.00 11.99 ? 188  LYS A N   1 
ATOM   454 C  CA  . LYS A 1 64  ? 1.592   10.432  6.030   1.00 13.94 ? 188  LYS A CA  1 
ATOM   455 C  C   . LYS A 1 64  ? 0.086   10.185  5.954   1.00 11.89 ? 188  LYS A C   1 
ATOM   456 O  O   . LYS A 1 64  ? -0.366  9.060   6.119   1.00 12.60 ? 188  LYS A O   1 
ATOM   457 C  CB  . LYS A 1 64  ? 2.020   10.923  7.412   1.00 15.51 ? 188  LYS A CB  1 
ATOM   458 C  CG  . LYS A 1 64  ? 3.543   10.997  7.589   1.00 20.71 ? 188  LYS A CG  1 
ATOM   459 C  CD  . LYS A 1 64  ? 3.927   11.261  9.045   1.00 32.54 ? 188  LYS A CD  1 
ATOM   460 C  CE  . LYS A 1 64  ? 5.440   11.403  9.235   1.00 30.98 ? 188  LYS A CE  1 
ATOM   461 N  NZ  . LYS A 1 64  ? 5.958   12.742  8.809   1.00 20.48 ? 188  LYS A NZ  1 
ATOM   462 N  N   . ASN A 1 65  ? -0.685  11.225  5.670   1.00 12.04 ? 189  ASN A N   1 
ATOM   463 C  CA  . ASN A 1 65  ? -2.124  11.071  5.512   1.00 15.26 ? 189  ASN A CA  1 
ATOM   464 C  C   . ASN A 1 65  ? -2.463  10.086  4.398   1.00 15.04 ? 189  ASN A C   1 
ATOM   465 O  O   . ASN A 1 65  ? -3.369  9.263   4.541   1.00 11.67 ? 189  ASN A O   1 
ATOM   466 C  CB  . ASN A 1 65  ? -2.802  12.417  5.239   1.00 15.83 ? 189  ASN A CB  1 
ATOM   467 C  CG  . ASN A 1 65  ? -2.898  13.289  6.484   1.00 21.69 ? 189  ASN A CG  1 
ATOM   468 O  OD1 . ASN A 1 65  ? -2.694  12.818  7.603   1.00 22.83 ? 189  ASN A OD1 1 
ATOM   469 N  ND2 . ASN A 1 65  ? -3.217  14.564  6.292   1.00 28.70 ? 189  ASN A ND2 1 
ATOM   470 N  N   . ARG A 1 66  ? -1.741  10.173  3.284   1.00 11.68 ? 190  ARG A N   1 
ATOM   471 C  CA  . ARG A 1 66  ? -2.023  9.300   2.156   1.00 11.68 ? 190  ARG A CA  1 
ATOM   472 C  C   . ARG A 1 66  ? -1.700  7.861   2.517   1.00 10.06 ? 190  ARG A C   1 
ATOM   473 O  O   . ARG A 1 66  ? -2.461  6.952   2.217   1.00 10.69 ? 190  ARG A O   1 
ATOM   474 C  CB  . ARG A 1 66  ? -1.247  9.745   0.903   1.00 15.03 ? 190  ARG A CB  1 
ATOM   475 C  CG  . ARG A 1 66  ? -1.531  8.902   -0.331  1.00 12.27 ? 190  ARG A CG  1 
ATOM   476 C  CD  . ARG A 1 66  ? -2.913  9.206   -0.919  1.00 14.92 ? 190  ARG A CD  1 
ATOM   477 N  NE  . ARG A 1 66  ? -2.946  10.562  -1.444  1.00 17.86 ? 190  ARG A NE  1 
ATOM   478 C  CZ  . ARG A 1 66  ? -2.444  10.917  -2.624  1.00 18.02 ? 190  ARG A CZ  1 
ATOM   479 N  NH1 . ARG A 1 66  ? -1.897  10.005  -3.419  1.00 13.98 ? 190  ARG A NH1 1 
ATOM   480 N  NH2 . ARG A 1 66  ? -2.503  12.182  -3.014  1.00 17.59 ? 190  ARG A NH2 1 
ATOM   481 N  N   . VAL A 1 67  ? -0.561  7.660   3.168   1.00 10.57 ? 191  VAL A N   1 
ATOM   482 C  CA  . VAL A 1 67  ? -0.178  6.329   3.626   1.00 10.83 ? 191  VAL A CA  1 
ATOM   483 C  C   . VAL A 1 67  ? -1.242  5.773   4.570   1.00 11.36 ? 191  VAL A C   1 
ATOM   484 O  O   . VAL A 1 67  ? -1.656  4.624   4.452   1.00 9.58  ? 191  VAL A O   1 
ATOM   485 C  CB  . VAL A 1 67  ? 1.194   6.364   4.328   1.00 13.03 ? 191  VAL A CB  1 
ATOM   486 C  CG1 . VAL A 1 67  ? 1.456   5.065   5.092   1.00 11.56 ? 191  VAL A CG1 1 
ATOM   487 C  CG2 . VAL A 1 67  ? 2.301   6.648   3.312   1.00 9.34  ? 191  VAL A CG2 1 
ATOM   488 N  N   . ARG A 1 68  ? -1.708  6.601   5.494   1.00 8.48  ? 192  ARG A N   1 
ATOM   489 C  CA  . ARG A 1 68  ? -2.682  6.132   6.478   1.00 11.48 ? 192  ARG A CA  1 
ATOM   490 C  C   . ARG A 1 68  ? -4.020  5.745   5.853   1.00 11.93 ? 192  ARG A C   1 
ATOM   491 O  O   . ARG A 1 68  ? -4.649  4.778   6.287   1.00 13.38 ? 192  ARG A O   1 
ATOM   492 C  CB  . ARG A 1 68  ? -2.893  7.169   7.581   1.00 14.39 ? 192  ARG A CB  1 
ATOM   493 C  CG  . ARG A 1 68  ? -1.789  7.189   8.629   1.00 23.90 ? 192  ARG A CG  1 
ATOM   494 C  CD  . ARG A 1 68  ? -2.236  7.944   9.872   1.00 27.39 ? 192  ARG A CD  1 
ATOM   495 N  NE  . ARG A 1 68  ? -2.822  9.237   9.530   1.00 30.95 ? 192  ARG A NE  1 
ATOM   496 C  CZ  . ARG A 1 68  ? -4.123  9.465   9.382   1.00 39.41 ? 192  ARG A CZ  1 
ATOM   497 N  NH1 . ARG A 1 68  ? -4.998  8.480   9.548   1.00 39.90 ? 192  ARG A NH1 1 
ATOM   498 N  NH2 . ARG A 1 68  ? -4.554  10.683  9.069   1.00 38.22 ? 192  ARG A NH2 1 
ATOM   499 N  N   . SER A 1 69  ? -4.449  6.493   4.842   1.00 10.58 ? 193  SER A N   1 
ATOM   500 C  CA  . SER A 1 69  ? -5.713  6.208   4.165   1.00 10.24 ? 193  SER A CA  1 
ATOM   501 C  C   . SER A 1 69  ? -5.634  4.958   3.276   1.00 13.67 ? 193  SER A C   1 
ATOM   502 O  O   . SER A 1 69  ? -6.622  4.234   3.119   1.00 12.11 ? 193  SER A O   1 
ATOM   503 C  CB  . SER A 1 69  ? -6.208  7.424   3.373   1.00 13.70 ? 193  SER A CB  1 
ATOM   504 O  OG  . SER A 1 69  ? -5.351  7.743   2.288   1.00 15.81 ? 193  SER A OG  1 
ATOM   505 N  N   . ARG A 1 70  ? -4.474  4.700   2.681   1.00 12.11 ? 194  ARG A N   1 
ATOM   506 C  CA  . ARG A 1 70  ? -4.316  3.436   1.965   1.00 7.98  ? 194  ARG A CA  1 
ATOM   507 C  C   . ARG A 1 70  ? -4.387  2.262   2.954   1.00 11.16 ? 194  ARG A C   1 
ATOM   508 O  O   . ARG A 1 70  ? -5.085  1.276   2.718   1.00 12.15 ? 194  ARG A O   1 
ATOM   509 C  CB  . ARG A 1 70  ? -3.013  3.409   1.167   1.00 9.86  ? 194  ARG A CB  1 
ATOM   510 C  CG  . ARG A 1 70  ? -3.184  3.829   -0.293  1.00 11.82 ? 194  ARG A CG  1 
ATOM   511 C  CD  . ARG A 1 70  ? -3.051  5.323   -0.484  1.00 14.96 ? 194  ARG A CD  1 
ATOM   512 N  NE  . ARG A 1 70  ? -4.234  6.079   -0.081  1.00 16.52 ? 194  ARG A NE  1 
ATOM   513 C  CZ  . ARG A 1 70  ? -5.241  6.390   -0.893  1.00 17.92 ? 194  ARG A CZ  1 
ATOM   514 N  NH1 . ARG A 1 70  ? -5.229  5.994   -2.163  1.00 13.02 ? 194  ARG A NH1 1 
ATOM   515 N  NH2 . ARG A 1 70  ? -6.269  7.094   -0.431  1.00 14.96 ? 194  ARG A NH2 1 
ATOM   516 N  N   . ILE A 1 71  ? -3.663  2.383   4.062   1.00 9.71  ? 195  ILE A N   1 
ATOM   517 C  CA  . ILE A 1 71  ? -3.697  1.367   5.118   1.00 11.33 ? 195  ILE A CA  1 
ATOM   518 C  C   . ILE A 1 71  ? -5.108  1.112   5.667   1.00 13.84 ? 195  ILE A C   1 
ATOM   519 O  O   . ILE A 1 71  ? -5.533  -0.038  5.789   1.00 10.66 ? 195  ILE A O   1 
ATOM   520 C  CB  . ILE A 1 71  ? -2.754  1.740   6.276   1.00 13.99 ? 195  ILE A CB  1 
ATOM   521 C  CG1 . ILE A 1 71  ? -1.295  1.572   5.838   1.00 12.96 ? 195  ILE A CG1 1 
ATOM   522 C  CG2 . ILE A 1 71  ? -3.045  0.885   7.505   1.00 15.04 ? 195  ILE A CG2 1 
ATOM   523 C  CD1 . ILE A 1 71  ? -0.305  2.176   6.793   1.00 12.52 ? 195  ILE A CD1 1 
ATOM   524 N  N   . SER A 1 72  ? -5.844  2.172   5.989   1.00 10.26 ? 196  SER A N   1 
ATOM   525 C  CA  . SER A 1 72  ? -7.165  1.990   6.587   1.00 12.99 ? 196  SER A CA  1 
ATOM   526 C  C   . SER A 1 72  ? -8.113  1.255   5.638   1.00 14.11 ? 196  SER A C   1 
ATOM   527 O  O   . SER A 1 72  ? -8.891  0.396   6.063   1.00 16.40 ? 196  SER A O   1 
ATOM   528 C  CB  . SER A 1 72  ? -7.764  3.323   7.055   1.00 14.27 ? 196  SER A CB  1 
ATOM   529 O  OG  . SER A 1 72  ? -8.004  4.189   5.964   1.00 20.43 ? 196  SER A OG  1 
ATOM   530 N  N   . ASN A 1 73  ? -8.022  1.555   4.351   1.00 11.38 ? 197  ASN A N   1 
ATOM   531 C  CA  . ASN A 1 73  ? -8.826  0.851   3.357   1.00 13.85 ? 197  ASN A CA  1 
ATOM   532 C  C   . ASN A 1 73  ? -8.407  -0.598  3.120   1.00 13.84 ? 197  ASN A C   1 
ATOM   533 O  O   . ASN A 1 73  ? -9.253  -1.454  2.880   1.00 15.75 ? 197  ASN A O   1 
ATOM   534 C  CB  . ASN A 1 73  ? -8.871  1.627   2.042   1.00 14.03 ? 197  ASN A CB  1 
ATOM   535 C  CG  . ASN A 1 73  ? -9.761  2.842   2.135   1.00 22.09 ? 197  ASN A CG  1 
ATOM   536 O  OD1 . ASN A 1 73  ? -10.980 2.745   1.968   1.00 21.38 ? 197  ASN A OD1 1 
ATOM   537 N  ND2 . ASN A 1 73  ? -9.168  3.990   2.441   1.00 17.39 ? 197  ASN A ND2 1 
ATOM   538 N  N   . LEU A 1 74  ? -7.106  -0.866  3.185   1.00 11.99 ? 198  LEU A N   1 
ATOM   539 C  CA  . LEU A 1 74  ? -6.598  -2.233  3.081   1.00 10.64 ? 198  LEU A CA  1 
ATOM   540 C  C   . LEU A 1 74  ? -7.056  -3.095  4.253   1.00 12.31 ? 198  LEU A C   1 
ATOM   541 O  O   . LEU A 1 74  ? -7.158  -4.310  4.132   1.00 14.18 ? 198  LEU A O   1 
ATOM   542 C  CB  . LEU A 1 74  ? -5.072  -2.239  3.019   1.00 7.59  ? 198  LEU A CB  1 
ATOM   543 C  CG  . LEU A 1 74  ? -4.449  -1.808  1.687   1.00 10.37 ? 198  LEU A CG  1 
ATOM   544 C  CD1 . LEU A 1 74  ? -2.922  -1.808  1.796   1.00 10.81 ? 198  LEU A CD1 1 
ATOM   545 C  CD2 . LEU A 1 74  ? -4.930  -2.712  0.554   1.00 13.05 ? 198  LEU A CD2 1 
ATOM   546 N  N   . LYS A 1 75  ? -7.310  -2.460  5.389   1.00 12.88 ? 199  LYS A N   1 
ATOM   547 C  CA  . LYS A 1 75  ? -7.675  -3.173  6.614   1.00 13.52 ? 199  LYS A CA  1 
ATOM   548 C  C   . LYS A 1 75  ? -9.188  -3.263  6.818   1.00 19.57 ? 199  LYS A C   1 
ATOM   549 O  O   . LYS A 1 75  ? -9.663  -3.848  7.798   1.00 18.15 ? 199  LYS A O   1 
ATOM   550 C  CB  . LYS A 1 75  ? -7.000  -2.519  7.823   1.00 11.64 ? 199  LYS A CB  1 
ATOM   551 C  CG  . LYS A 1 75  ? -5.480  -2.690  7.807   1.00 12.84 ? 199  LYS A CG  1 
ATOM   552 C  CD  . LYS A 1 75  ? -4.799  -1.998  8.969   1.00 19.52 ? 199  LYS A CD  1 
ATOM   553 C  CE  . LYS A 1 75  ? -5.038  -2.728  10.270  1.00 37.23 ? 199  LYS A CE  1 
ATOM   554 N  NZ  . LYS A 1 75  ? -4.134  -2.214  11.337  1.00 35.47 ? 199  LYS A NZ  1 
ATOM   555 N  N   . ASP A 1 76  ? -9.933  -2.702  5.872   1.00 14.17 ? 200  ASP A N   1 
ATOM   556 C  CA  . ASP A 1 76  ? -11.386 -2.591  5.961   1.00 19.12 ? 200  ASP A CA  1 
ATOM   557 C  C   . ASP A 1 76  ? -12.068 -3.953  5.832   1.00 18.46 ? 200  ASP A C   1 
ATOM   558 O  O   . ASP A 1 76  ? -12.147 -4.506  4.732   1.00 14.35 ? 200  ASP A O   1 
ATOM   559 C  CB  . ASP A 1 76  ? -11.884 -1.662  4.852   1.00 16.38 ? 200  ASP A CB  1 
ATOM   560 C  CG  . ASP A 1 76  ? -13.326 -1.224  5.043   1.00 23.88 ? 200  ASP A CG  1 
ATOM   561 O  OD1 . ASP A 1 76  ? -14.005 -1.741  5.958   1.00 25.09 ? 200  ASP A OD1 1 
ATOM   562 O  OD2 . ASP A 1 76  ? -13.781 -0.361  4.258   1.00 26.92 ? 200  ASP A OD2 1 
ATOM   563 N  N   . ALA A 1 77  ? -12.583 -4.483  6.943   1.00 15.82 ? 201  ALA A N   1 
ATOM   564 C  CA  . ALA A 1 77  ? -13.288 -5.766  6.902   1.00 18.12 ? 201  ALA A CA  1 
ATOM   565 C  C   . ALA A 1 77  ? -14.481 -5.723  5.945   1.00 16.10 ? 201  ALA A C   1 
ATOM   566 O  O   . ALA A 1 77  ? -14.862 -6.737  5.380   1.00 15.83 ? 201  ALA A O   1 
ATOM   567 C  CB  . ALA A 1 77  ? -13.738 -6.196  8.301   1.00 21.45 ? 201  ALA A CB  1 
ATOM   568 N  N   . LYS A 1 78  ? -15.054 -4.546  5.740   1.00 14.54 ? 202  LYS A N   1 
ATOM   569 C  CA  . LYS A 1 78  ? -16.219 -4.437  4.869   1.00 18.00 ? 202  LYS A CA  1 
ATOM   570 C  C   . LYS A 1 78  ? -15.872 -4.415  3.378   1.00 20.93 ? 202  LYS A C   1 
ATOM   571 O  O   . LYS A 1 78  ? -16.760 -4.496  2.535   1.00 19.55 ? 202  LYS A O   1 
ATOM   572 C  CB  . LYS A 1 78  ? -17.047 -3.207  5.239   1.00 23.91 ? 202  LYS A CB  1 
ATOM   573 C  CG  . LYS A 1 78  ? -17.736 -3.345  6.583   1.00 30.41 ? 202  LYS A CG  1 
ATOM   574 C  CD  . LYS A 1 78  ? -18.303 -2.020  7.067   1.00 43.35 ? 202  LYS A CD  1 
ATOM   575 C  CE  . LYS A 1 78  ? -18.819 -2.149  8.499   1.00 54.14 ? 202  LYS A CE  1 
ATOM   576 N  NZ  . LYS A 1 78  ? -19.121 -0.828  9.117   1.00 58.41 ? 202  LYS A NZ  1 
ATOM   577 N  N   . ASN A 1 79  ? -14.585 -4.322  3.057   1.00 18.60 ? 203  ASN A N   1 
ATOM   578 C  CA  . ASN A 1 79  ? -14.165 -4.180  1.662   1.00 16.79 ? 203  ASN A CA  1 
ATOM   579 C  C   . ASN A 1 79  ? -12.983 -5.077  1.294   1.00 16.97 ? 203  ASN A C   1 
ATOM   580 O  O   . ASN A 1 79  ? -11.957 -4.591  0.803   1.00 17.28 ? 203  ASN A O   1 
ATOM   581 C  CB  . ASN A 1 79  ? -13.815 -2.711  1.392   1.00 17.48 ? 203  ASN A CB  1 
ATOM   582 C  CG  . ASN A 1 79  ? -13.742 -2.382  -0.091  1.00 22.70 ? 203  ASN A CG  1 
ATOM   583 O  OD1 . ASN A 1 79  ? -14.038 -3.220  -0.946  1.00 20.58 ? 203  ASN A OD1 1 
ATOM   584 N  ND2 . ASN A 1 79  ? -13.351 -1.146  -0.398  1.00 15.72 ? 203  ASN A ND2 1 
ATOM   585 N  N   . PRO A 1 80  ? -13.114 -6.392  1.524   1.00 13.15 ? 204  PRO A N   1 
ATOM   586 C  CA  . PRO A 1 80  ? -11.988 -7.299  1.300   1.00 14.75 ? 204  PRO A CA  1 
ATOM   587 C  C   . PRO A 1 80  ? -11.551 -7.360  -0.164  1.00 12.21 ? 204  PRO A C   1 
ATOM   588 O  O   . PRO A 1 80  ? -10.392 -7.630  -0.430  1.00 10.56 ? 204  PRO A O   1 
ATOM   589 C  CB  . PRO A 1 80  ? -12.538 -8.666  1.745   1.00 19.30 ? 204  PRO A CB  1 
ATOM   590 C  CG  . PRO A 1 80  ? -14.025 -8.534  1.624   1.00 17.47 ? 204  PRO A CG  1 
ATOM   591 C  CD  . PRO A 1 80  ? -14.308 -7.113  2.016   1.00 15.98 ? 204  PRO A CD  1 
ATOM   592 N  N   . ASN A 1 81  ? -12.459 -7.104  -1.098  1.00 10.80 ? 205  ASN A N   1 
ATOM   593 C  CA  . ASN A 1 81  ? -12.099 -7.193  -2.512  1.00 12.10 ? 205  ASN A CA  1 
ATOM   594 C  C   . ASN A 1 81  ? -11.108 -6.111  -2.937  1.00 10.70 ? 205  ASN A C   1 
ATOM   595 O  O   . ASN A 1 81  ? -10.369 -6.284  -3.905  1.00 11.41 ? 205  ASN A O   1 
ATOM   596 C  CB  . ASN A 1 81  ? -13.339 -7.181  -3.405  1.00 10.36 ? 205  ASN A CB  1 
ATOM   597 C  CG  . ASN A 1 81  ? -14.028 -8.533  -3.469  1.00 12.06 ? 205  ASN A CG  1 
ATOM   598 O  OD1 . ASN A 1 81  ? -15.255 -8.620  -3.564  1.00 14.20 ? 205  ASN A OD1 1 
ATOM   599 N  ND2 . ASN A 1 81  ? -13.244 -9.592  -3.423  1.00 10.08 ? 205  ASN A ND2 1 
ATOM   600 N  N   . LEU A 1 82  ? -11.090 -4.993  -2.217  1.00 12.12 ? 206  LEU A N   1 
ATOM   601 C  CA  . LEU A 1 82  ? -10.126 -3.933  -2.527  1.00 14.55 ? 206  LEU A CA  1 
ATOM   602 C  C   . LEU A 1 82  ? -8.717  -4.465  -2.301  1.00 14.10 ? 206  LEU A C   1 
ATOM   603 O  O   . LEU A 1 82  ? -7.867  -4.433  -3.197  1.00 9.46  ? 206  LEU A O   1 
ATOM   604 C  CB  . LEU A 1 82  ? -10.369 -2.703  -1.654  1.00 14.42 ? 206  LEU A CB  1 
ATOM   605 C  CG  . LEU A 1 82  ? -9.301  -1.617  -1.795  1.00 13.51 ? 206  LEU A CG  1 
ATOM   606 C  CD1 . LEU A 1 82  ? -9.245  -1.064  -3.233  1.00 13.14 ? 206  LEU A CD1 1 
ATOM   607 C  CD2 . LEU A 1 82  ? -9.570  -0.511  -0.794  1.00 16.36 ? 206  LEU A CD2 1 
ATOM   608 N  N   . ARG A 1 83  ? -8.488  -4.989  -1.098  1.00 13.00 ? 207  ARG A N   1 
ATOM   609 C  CA  . ARG A 1 83  ? -7.206  -5.592  -0.768  1.00 11.33 ? 207  ARG A CA  1 
ATOM   610 C  C   . ARG A 1 83  ? -6.846  -6.722  -1.727  1.00 9.18  ? 207  ARG A C   1 
ATOM   611 O  O   . ARG A 1 83  ? -5.720  -6.800  -2.199  1.00 8.77  ? 207  ARG A O   1 
ATOM   612 C  CB  . ARG A 1 83  ? -7.214  -6.118  0.674   1.00 10.87 ? 207  ARG A CB  1 
ATOM   613 C  CG  . ARG A 1 83  ? -5.925  -6.818  1.073   1.00 9.47  ? 207  ARG A CG  1 
ATOM   614 C  CD  . ARG A 1 83  ? -5.939  -7.205  2.542   1.00 13.22 ? 207  ARG A CD  1 
ATOM   615 N  NE  . ARG A 1 83  ? -6.948  -8.228  2.826   1.00 19.91 ? 207  ARG A NE  1 
ATOM   616 C  CZ  . ARG A 1 83  ? -8.132  -7.981  3.372   1.00 16.07 ? 207  ARG A CZ  1 
ATOM   617 N  NH1 . ARG A 1 83  ? -8.465  -6.747  3.707   1.00 20.75 ? 207  ARG A NH1 1 
ATOM   618 N  NH2 . ARG A 1 83  ? -8.985  -8.971  3.598   1.00 18.31 ? 207  ARG A NH2 1 
ATOM   619 N  N   . LYS A 1 84  ? -7.803  -7.598  -2.011  1.00 9.26  ? 208  LYS A N   1 
ATOM   620 C  CA  . LYS A 1 84  ? -7.537  -8.737  -2.878  1.00 10.70 ? 208  LYS A CA  1 
ATOM   621 C  C   . LYS A 1 84  ? -7.174  -8.286  -4.288  1.00 9.63  ? 208  LYS A C   1 
ATOM   622 O  O   . LYS A 1 84  ? -6.320  -8.888  -4.923  1.00 11.90 ? 208  LYS A O   1 
ATOM   623 C  CB  . LYS A 1 84  ? -8.729  -9.699  -2.916  1.00 13.69 ? 208  LYS A CB  1 
ATOM   624 C  CG  . LYS A 1 84  ? -8.994  -10.417 -1.591  1.00 13.35 ? 208  LYS A CG  1 
ATOM   625 C  CD  . LYS A 1 84  ? -10.274 -11.227 -1.681  1.00 16.39 ? 208  LYS A CD  1 
ATOM   626 C  CE  . LYS A 1 84  ? -10.508 -12.040 -0.436  1.00 21.24 ? 208  LYS A CE  1 
ATOM   627 N  NZ  . LYS A 1 84  ? -11.726 -12.875 -0.603  1.00 19.84 ? 208  LYS A NZ  1 
ATOM   628 N  N   . ASN A 1 85  ? -7.825  -7.233  -4.772  1.00 8.56  ? 209  ASN A N   1 
ATOM   629 C  CA  . ASN A 1 85  ? -7.507  -6.696  -6.096  1.00 9.88  ? 209  ASN A CA  1 
ATOM   630 C  C   . ASN A 1 85  ? -6.080  -6.137  -6.182  1.00 11.45 ? 209  ASN A C   1 
ATOM   631 O  O   . ASN A 1 85  ? -5.408  -6.271  -7.210  1.00 12.49 ? 209  ASN A O   1 
ATOM   632 C  CB  . ASN A 1 85  ? -8.542  -5.647  -6.536  1.00 10.81 ? 209  ASN A CB  1 
ATOM   633 C  CG  . ASN A 1 85  ? -9.786  -6.277  -7.161  1.00 11.75 ? 209  ASN A CG  1 
ATOM   634 O  OD1 . ASN A 1 85  ? -10.909 -5.808  -6.960  1.00 17.06 ? 209  ASN A OD1 1 
ATOM   635 N  ND2 . ASN A 1 85  ? -9.585  -7.348  -7.913  1.00 8.24  ? 209  ASN A ND2 1 
ATOM   636 N  N   . VAL A 1 86  ? -5.620  -5.512  -5.104  1.00 8.89  ? 210  VAL A N   1 
ATOM   637 C  CA  . VAL A 1 86  ? -4.237  -5.048  -5.028  1.00 8.06  ? 210  VAL A CA  1 
ATOM   638 C  C   . VAL A 1 86  ? -3.281  -6.240  -4.935  1.00 11.84 ? 210  VAL A C   1 
ATOM   639 O  O   . VAL A 1 86  ? -2.249  -6.277  -5.611  1.00 11.83 ? 210  VAL A O   1 
ATOM   640 C  CB  . VAL A 1 86  ? -4.021  -4.098  -3.833  1.00 10.74 ? 210  VAL A CB  1 
ATOM   641 C  CG1 . VAL A 1 86  ? -2.549  -3.729  -3.698  1.00 8.71  ? 210  VAL A CG1 1 
ATOM   642 C  CG2 . VAL A 1 86  ? -4.880  -2.845  -3.987  1.00 12.01 ? 210  VAL A CG2 1 
ATOM   643 N  N   . LEU A 1 87  ? -3.629  -7.221  -4.105  1.00 8.69  ? 211  LEU A N   1 
ATOM   644 C  CA  . LEU A 1 87  ? -2.787  -8.402  -3.935  1.00 11.79 ? 211  LEU A CA  1 
ATOM   645 C  C   . LEU A 1 87  ? -2.621  -9.194  -5.228  1.00 15.42 ? 211  LEU A C   1 
ATOM   646 O  O   . LEU A 1 87  ? -1.540  -9.717  -5.511  1.00 12.70 ? 211  LEU A O   1 
ATOM   647 C  CB  . LEU A 1 87  ? -3.335  -9.318  -2.831  1.00 10.61 ? 211  LEU A CB  1 
ATOM   648 C  CG  . LEU A 1 87  ? -3.196  -8.821  -1.387  1.00 11.91 ? 211  LEU A CG  1 
ATOM   649 C  CD1 . LEU A 1 87  ? -3.965  -9.710  -0.418  1.00 11.51 ? 211  LEU A CD1 1 
ATOM   650 C  CD2 . LEU A 1 87  ? -1.727  -8.742  -0.973  1.00 11.51 ? 211  LEU A CD2 1 
ATOM   651 N  N   . CYS A 1 88  ? -3.681  -9.286  -6.024  1.00 12.34 ? 212  CYS A N   1 
ATOM   652 C  CA  A CYS A 1 88  ? -3.548  -10.103 -7.223  0.43 16.82 ? 212  CYS A CA  1 
ATOM   653 C  CA  B CYS A 1 88  ? -3.697  -10.068 -7.260  0.57 16.86 ? 212  CYS A CA  1 
ATOM   654 C  C   . CYS A 1 88  ? -3.128  -9.294  -8.447  1.00 16.31 ? 212  CYS A C   1 
ATOM   655 O  O   . CYS A 1 88  ? -2.855  -9.866  -9.503  1.00 20.46 ? 212  CYS A O   1 
ATOM   656 C  CB  A CYS A 1 88  ? -4.801  -10.932 -7.495  0.43 17.52 ? 212  CYS A CB  1 
ATOM   657 C  CB  B CYS A 1 88  ? -5.131  -10.490 -7.600  0.57 16.18 ? 212  CYS A CB  1 
ATOM   658 S  SG  A CYS A 1 88  ? -6.190  -9.981  -8.047  0.43 17.73 ? 212  CYS A SG  1 
ATOM   659 S  SG  B CYS A 1 88  ? -5.934  -11.588 -6.399  0.57 20.01 ? 212  CYS A SG  1 
ATOM   660 N  N   . GLY A 1 89  ? -3.016  -7.978  -8.288  1.00 12.56 ? 213  GLY A N   1 
ATOM   661 C  CA  . GLY A 1 89  ? -2.517  -7.133  -9.355  1.00 15.37 ? 213  GLY A CA  1 
ATOM   662 C  C   . GLY A 1 89  ? -3.586  -6.584  -10.278 1.00 18.46 ? 213  GLY A C   1 
ATOM   663 O  O   . GLY A 1 89  ? -3.267  -5.943  -11.275 1.00 15.46 ? 213  GLY A O   1 
ATOM   664 N  N   . ASN A 1 90  ? -4.856  -6.832  -9.962  1.00 12.37 ? 214  ASN A N   1 
ATOM   665 C  CA  . ASN A 1 90  ? -5.950  -6.237  -10.730 1.00 14.09 ? 214  ASN A CA  1 
ATOM   666 C  C   . ASN A 1 90  ? -5.943  -4.721  -10.633 1.00 16.17 ? 214  ASN A C   1 
ATOM   667 O  O   . ASN A 1 90  ? -6.267  -4.021  -11.593 1.00 15.44 ? 214  ASN A O   1 
ATOM   668 C  CB  . ASN A 1 90  ? -7.300  -6.777  -10.270 1.00 14.38 ? 214  ASN A CB  1 
ATOM   669 C  CG  . ASN A 1 90  ? -7.471  -8.232  -10.593 1.00 21.27 ? 214  ASN A CG  1 
ATOM   670 O  OD1 . ASN A 1 90  ? -6.875  -8.734  -11.544 1.00 20.40 ? 214  ASN A OD1 1 
ATOM   671 N  ND2 . ASN A 1 90  ? -8.286  -8.925  -9.808  1.00 13.99 ? 214  ASN A ND2 1 
ATOM   672 N  N   . ILE A 1 91  ? -5.589  -4.218  -9.457  1.00 13.62 ? 215  ILE A N   1 
ATOM   673 C  CA  . ILE A 1 91  ? -5.354  -2.788  -9.268  1.00 9.19  ? 215  ILE A CA  1 
ATOM   674 C  C   . ILE A 1 91  ? -3.857  -2.596  -9.071  1.00 11.20 ? 215  ILE A C   1 
ATOM   675 O  O   . ILE A 1 91  ? -3.309  -3.045  -8.064  1.00 11.89 ? 215  ILE A O   1 
ATOM   676 C  CB  . ILE A 1 91  ? -6.096  -2.255  -8.016  1.00 13.11 ? 215  ILE A CB  1 
ATOM   677 C  CG1 . ILE A 1 91  ? -7.612  -2.410  -8.175  1.00 11.73 ? 215  ILE A CG1 1 
ATOM   678 C  CG2 . ILE A 1 91  ? -5.742  -0.782  -7.758  1.00 13.93 ? 215  ILE A CG2 1 
ATOM   679 C  CD1 . ILE A 1 91  ? -8.391  -2.023  -6.928  1.00 17.17 ? 215  ILE A CD1 1 
ATOM   680 N  N   . PRO A 1 92  ? -3.181  -1.951  -10.033 1.00 11.34 ? 216  PRO A N   1 
ATOM   681 C  CA  . PRO A 1 92  ? -1.737  -1.736  -9.880  1.00 14.55 ? 216  PRO A CA  1 
ATOM   682 C  C   . PRO A 1 92  ? -1.442  -0.850  -8.679  1.00 10.81 ? 216  PRO A C   1 
ATOM   683 O  O   . PRO A 1 92  ? -2.265  -0.022  -8.317  1.00 11.44 ? 216  PRO A O   1 
ATOM   684 C  CB  . PRO A 1 92  ? -1.347  -1.013  -11.176 1.00 18.26 ? 216  PRO A CB  1 
ATOM   685 C  CG  . PRO A 1 92  ? -2.423  -1.390  -12.155 1.00 21.12 ? 216  PRO A CG  1 
ATOM   686 C  CD  . PRO A 1 92  ? -3.676  -1.473  -11.336 1.00 15.01 ? 216  PRO A CD  1 
ATOM   687 N  N   . PRO A 1 93  ? -0.262  -1.018  -8.071  1.00 13.62 ? 217  PRO A N   1 
ATOM   688 C  CA  . PRO A 1 93  ? 0.071   -0.270  -6.856  1.00 13.52 ? 217  PRO A CA  1 
ATOM   689 C  C   . PRO A 1 93  ? 0.066   1.238   -7.091  1.00 14.48 ? 217  PRO A C   1 
ATOM   690 O  O   . PRO A 1 93  ? -0.328  1.971   -6.195  1.00 12.39 ? 217  PRO A O   1 
ATOM   691 C  CB  . PRO A 1 93  ? 1.494   -0.744  -6.528  1.00 15.88 ? 217  PRO A CB  1 
ATOM   692 C  CG  . PRO A 1 93  ? 1.665   -2.028  -7.270  1.00 14.84 ? 217  PRO A CG  1 
ATOM   693 C  CD  . PRO A 1 93  ? 0.830   -1.906  -8.502  1.00 15.78 ? 217  PRO A CD  1 
ATOM   694 N  N   . ASP A 1 94  ? 0.494   1.702   -8.262  1.00 14.43 ? 218  ASP A N   1 
ATOM   695 C  CA  . ASP A 1 94  ? 0.522   3.147   -8.512  1.00 16.62 ? 218  ASP A CA  1 
ATOM   696 C  C   . ASP A 1 94  ? -0.885  3.739   -8.633  1.00 17.43 ? 218  ASP A C   1 
ATOM   697 O  O   . ASP A 1 94  ? -1.107  4.885   -8.258  1.00 16.18 ? 218  ASP A O   1 
ATOM   698 C  CB  . ASP A 1 94  ? 1.375   3.508   -9.739  1.00 18.06 ? 218  ASP A CB  1 
ATOM   699 C  CG  . ASP A 1 94  ? 0.846   2.901   -11.023 1.00 26.52 ? 218  ASP A CG  1 
ATOM   700 O  OD1 . ASP A 1 94  ? 0.460   1.710   -11.014 1.00 25.90 ? 218  ASP A OD1 1 
ATOM   701 O  OD2 . ASP A 1 94  ? 0.832   3.614   -12.049 1.00 34.45 ? 218  ASP A OD2 1 
ATOM   702 N  N   . LEU A 1 95  ? -1.828  2.958   -9.152  1.00 15.40 ? 219  LEU A N   1 
ATOM   703 C  CA  . LEU A 1 95  ? -3.224  3.389   -9.185  1.00 15.33 ? 219  LEU A CA  1 
ATOM   704 C  C   . LEU A 1 95  ? -3.789  3.431   -7.768  1.00 15.36 ? 219  LEU A C   1 
ATOM   705 O  O   . LEU A 1 95  ? -4.389  4.423   -7.357  1.00 13.98 ? 219  LEU A O   1 
ATOM   706 C  CB  . LEU A 1 95  ? -4.062  2.448   -10.054 1.00 13.86 ? 219  LEU A CB  1 
ATOM   707 C  CG  . LEU A 1 95  ? -5.567  2.714   -10.014 1.00 23.15 ? 219  LEU A CG  1 
ATOM   708 C  CD1 . LEU A 1 95  ? -5.871  4.154   -10.417 1.00 28.73 ? 219  LEU A CD1 1 
ATOM   709 C  CD2 . LEU A 1 95  ? -6.329  1.720   -10.894 1.00 23.31 ? 219  LEU A CD2 1 
ATOM   710 N  N   . PHE A 1 96  ? -3.593  2.349   -7.020  1.00 14.85 ? 220  PHE A N   1 
ATOM   711 C  CA  . PHE A 1 96  ? -4.027  2.310   -5.624  1.00 10.89 ? 220  PHE A CA  1 
ATOM   712 C  C   . PHE A 1 96  ? -3.480  3.484   -4.815  1.00 15.78 ? 220  PHE A C   1 
ATOM   713 O  O   . PHE A 1 96  ? -4.185  4.052   -3.974  1.00 12.43 ? 220  PHE A O   1 
ATOM   714 C  CB  . PHE A 1 96  ? -3.637  0.986   -4.955  1.00 10.45 ? 220  PHE A CB  1 
ATOM   715 C  CG  . PHE A 1 96  ? -4.119  0.874   -3.542  1.00 13.18 ? 220  PHE A CG  1 
ATOM   716 C  CD1 . PHE A 1 96  ? -5.479  0.914   -3.259  1.00 15.07 ? 220  PHE A CD1 1 
ATOM   717 C  CD2 . PHE A 1 96  ? -3.222  0.734   -2.494  1.00 12.19 ? 220  PHE A CD2 1 
ATOM   718 C  CE1 . PHE A 1 96  ? -5.936  0.821   -1.953  1.00 11.95 ? 220  PHE A CE1 1 
ATOM   719 C  CE2 . PHE A 1 96  ? -3.675  0.637   -1.187  1.00 12.60 ? 220  PHE A CE2 1 
ATOM   720 C  CZ  . PHE A 1 96  ? -5.034  0.687   -0.919  1.00 13.33 ? 220  PHE A CZ  1 
ATOM   721 N  N   . ALA A 1 97  ? -2.226  3.855   -5.072  1.00 12.62 ? 221  ALA A N   1 
ATOM   722 C  CA  . ALA A 1 97  ? -1.589  4.965   -4.361  1.00 14.46 ? 221  ALA A CA  1 
ATOM   723 C  C   . ALA A 1 97  ? -2.363  6.271   -4.484  1.00 12.05 ? 221  ALA A C   1 
ATOM   724 O  O   . ALA A 1 97  ? -2.327  7.101   -3.579  1.00 13.98 ? 221  ALA A O   1 
ATOM   725 C  CB  . ALA A 1 97  ? -0.155  5.163   -4.843  1.00 11.35 ? 221  ALA A CB  1 
ATOM   726 N  N   . ARG A 1 98  ? -3.052  6.458   -5.604  1.00 14.35 ? 222  ARG A N   1 
ATOM   727 C  CA  . ARG A 1 98  ? -3.759  7.710   -5.851  1.00 16.24 ? 222  ARG A CA  1 
ATOM   728 C  C   . ARG A 1 98  ? -5.285  7.570   -5.896  1.00 16.51 ? 222  ARG A C   1 
ATOM   729 O  O   . ARG A 1 98  ? -5.985  8.537   -6.187  1.00 17.00 ? 222  ARG A O   1 
ATOM   730 C  CB  . ARG A 1 98  ? -3.271  8.350   -7.155  1.00 16.02 ? 222  ARG A CB  1 
ATOM   731 C  CG  . ARG A 1 98  ? -3.652  7.577   -8.408  1.00 18.39 ? 222  ARG A CG  1 
ATOM   732 C  CD  . ARG A 1 98  ? -3.089  8.240   -9.668  1.00 25.73 ? 222  ARG A CD  1 
ATOM   733 N  NE  . ARG A 1 98  ? -3.345  7.437   -10.862 1.00 27.73 ? 222  ARG A NE  1 
ATOM   734 C  CZ  . ARG A 1 98  ? -2.418  6.732   -11.509 1.00 38.53 ? 222  ARG A CZ  1 
ATOM   735 N  NH1 . ARG A 1 98  ? -1.155  6.733   -11.094 1.00 31.40 ? 222  ARG A NH1 1 
ATOM   736 N  NH2 . ARG A 1 98  ? -2.750  6.030   -12.585 1.00 40.53 ? 222  ARG A NH2 1 
ATOM   737 N  N   . MET A 1 99  ? -5.810  6.382   -5.616  1.00 16.21 ? 223  MET A N   1 
ATOM   738 C  CA  . MET A 1 99  ? -7.261  6.191   -5.648  1.00 16.61 ? 223  MET A CA  1 
ATOM   739 C  C   . MET A 1 99  ? -7.975  7.059   -4.618  1.00 20.37 ? 223  MET A C   1 
ATOM   740 O  O   . MET A 1 99  ? -7.501  7.213   -3.500  1.00 20.68 ? 223  MET A O   1 
ATOM   741 C  CB  . MET A 1 99  ? -7.626  4.721   -5.424  1.00 18.63 ? 223  MET A CB  1 
ATOM   742 C  CG  . MET A 1 99  ? -7.548  3.895   -6.688  1.00 21.06 ? 223  MET A CG  1 
ATOM   743 S  SD  . MET A 1 99  ? -7.827  2.151   -6.366  1.00 25.08 ? 223  MET A SD  1 
ATOM   744 C  CE  . MET A 1 99  ? -9.569  2.100   -5.981  1.00 22.10 ? 223  MET A CE  1 
ATOM   745 N  N   . THR A 1 100 ? -9.113  7.627   -5.013  1.00 23.47 ? 224  THR A N   1 
ATOM   746 C  CA  . THR A 1 100 ? -9.929  8.430   -4.107  1.00 27.96 ? 224  THR A CA  1 
ATOM   747 C  C   . THR A 1 100 ? -10.767 7.506   -3.234  1.00 28.44 ? 224  THR A C   1 
ATOM   748 O  O   . THR A 1 100 ? -10.997 6.353   -3.590  1.00 24.35 ? 224  THR A O   1 
ATOM   749 C  CB  . THR A 1 100 ? -10.893 9.343   -4.880  1.00 25.74 ? 224  THR A CB  1 
ATOM   750 O  OG1 . THR A 1 100 ? -11.854 8.536   -5.578  1.00 29.95 ? 224  THR A OG1 1 
ATOM   751 C  CG2 . THR A 1 100 ? -10.127 10.215  -5.879  1.00 25.67 ? 224  THR A CG2 1 
ATOM   752 N  N   . ALA A 1 101 ? -11.233 8.012   -2.096  1.00 30.40 ? 225  ALA A N   1 
ATOM   753 C  CA  . ALA A 1 101 ? -12.102 7.221   -1.229  1.00 33.54 ? 225  ALA A CA  1 
ATOM   754 C  C   . ALA A 1 101 ? -13.286 6.676   -2.017  1.00 37.49 ? 225  ALA A C   1 
ATOM   755 O  O   . ALA A 1 101 ? -13.661 5.511   -1.867  1.00 43.86 ? 225  ALA A O   1 
ATOM   756 C  CB  . ALA A 1 101 ? -12.578 8.045   -0.062  1.00 37.30 ? 225  ALA A CB  1 
ATOM   757 N  N   . GLU A 1 102 ? -13.869 7.523   -2.860  1.00 31.70 ? 226  GLU A N   1 
ATOM   758 C  CA  . GLU A 1 102 ? -14.978 7.116   -3.709  1.00 39.60 ? 226  GLU A CA  1 
ATOM   759 C  C   . GLU A 1 102 ? -14.604 5.899   -4.556  1.00 37.86 ? 226  GLU A C   1 
ATOM   760 O  O   . GLU A 1 102 ? -15.390 4.955   -4.686  1.00 40.55 ? 226  GLU A O   1 
ATOM   761 C  CB  . GLU A 1 102 ? -15.415 8.282   -4.605  1.00 41.08 ? 226  GLU A CB  1 
ATOM   762 C  CG  . GLU A 1 102 ? -16.784 8.104   -5.251  1.00 53.76 ? 226  GLU A CG  1 
ATOM   763 C  CD  . GLU A 1 102 ? -16.730 7.350   -6.569  1.00 55.08 ? 226  GLU A CD  1 
ATOM   764 O  OE1 . GLU A 1 102 ? -15.623 7.211   -7.138  1.00 57.11 ? 226  GLU A OE1 1 
ATOM   765 O  OE2 . GLU A 1 102 ? -17.800 6.904   -7.042  1.00 53.16 ? 226  GLU A OE2 1 
ATOM   766 N  N   . GLU A 1 103 ? -13.401 5.918   -5.124  1.00 28.06 ? 227  GLU A N   1 
ATOM   767 C  CA  . GLU A 1 103 ? -12.940 4.825   -5.973  1.00 29.73 ? 227  GLU A CA  1 
ATOM   768 C  C   . GLU A 1 103 ? -12.654 3.551   -5.167  1.00 27.22 ? 227  GLU A C   1 
ATOM   769 O  O   . GLU A 1 103 ? -12.745 2.442   -5.693  1.00 32.06 ? 227  GLU A O   1 
ATOM   770 C  CB  . GLU A 1 103 ? -11.717 5.263   -6.795  1.00 29.05 ? 227  GLU A CB  1 
ATOM   771 C  CG  . GLU A 1 103 ? -12.055 6.287   -7.887  1.00 36.09 ? 227  GLU A CG  1 
ATOM   772 C  CD  . GLU A 1 103 ? -10.856 7.120   -8.343  1.00 42.55 ? 227  GLU A CD  1 
ATOM   773 O  OE1 . GLU A 1 103 ? -9.817  7.124   -7.648  1.00 33.17 ? 227  GLU A OE1 1 
ATOM   774 O  OE2 . GLU A 1 103 ? -10.960 7.780   -9.402  1.00 49.88 ? 227  GLU A OE2 1 
ATOM   775 N  N   . MET A 1 104 ? -12.324 3.717   -3.891  1.00 28.55 ? 228  MET A N   1 
ATOM   776 C  CA  . MET A 1 104 ? -12.028 2.587   -3.014  1.00 27.82 ? 228  MET A CA  1 
ATOM   777 C  C   . MET A 1 104 ? -13.292 2.001   -2.389  1.00 40.06 ? 228  MET A C   1 
ATOM   778 O  O   . MET A 1 104 ? -14.395 2.512   -2.597  1.00 40.87 ? 228  MET A O   1 
ATOM   779 C  CB  . MET A 1 104 ? -11.032 2.993   -1.925  1.00 28.21 ? 228  MET A CB  1 
ATOM   780 C  CG  . MET A 1 104 ? -9.604  3.151   -2.429  1.00 21.97 ? 228  MET A CG  1 
ATOM   781 S  SD  . MET A 1 104 ? -8.423  3.640   -1.164  1.00 29.66 ? 228  MET A SD  1 
ATOM   782 C  CE  . MET A 1 104 ? -9.044  5.256   -0.705  1.00 30.63 ? 228  MET A CE  1 
HETATM 783 NA NA  . NA  B 2 .   ? -14.331 -9.657  5.306   0.25 30.18 ? 1229 NA  A NA  1 
HETATM 784 NA NA  . NA  C 2 .   ? -11.657 2.774   5.566   1.00 32.34 ? 1230 NA  A NA  1 
HETATM 785 O  O   . HOH D 3 .   ? -4.056  -10.430 2.905   1.00 10.14 ? 1231 HOH A O   1 
HETATM 786 O  O   . HOH D 3 .   ? 14.872  -0.161  0.646   1.00 14.83 ? 1232 HOH A O   1 
HETATM 787 O  O   . HOH D 3 .   ? -11.760 -3.233  -5.368  1.00 15.89 ? 1233 HOH A O   1 
HETATM 788 O  O   . HOH D 3 .   ? -0.343  -1.309  9.095   1.00 15.76 ? 1234 HOH A O   1 
HETATM 789 O  O   . HOH D 3 .   ? 0.784   -5.592  -8.879  1.00 17.87 ? 1235 HOH A O   1 
HETATM 790 O  O   . HOH D 3 .   ? 0.166   7.129   -8.470  1.00 17.33 ? 1236 HOH A O   1 
HETATM 791 O  O   . HOH D 3 .   ? -4.456  3.976   8.877   1.00 14.73 ? 1237 HOH A O   1 
HETATM 792 O  O   . HOH D 3 .   ? 16.253  6.997   -0.125  1.00 18.14 ? 1238 HOH A O   1 
HETATM 793 O  O   . HOH D 3 .   ? 2.477   -14.772 -0.412  1.00 13.82 ? 1239 HOH A O   1 
HETATM 794 O  O   . HOH D 3 .   ? 5.188   1.960   -7.758  1.00 11.73 ? 1240 HOH A O   1 
HETATM 795 O  O   . HOH D 3 .   ? -5.472  -17.753 8.344   1.00 15.01 ? 1241 HOH A O   1 
HETATM 796 O  O   . HOH D 3 .   ? -16.652 -11.365 -4.093  1.00 19.66 ? 1242 HOH A O   1 
HETATM 797 O  O   . HOH D 3 .   ? -9.436  -3.991  1.699   1.00 16.28 ? 1243 HOH A O   1 
HETATM 798 O  O   . HOH D 3 .   ? -12.643 0.328   1.999   1.00 21.53 ? 1244 HOH A O   1 
HETATM 799 O  O   . HOH D 3 .   ? -1.213  -4.485  -7.270  1.00 12.29 ? 1245 HOH A O   1 
HETATM 800 O  O   . HOH D 3 .   ? -5.595  10.364  2.081   1.00 24.41 ? 1246 HOH A O   1 
HETATM 801 O  O   . HOH D 3 .   ? 3.281   16.055  2.563   1.00 18.75 ? 1247 HOH A O   1 
HETATM 802 O  O   . HOH D 3 .   ? -4.555  -17.663 2.813   1.00 24.72 ? 1248 HOH A O   1 
HETATM 803 O  O   . HOH D 3 .   ? -0.172  -13.299 8.426   1.00 18.21 ? 1249 HOH A O   1 
HETATM 804 O  O   . HOH D 3 .   ? 12.254  -1.035  0.995   1.00 20.38 ? 1250 HOH A O   1 
HETATM 805 O  O   . HOH D 3 .   ? -5.767  1.769   9.969   1.00 20.77 ? 1251 HOH A O   1 
HETATM 806 O  O   . HOH D 3 .   ? 2.088   18.425  4.388   1.00 29.24 ? 1252 HOH A O   1 
HETATM 807 O  O   . HOH D 3 .   ? -13.805 -11.503 -1.750  1.00 20.48 ? 1253 HOH A O   1 
HETATM 808 O  O   . HOH D 3 .   ? 3.909   14.892  9.339   1.00 23.52 ? 1254 HOH A O   1 
HETATM 809 O  O   . HOH D 3 .   ? 12.357  2.907   9.722   1.00 23.76 ? 1255 HOH A O   1 
HETATM 810 O  O   . HOH D 3 .   ? 0.503   8.473   -6.031  1.00 18.29 ? 1256 HOH A O   1 
HETATM 811 O  O   . HOH D 3 .   ? -15.107 -6.305  -0.993  1.00 21.30 ? 1257 HOH A O   1 
HETATM 812 O  O   . HOH D 3 .   ? 7.895   1.166   -8.455  1.00 22.16 ? 1258 HOH A O   1 
HETATM 813 O  O   . HOH D 3 .   ? 6.699   -10.296 1.028   1.00 23.66 ? 1259 HOH A O   1 
HETATM 814 O  O   . HOH D 3 .   ? 2.433   -7.706  9.937   1.00 23.37 ? 1260 HOH A O   1 
HETATM 815 O  O   . HOH D 3 .   ? -11.488 -9.813  5.111   1.00 23.06 ? 1261 HOH A O   1 
HETATM 816 O  O   . HOH D 3 .   ? 5.628   -5.381  7.719   1.00 23.09 ? 1262 HOH A O   1 
HETATM 817 O  O   . HOH D 3 .   ? -9.878  0.213   8.477   1.00 21.41 ? 1263 HOH A O   1 
HETATM 818 O  O   . HOH D 3 .   ? -9.970  -13.734 5.885   1.00 20.66 ? 1264 HOH A O   1 
HETATM 819 O  O   . HOH D 3 .   ? -10.680 -11.955 3.730   1.00 26.36 ? 1265 HOH A O   1 
HETATM 820 O  O   . HOH D 3 .   ? -2.731  13.399  1.529   1.00 25.75 ? 1266 HOH A O   1 
HETATM 821 O  O   . HOH D 3 .   ? 16.735  3.843   -5.147  1.00 20.12 ? 1267 HOH A O   1 
HETATM 822 O  O   . HOH D 3 .   ? 1.892   -2.101  11.208  1.00 27.85 ? 1268 HOH A O   1 
HETATM 823 O  O   . HOH D 3 .   ? 8.613   -3.484  2.011   1.00 20.67 ? 1269 HOH A O   1 
HETATM 824 O  O   . HOH D 3 .   ? 5.212   4.315   -9.348  1.00 20.26 ? 1270 HOH A O   1 
HETATM 825 O  O   . HOH D 3 .   ? -1.713  3.697   9.863   1.00 23.90 ? 1271 HOH A O   1 
HETATM 826 O  O   . HOH D 3 .   ? -6.449  -9.877  9.693   1.00 29.59 ? 1272 HOH A O   1 
HETATM 827 O  O   . HOH D 3 .   ? 3.747   19.353  6.440   1.00 18.59 ? 1273 HOH A O   1 
HETATM 828 O  O   . HOH D 3 .   ? -17.107 -8.620  -0.353  1.00 24.40 ? 1274 HOH A O   1 
HETATM 829 O  O   . HOH D 3 .   ? -13.984 -3.290  -3.815  1.00 22.83 ? 1275 HOH A O   1 
HETATM 830 O  O   . HOH D 3 .   ? 10.901  0.120   9.032   1.00 31.63 ? 1276 HOH A O   1 
HETATM 831 O  O   . HOH D 3 .   ? 13.952  9.243   -0.283  1.00 25.65 ? 1277 HOH A O   1 
HETATM 832 O  O   . HOH D 3 .   ? 16.754  7.655   7.452   1.00 29.09 ? 1278 HOH A O   1 
HETATM 833 O  O   . HOH D 3 .   ? -21.038 1.063   10.653  1.00 24.27 ? 1279 HOH A O   1 
HETATM 834 O  O   . HOH D 3 .   ? -3.906  12.481  -6.627  1.00 31.20 ? 1280 HOH A O   1 
HETATM 835 O  O   . HOH D 3 .   ? 11.941  13.638  1.009   1.00 27.30 ? 1281 HOH A O   1 
HETATM 836 O  O   . HOH D 3 .   ? -0.664  -7.359  9.684   1.00 26.24 ? 1282 HOH A O   1 
HETATM 837 O  O   . HOH D 3 .   ? -8.003  -16.014 3.784   1.00 27.44 ? 1283 HOH A O   1 
HETATM 838 O  O   . HOH D 3 .   ? 10.348  17.585  -2.956  1.00 29.21 ? 1284 HOH A O   1 
HETATM 839 O  O   . HOH D 3 .   ? 8.767   3.046   -9.852  1.00 29.93 ? 1285 HOH A O   1 
HETATM 840 O  O   . HOH D 3 .   ? 2.097   -10.903 10.612  1.00 41.96 ? 1286 HOH A O   1 
HETATM 841 O  O   . HOH D 3 .   ? -0.574  13.372  9.820   1.00 38.77 ? 1287 HOH A O   1 
HETATM 842 O  O   . HOH D 3 .   ? 7.836   18.578  -1.376  1.00 24.76 ? 1288 HOH A O   1 
HETATM 843 O  O   . HOH D 3 .   ? 1.061   -8.279  -9.129  1.00 25.25 ? 1289 HOH A O   1 
HETATM 844 O  O   . HOH D 3 .   ? -16.184 0.757   -1.635  1.00 37.22 ? 1290 HOH A O   1 
HETATM 845 O  O   . HOH D 3 .   ? 0.794   -9.496  -6.740  1.00 24.48 ? 1291 HOH A O   1 
HETATM 846 O  O   . HOH D 3 .   ? 13.701  10.921  1.300   1.00 31.43 ? 1292 HOH A O   1 
HETATM 847 O  O   . HOH D 3 .   ? 4.421   -11.769 9.553   1.00 37.81 ? 1293 HOH A O   1 
HETATM 848 O  O   . HOH D 3 .   ? 9.190   13.491  7.740   1.00 29.77 ? 1294 HOH A O   1 
HETATM 849 O  O   . HOH D 3 .   ? 12.850  -1.611  -2.397  1.00 32.85 ? 1295 HOH A O   1 
HETATM 850 O  O   . HOH D 3 .   ? 10.933  -2.038  3.265   1.00 27.34 ? 1296 HOH A O   1 
HETATM 851 O  O   . HOH D 3 .   ? 9.811   15.472  4.190   1.00 23.09 ? 1297 HOH A O   1 
HETATM 852 O  O   . HOH D 3 .   ? -0.520  -4.778  -11.538 1.00 27.79 ? 1298 HOH A O   1 
HETATM 853 O  O   . HOH D 3 .   ? 11.848  -3.576  -4.442  1.00 33.56 ? 1299 HOH A O   1 
HETATM 854 O  O   . HOH D 3 .   ? 11.659  0.062   -10.983 1.00 38.40 ? 1300 HOH A O   1 
HETATM 855 O  O   . HOH D 3 .   ? 4.644   15.602  -8.207  1.00 29.20 ? 1301 HOH A O   1 
HETATM 856 O  O   . HOH D 3 .   ? -6.336  -15.927 -0.588  1.00 32.91 ? 1302 HOH A O   1 
HETATM 857 O  O   . HOH D 3 .   ? -4.593  11.806  0.569   1.00 27.08 ? 1303 HOH A O   1 
HETATM 858 O  O   . HOH D 3 .   ? 1.580   -4.342  12.247  1.00 31.13 ? 1304 HOH A O   1 
HETATM 859 O  O   . HOH D 3 .   ? -7.621  -1.453  -12.138 1.00 30.31 ? 1305 HOH A O   1 
HETATM 860 O  O   . HOH D 3 .   ? 3.253   -4.456  -9.098  1.00 27.62 ? 1306 HOH A O   1 
HETATM 861 O  O   . HOH D 3 .   ? -11.046 6.316   2.121   1.00 36.01 ? 1307 HOH A O   1 
HETATM 862 O  O   . HOH D 3 .   ? -6.857  7.198   7.176   1.00 27.99 ? 1308 HOH A O   1 
HETATM 863 O  O   . HOH D 3 .   ? -7.144  -17.708 1.789   1.00 26.61 ? 1309 HOH A O   1 
HETATM 864 O  O   . HOH D 3 .   ? -4.030  15.136  3.312   1.00 27.65 ? 1310 HOH A O   1 
HETATM 865 O  O   . HOH D 3 .   ? 10.654  -1.259  5.113   1.00 28.87 ? 1311 HOH A O   1 
HETATM 866 O  O   . HOH D 3 .   ? -13.754 10.487  -2.952  1.00 34.18 ? 1312 HOH A O   1 
HETATM 867 O  O   . HOH D 3 .   ? 12.440  -1.441  7.605   1.00 31.95 ? 1313 HOH A O   1 
HETATM 868 O  O   . HOH D 3 .   ? -0.082  -11.085 9.939   1.00 26.48 ? 1314 HOH A O   1 
HETATM 869 O  O   . HOH D 3 .   ? -3.153  13.998  -0.903  1.00 35.20 ? 1315 HOH A O   1 
HETATM 870 O  O   . HOH D 3 .   ? -3.754  0.407   11.571  1.00 33.95 ? 1316 HOH A O   1 
HETATM 871 O  O   . HOH D 3 .   ? 16.900  0.644   -6.043  1.00 29.61 ? 1317 HOH A O   1 
HETATM 872 O  O   . HOH D 3 .   ? 11.163  -3.510  -1.509  1.00 39.14 ? 1318 HOH A O   1 
HETATM 873 O  O   . HOH D 3 .   ? 2.881   13.988  11.801  1.00 32.88 ? 1319 HOH A O   1 
HETATM 874 O  O   . HOH D 3 .   ? 16.265  -1.454  3.018   1.00 31.73 ? 1320 HOH A O   1 
HETATM 875 O  O   . HOH D 3 .   ? -6.323  -0.366  -14.225 1.00 37.88 ? 1321 HOH A O   1 
HETATM 876 O  O   . HOH D 3 .   ? 5.181   -5.947  -10.459 1.00 41.28 ? 1322 HOH A O   1 
HETATM 877 O  O   . HOH D 3 .   ? 6.209   18.450  -3.605  1.00 34.22 ? 1323 HOH A O   1 
HETATM 878 O  O   . HOH D 3 .   ? -0.968  0.935   10.673  1.00 25.99 ? 1324 HOH A O   1 
HETATM 879 O  O   . HOH D 3 .   ? -1.109  -5.507  11.596  1.00 35.67 ? 1325 HOH A O   1 
HETATM 880 O  O   . HOH D 3 .   ? -11.273 -7.073  4.495   1.00 28.17 ? 1326 HOH A O   1 
HETATM 881 O  O   . HOH D 3 .   ? 11.609  7.310   11.098  1.00 32.25 ? 1327 HOH A O   1 
HETATM 882 O  O   . HOH D 3 .   ? -4.310  17.368  7.208   1.00 38.86 ? 1328 HOH A O   1 
HETATM 883 O  O   . HOH D 3 .   ? -17.984 -9.412  2.258   1.00 41.40 ? 1329 HOH A O   1 
HETATM 884 O  O   . HOH D 3 .   ? 9.925   -8.766  -0.796  1.00 31.37 ? 1330 HOH A O   1 
HETATM 885 O  O   . HOH D 3 .   ? -8.906  6.388   7.095   1.00 40.19 ? 1331 HOH A O   1 
HETATM 886 O  O   . HOH D 3 .   ? -20.075 1.090   8.110   1.00 31.11 ? 1332 HOH A O   1 
HETATM 887 O  O   . HOH D 3 .   ? -4.890  -6.009  9.712   1.00 31.16 ? 1333 HOH A O   1 
HETATM 888 O  O   . HOH D 3 .   ? -16.406 0.486   5.159   1.00 38.59 ? 1334 HOH A O   1 
HETATM 889 O  O   . HOH D 3 .   ? -0.870  15.287  -5.355  1.00 38.21 ? 1335 HOH A O   1 
HETATM 890 O  O   . HOH D 3 .   ? -5.582  5.918   10.685  1.00 34.04 ? 1336 HOH A O   1 
HETATM 891 O  O   . HOH D 3 .   ? 15.108  -1.797  -6.530  1.00 38.46 ? 1337 HOH A O   1 
HETATM 892 O  O   . HOH D 3 .   ? -1.188  10.699  9.220   1.00 34.89 ? 1338 HOH A O   1 
HETATM 893 O  O   . HOH D 3 .   ? -12.894 -12.687 2.509   0.25 28.45 ? 1339 HOH A O   1 
HETATM 894 O  O   . HOH D 3 .   ? 3.599   19.947  -2.563  1.00 26.54 ? 1340 HOH A O   1 
HETATM 895 O  O   . HOH D 3 .   ? -7.619  7.946   -9.061  1.00 35.20 ? 1341 HOH A O   1 
HETATM 896 O  O   . HOH D 3 .   ? -9.938  -15.164 0.657   1.00 34.91 ? 1342 HOH A O   1 
HETATM 897 O  O   . HOH D 3 .   ? -0.778  -20.315 -3.511  1.00 39.67 ? 1343 HOH A O   1 
HETATM 898 O  O   . HOH D 3 .   ? 11.449  16.160  -0.007  1.00 36.98 ? 1344 HOH A O   1 
HETATM 899 O  O   . HOH D 3 .   ? 3.352   17.475  -2.705  1.00 35.85 ? 1345 HOH A O   1 
HETATM 900 O  O   . HOH D 3 .   ? 15.133  -1.016  7.963   1.00 33.86 ? 1346 HOH A O   1 
HETATM 901 O  O   . HOH D 3 .   ? -4.162  -2.427  -14.703 1.00 46.84 ? 1347 HOH A O   1 
HETATM 902 O  O   . HOH D 3 .   ? 15.900  -1.837  5.510   1.00 38.34 ? 1348 HOH A O   1 
HETATM 903 O  O   . HOH D 3 .   ? 5.578   -4.882  10.584  1.00 31.04 ? 1349 HOH A O   1 
HETATM 904 O  O   . HOH D 3 .   ? 17.790  7.247   10.087  1.00 42.05 ? 1350 HOH A O   1 
HETATM 905 O  O   . HOH D 3 .   ? 14.859  2.603   10.325  1.00 35.09 ? 1351 HOH A O   1 
HETATM 906 O  O   . HOH D 3 .   ? -12.926 4.529   0.816   1.00 35.57 ? 1352 HOH A O   1 
HETATM 907 O  O   . HOH D 3 .   ? -8.764  2.596   9.981   1.00 39.63 ? 1353 HOH A O   1 
HETATM 908 O  O   . HOH D 3 .   ? -4.720  -19.541 -4.907  1.00 46.95 ? 1354 HOH A O   1 
HETATM 909 O  O   . HOH D 3 .   ? 4.069   -5.988  11.235  1.00 40.43 ? 1355 HOH A O   1 
HETATM 910 O  O   . HOH D 3 .   ? 5.774   -5.897  -12.902 1.00 44.26 ? 1356 HOH A O   1 
HETATM 911 O  O   . HOH D 3 .   ? -1.222  -3.874  10.416  1.00 33.64 ? 1357 HOH A O   1 
HETATM 912 O  O   . HOH D 3 .   ? 17.042  9.993   3.500   1.00 33.48 ? 1358 HOH A O   1 
HETATM 913 O  O   . HOH D 3 .   ? 0.802   9.410   10.639  1.00 37.15 ? 1359 HOH A O   1 
HETATM 914 O  O   . HOH D 3 .   ? 19.405  8.691   2.351   1.00 38.82 ? 1360 HOH A O   1 
HETATM 915 O  O   . HOH D 3 .   ? -0.585  14.334  -9.374  1.00 38.45 ? 1361 HOH A O   1 
HETATM 916 O  O   . HOH D 3 .   ? 14.208  -5.379  -4.755  1.00 41.93 ? 1362 HOH A O   1 
HETATM 917 O  O   . HOH D 3 .   ? -19.626 4.940   -6.832  1.00 39.67 ? 1363 HOH A O   1 
HETATM 918 O  O   . HOH D 3 .   ? 1.368   15.439  -8.440  1.00 36.99 ? 1364 HOH A O   1 
HETATM 919 O  O   . HOH D 3 .   ? -7.874  0.260   10.494  1.00 38.32 ? 1365 HOH A O   1 
HETATM 920 O  O   . HOH D 3 .   ? 11.955  12.104  4.977   1.00 32.33 ? 1366 HOH A O   1 
HETATM 921 O  O   . HOH D 3 .   ? 2.484   0.433   -10.007 1.00 29.10 ? 1367 HOH A O   1 
HETATM 922 O  O   . HOH D 3 .   ? 3.558   10.793  -9.491  1.00 30.18 ? 1368 HOH A O   1 
HETATM 923 O  O   . HOH D 3 .   ? -0.958  10.375  13.289  1.00 40.39 ? 1369 HOH A O   1 
HETATM 924 O  O   . HOH D 3 .   ? -1.104  7.295   12.982  1.00 44.09 ? 1370 HOH A O   1 
HETATM 925 O  O   . HOH D 3 .   ? 5.607   12.575  -10.252 1.00 29.58 ? 1371 HOH A O   1 
HETATM 926 O  O   . HOH D 3 .   ? 2.848   8.413   -8.616  1.00 30.93 ? 1372 HOH A O   1 
HETATM 927 O  O   . HOH D 3 .   ? 20.252  8.362   4.306   1.00 38.36 ? 1373 HOH A O   1 
HETATM 928 O  O   . HOH D 3 .   ? -5.565  9.687   6.116   1.00 25.41 ? 1374 HOH A O   1 
HETATM 929 O  O   . HOH D 3 .   ? -11.050 -8.304  7.458   1.00 39.94 ? 1375 HOH A O   1 
HETATM 930 O  O   . HOH D 3 .   ? -6.479  -17.613 -3.149  1.00 38.96 ? 1376 HOH A O   1 
HETATM 931 O  O   . HOH D 3 .   ? -11.757 10.414  -9.635  1.00 42.31 ? 1377 HOH A O   1 
HETATM 932 O  O   . HOH D 3 .   ? 16.314  4.436   -7.691  1.00 33.35 ? 1378 HOH A O   1 
HETATM 933 O  O   . HOH D 3 .   ? 8.187   -11.268 3.388   1.00 44.02 ? 1379 HOH A O   1 
# 
loop_
_pdbx_poly_seq_scheme.asym_id 
_pdbx_poly_seq_scheme.entity_id 
_pdbx_poly_seq_scheme.seq_id 
_pdbx_poly_seq_scheme.mon_id 
_pdbx_poly_seq_scheme.ndb_seq_num 
_pdbx_poly_seq_scheme.pdb_seq_num 
_pdbx_poly_seq_scheme.auth_seq_num 
_pdbx_poly_seq_scheme.pdb_mon_id 
_pdbx_poly_seq_scheme.auth_mon_id 
_pdbx_poly_seq_scheme.pdb_strand_id 
_pdbx_poly_seq_scheme.pdb_ins_code 
_pdbx_poly_seq_scheme.hetero 
A 1 1   GLY 1   125 ?   ?   ?   A . n 
A 1 2   ILE 2   126 ?   ?   ?   A . n 
A 1 3   ASP 3   127 ?   ?   ?   A . n 
A 1 4   PRO 4   128 ?   ?   ?   A . n 
A 1 5   PHE 5   129 ?   ?   ?   A . n 
A 1 6   THR 6   130 ?   ?   ?   A . n 
A 1 7   PRO 7   131 ?   ?   ?   A . n 
A 1 8   ARG 8   132 132 ARG ARG A . n 
A 1 9   ALA 9   133 133 ALA ALA A . n 
A 1 10  PRO 10  134 134 PRO PRO A . n 
A 1 11  SER 11  135 135 SER SER A . n 
A 1 12  THR 12  136 136 THR THR A . n 
A 1 13  SER 13  137 137 SER SER A . n 
A 1 14  ASP 14  138 138 ASP ASP A . n 
A 1 15  SER 15  139 139 SER SER A . n 
A 1 16  VAL 16  140 140 VAL VAL A . n 
A 1 17  ARG 17  141 141 ARG ARG A . n 
A 1 18  LEU 18  142 142 LEU LEU A . n 
A 1 19  LYS 19  143 143 LYS LYS A . n 
A 1 20  CYS 20  144 144 CYS CYS A . n 
A 1 21  ARG 21  145 145 ARG ARG A . n 
A 1 22  GLU 22  146 146 GLU GLU A . n 
A 1 23  MET 23  147 147 MET MET A . n 
A 1 24  LEU 24  148 148 LEU LEU A . n 
A 1 25  ALA 25  149 149 ALA ALA A . n 
A 1 26  ALA 26  150 150 ALA ALA A . n 
A 1 27  ALA 27  151 151 ALA ALA A . n 
A 1 28  LEU 28  152 152 LEU LEU A . n 
A 1 29  ARG 29  153 153 ARG ARG A . n 
A 1 30  THR 30  154 154 THR THR A . n 
A 1 31  GLY 31  155 155 GLY GLY A . n 
A 1 32  ASP 32  156 156 ASP ASP A . n 
A 1 33  ASP 33  157 157 ASP ASP A . n 
A 1 34  TYR 34  158 158 TYR TYR A . n 
A 1 35  ILE 35  159 159 ILE ILE A . n 
A 1 36  ALA 36  160 160 ALA ALA A . n 
A 1 37  ILE 37  161 161 ILE ILE A . n 
A 1 38  GLY 38  162 162 GLY GLY A . n 
A 1 39  ALA 39  163 163 ALA ALA A . n 
A 1 40  ASP 40  164 164 ASP ASP A . n 
A 1 41  GLU 41  165 165 GLU GLU A . n 
A 1 42  GLU 42  166 166 GLU GLU A . n 
A 1 43  GLU 43  167 167 GLU GLU A . n 
A 1 44  LEU 44  168 168 LEU LEU A . n 
A 1 45  GLY 45  169 169 GLY GLY A . n 
A 1 46  SER 46  170 170 SER SER A . n 
A 1 47  GLN 47  171 171 GLN GLN A . n 
A 1 48  ILE 48  172 172 ILE ILE A . n 
A 1 49  GLU 49  173 173 GLU GLU A . n 
A 1 50  GLU 50  174 174 GLU GLU A . n 
A 1 51  ALA 51  175 175 ALA ALA A . n 
A 1 52  ILE 52  176 176 ILE ILE A . n 
A 1 53  TYR 53  177 177 TYR TYR A . n 
A 1 54  GLN 54  178 178 GLN GLN A . n 
A 1 55  GLU 55  179 179 GLU GLU A . n 
A 1 56  ILE 56  180 180 ILE ILE A . n 
A 1 57  ARG 57  181 181 ARG ARG A . n 
A 1 58  ASN 58  182 182 ASN ASN A . n 
A 1 59  THR 59  183 183 THR THR A . n 
A 1 60  ASP 60  184 184 ASP ASP A . n 
A 1 61  MET 61  185 185 MET MET A . n 
A 1 62  LYS 62  186 186 LYS LYS A . n 
A 1 63  TYR 63  187 187 TYR TYR A . n 
A 1 64  LYS 64  188 188 LYS LYS A . n 
A 1 65  ASN 65  189 189 ASN ASN A . n 
A 1 66  ARG 66  190 190 ARG ARG A . n 
A 1 67  VAL 67  191 191 VAL VAL A . n 
A 1 68  ARG 68  192 192 ARG ARG A . n 
A 1 69  SER 69  193 193 SER SER A . n 
A 1 70  ARG 70  194 194 ARG ARG A . n 
A 1 71  ILE 71  195 195 ILE ILE A . n 
A 1 72  SER 72  196 196 SER SER A . n 
A 1 73  ASN 73  197 197 ASN ASN A . n 
A 1 74  LEU 74  198 198 LEU LEU A . n 
A 1 75  LYS 75  199 199 LYS LYS A . n 
A 1 76  ASP 76  200 200 ASP ASP A . n 
A 1 77  ALA 77  201 201 ALA ALA A . n 
A 1 78  LYS 78  202 202 LYS LYS A . n 
A 1 79  ASN 79  203 203 ASN ASN A . n 
A 1 80  PRO 80  204 204 PRO PRO A . n 
A 1 81  ASN 81  205 205 ASN ASN A . n 
A 1 82  LEU 82  206 206 LEU LEU A . n 
A 1 83  ARG 83  207 207 ARG ARG A . n 
A 1 84  LYS 84  208 208 LYS LYS A . n 
A 1 85  ASN 85  209 209 ASN ASN A . n 
A 1 86  VAL 86  210 210 VAL VAL A . n 
A 1 87  LEU 87  211 211 LEU LEU A . n 
A 1 88  CYS 88  212 212 CYS CYS A . n 
A 1 89  GLY 89  213 213 GLY GLY A . n 
A 1 90  ASN 90  214 214 ASN ASN A . n 
A 1 91  ILE 91  215 215 ILE ILE A . n 
A 1 92  PRO 92  216 216 PRO PRO A . n 
A 1 93  PRO 93  217 217 PRO PRO A . n 
A 1 94  ASP 94  218 218 ASP ASP A . n 
A 1 95  LEU 95  219 219 LEU LEU A . n 
A 1 96  PHE 96  220 220 PHE PHE A . n 
A 1 97  ALA 97  221 221 ALA ALA A . n 
A 1 98  ARG 98  222 222 ARG ARG A . n 
A 1 99  MET 99  223 223 MET MET A . n 
A 1 100 THR 100 224 224 THR THR A . n 
A 1 101 ALA 101 225 225 ALA ALA A . n 
A 1 102 GLU 102 226 226 GLU GLU A . n 
A 1 103 GLU 103 227 227 GLU GLU A . n 
A 1 104 MET 104 228 228 MET MET A . n 
A 1 105 ALA 105 229 ?   ?   ?   A . n 
A 1 106 SER 106 230 ?   ?   ?   A . n 
A 1 107 ASP 107 231 ?   ?   ?   A . n 
A 1 108 GLU 108 232 ?   ?   ?   A . n 
# 
loop_
_pdbx_nonpoly_scheme.asym_id 
_pdbx_nonpoly_scheme.entity_id 
_pdbx_nonpoly_scheme.mon_id 
_pdbx_nonpoly_scheme.ndb_seq_num 
_pdbx_nonpoly_scheme.pdb_seq_num 
_pdbx_nonpoly_scheme.auth_seq_num 
_pdbx_nonpoly_scheme.pdb_mon_id 
_pdbx_nonpoly_scheme.auth_mon_id 
_pdbx_nonpoly_scheme.pdb_strand_id 
_pdbx_nonpoly_scheme.pdb_ins_code 
B 2 NA  1   1229 1229 NA  NA  A . 
C 2 NA  1   1230 1230 NA  NA  A . 
D 3 HOH 1   1231 1231 HOH HOH A . 
D 3 HOH 2   1232 1232 HOH HOH A . 
D 3 HOH 3   1233 1233 HOH HOH A . 
D 3 HOH 4   1234 1234 HOH HOH A . 
D 3 HOH 5   1235 1235 HOH HOH A . 
D 3 HOH 6   1236 1236 HOH HOH A . 
D 3 HOH 7   1237 1237 HOH HOH A . 
D 3 HOH 8   1238 1238 HOH HOH A . 
D 3 HOH 9   1239 1239 HOH HOH A . 
D 3 HOH 10  1240 1240 HOH HOH A . 
D 3 HOH 11  1241 1241 HOH HOH A . 
D 3 HOH 12  1242 1242 HOH HOH A . 
D 3 HOH 13  1243 1243 HOH HOH A . 
D 3 HOH 14  1244 1244 HOH HOH A . 
D 3 HOH 15  1245 1245 HOH HOH A . 
D 3 HOH 16  1246 1246 HOH HOH A . 
D 3 HOH 17  1247 1247 HOH HOH A . 
D 3 HOH 18  1248 1248 HOH HOH A . 
D 3 HOH 19  1249 1249 HOH HOH A . 
D 3 HOH 20  1250 1250 HOH HOH A . 
D 3 HOH 21  1251 1251 HOH HOH A . 
D 3 HOH 22  1252 1252 HOH HOH A . 
D 3 HOH 23  1253 1253 HOH HOH A . 
D 3 HOH 24  1254 1254 HOH HOH A . 
D 3 HOH 25  1255 1255 HOH HOH A . 
D 3 HOH 26  1256 1256 HOH HOH A . 
D 3 HOH 27  1257 1257 HOH HOH A . 
D 3 HOH 28  1258 1258 HOH HOH A . 
D 3 HOH 29  1259 1259 HOH HOH A . 
D 3 HOH 30  1260 1260 HOH HOH A . 
D 3 HOH 31  1261 1261 HOH HOH A . 
D 3 HOH 32  1262 1262 HOH HOH A . 
D 3 HOH 33  1263 1263 HOH HOH A . 
D 3 HOH 34  1264 1264 HOH HOH A . 
D 3 HOH 35  1265 1265 HOH HOH A . 
D 3 HOH 36  1266 1266 HOH HOH A . 
D 3 HOH 37  1267 1267 HOH HOH A . 
D 3 HOH 38  1268 1268 HOH HOH A . 
D 3 HOH 39  1269 1269 HOH HOH A . 
D 3 HOH 40  1270 1270 HOH HOH A . 
D 3 HOH 41  1271 1271 HOH HOH A . 
D 3 HOH 42  1272 1272 HOH HOH A . 
D 3 HOH 43  1273 1273 HOH HOH A . 
D 3 HOH 44  1274 1274 HOH HOH A . 
D 3 HOH 45  1275 1275 HOH HOH A . 
D 3 HOH 46  1276 1276 HOH HOH A . 
D 3 HOH 47  1277 1277 HOH HOH A . 
D 3 HOH 48  1278 1278 HOH HOH A . 
D 3 HOH 49  1279 1279 HOH HOH A . 
D 3 HOH 50  1280 1280 HOH HOH A . 
D 3 HOH 51  1281 1281 HOH HOH A . 
D 3 HOH 52  1282 1282 HOH HOH A . 
D 3 HOH 53  1283 1283 HOH HOH A . 
D 3 HOH 54  1284 1284 HOH HOH A . 
D 3 HOH 55  1285 1285 HOH HOH A . 
D 3 HOH 56  1286 1286 HOH HOH A . 
D 3 HOH 57  1287 1287 HOH HOH A . 
D 3 HOH 58  1288 1288 HOH HOH A . 
D 3 HOH 59  1289 1289 HOH HOH A . 
D 3 HOH 60  1290 1290 HOH HOH A . 
D 3 HOH 61  1291 1291 HOH HOH A . 
D 3 HOH 62  1292 1292 HOH HOH A . 
D 3 HOH 63  1293 1293 HOH HOH A . 
D 3 HOH 64  1294 1294 HOH HOH A . 
D 3 HOH 65  1295 1295 HOH HOH A . 
D 3 HOH 66  1296 1296 HOH HOH A . 
D 3 HOH 67  1297 1297 HOH HOH A . 
D 3 HOH 68  1298 1298 HOH HOH A . 
D 3 HOH 69  1299 1299 HOH HOH A . 
D 3 HOH 70  1300 1300 HOH HOH A . 
D 3 HOH 71  1301 1301 HOH HOH A . 
D 3 HOH 72  1302 1302 HOH HOH A . 
D 3 HOH 73  1303 1303 HOH HOH A . 
D 3 HOH 74  1304 1304 HOH HOH A . 
D 3 HOH 75  1305 1305 HOH HOH A . 
D 3 HOH 76  1306 1306 HOH HOH A . 
D 3 HOH 77  1307 1307 HOH HOH A . 
D 3 HOH 78  1308 1308 HOH HOH A . 
D 3 HOH 79  1309 1309 HOH HOH A . 
D 3 HOH 80  1310 1310 HOH HOH A . 
D 3 HOH 81  1311 1311 HOH HOH A . 
D 3 HOH 82  1312 1312 HOH HOH A . 
D 3 HOH 83  1313 1313 HOH HOH A . 
D 3 HOH 84  1314 1314 HOH HOH A . 
D 3 HOH 85  1315 1315 HOH HOH A . 
D 3 HOH 86  1316 1316 HOH HOH A . 
D 3 HOH 87  1317 1317 HOH HOH A . 
D 3 HOH 88  1318 1318 HOH HOH A . 
D 3 HOH 89  1319 1319 HOH HOH A . 
D 3 HOH 90  1320 1320 HOH HOH A . 
D 3 HOH 91  1321 1321 HOH HOH A . 
D 3 HOH 92  1322 1322 HOH HOH A . 
D 3 HOH 93  1323 1323 HOH HOH A . 
D 3 HOH 94  1324 1324 HOH HOH A . 
D 3 HOH 95  1325 1325 HOH HOH A . 
D 3 HOH 96  1326 1326 HOH HOH A . 
D 3 HOH 97  1327 1327 HOH HOH A . 
D 3 HOH 98  1328 1328 HOH HOH A . 
D 3 HOH 99  1329 1329 HOH HOH A . 
D 3 HOH 100 1330 1330 HOH HOH A . 
D 3 HOH 101 1331 1331 HOH HOH A . 
D 3 HOH 102 1332 1332 HOH HOH A . 
D 3 HOH 103 1333 1333 HOH HOH A . 
D 3 HOH 104 1334 1334 HOH HOH A . 
D 3 HOH 105 1335 1335 HOH HOH A . 
D 3 HOH 106 1336 1336 HOH HOH A . 
D 3 HOH 107 1337 1337 HOH HOH A . 
D 3 HOH 108 1338 1338 HOH HOH A . 
D 3 HOH 109 1339 1339 HOH HOH A . 
D 3 HOH 110 1340 1340 HOH HOH A . 
D 3 HOH 111 1341 1341 HOH HOH A . 
D 3 HOH 112 1342 1342 HOH HOH A . 
D 3 HOH 113 1343 1343 HOH HOH A . 
D 3 HOH 114 1344 1344 HOH HOH A . 
D 3 HOH 115 1345 1345 HOH HOH A . 
D 3 HOH 116 1346 1346 HOH HOH A . 
D 3 HOH 117 1347 1347 HOH HOH A . 
D 3 HOH 118 1348 1348 HOH HOH A . 
D 3 HOH 119 1349 1349 HOH HOH A . 
D 3 HOH 120 1350 1350 HOH HOH A . 
D 3 HOH 121 1351 1351 HOH HOH A . 
D 3 HOH 122 1352 1352 HOH HOH A . 
D 3 HOH 123 1353 1353 HOH HOH A . 
D 3 HOH 124 1354 1354 HOH HOH A . 
D 3 HOH 125 1355 1355 HOH HOH A . 
D 3 HOH 126 1356 1356 HOH HOH A . 
D 3 HOH 127 1357 1357 HOH HOH A . 
D 3 HOH 128 1358 1358 HOH HOH A . 
D 3 HOH 129 1359 1359 HOH HOH A . 
D 3 HOH 130 1360 1360 HOH HOH A . 
D 3 HOH 131 1361 1361 HOH HOH A . 
D 3 HOH 132 1362 1362 HOH HOH A . 
D 3 HOH 133 1363 1363 HOH HOH A . 
D 3 HOH 134 1364 1364 HOH HOH A . 
D 3 HOH 135 1365 1365 HOH HOH A . 
D 3 HOH 136 1366 1366 HOH HOH A . 
D 3 HOH 137 1367 1367 HOH HOH A . 
D 3 HOH 138 1368 1368 HOH HOH A . 
D 3 HOH 139 1369 1369 HOH HOH A . 
D 3 HOH 140 1370 1370 HOH HOH A . 
D 3 HOH 141 1371 1371 HOH HOH A . 
D 3 HOH 142 1372 1372 HOH HOH A . 
D 3 HOH 143 1373 1373 HOH HOH A . 
D 3 HOH 144 1374 1374 HOH HOH A . 
D 3 HOH 145 1375 1375 HOH HOH A . 
D 3 HOH 146 1376 1376 HOH HOH A . 
D 3 HOH 147 1377 1377 HOH HOH A . 
D 3 HOH 148 1378 1378 HOH HOH A . 
D 3 HOH 149 1379 1379 HOH HOH A . 
# 
_pdbx_struct_assembly.id                   1 
_pdbx_struct_assembly.details              author_defined_assembly 
_pdbx_struct_assembly.method_details       ? 
_pdbx_struct_assembly.oligomeric_details   monomeric 
_pdbx_struct_assembly.oligomeric_count     1 
# 
_pdbx_struct_assembly_gen.assembly_id       1 
_pdbx_struct_assembly_gen.oper_expression   1 
_pdbx_struct_assembly_gen.asym_id_list      A,B,C,D 
# 
_pdbx_struct_oper_list.id                   1 
_pdbx_struct_oper_list.type                 'identity operation' 
_pdbx_struct_oper_list.name                 1_555 
_pdbx_struct_oper_list.symmetry_operation   x,y,z 
_pdbx_struct_oper_list.matrix[1][1]         1.0000000000 
_pdbx_struct_oper_list.matrix[1][2]         0.0000000000 
_pdbx_struct_oper_list.matrix[1][3]         0.0000000000 
_pdbx_struct_oper_list.vector[1]            0.0000000000 
_pdbx_struct_oper_list.matrix[2][1]         0.0000000000 
_pdbx_struct_oper_list.matrix[2][2]         1.0000000000 
_pdbx_struct_oper_list.matrix[2][3]         0.0000000000 
_pdbx_struct_oper_list.vector[2]            0.0000000000 
_pdbx_struct_oper_list.matrix[3][1]         0.0000000000 
_pdbx_struct_oper_list.matrix[3][2]         0.0000000000 
_pdbx_struct_oper_list.matrix[3][3]         1.0000000000 
_pdbx_struct_oper_list.vector[3]            0.0000000000 
# 
loop_
_pdbx_struct_special_symmetry.id 
_pdbx_struct_special_symmetry.PDB_model_num 
_pdbx_struct_special_symmetry.auth_asym_id 
_pdbx_struct_special_symmetry.auth_comp_id 
_pdbx_struct_special_symmetry.auth_seq_id 
_pdbx_struct_special_symmetry.PDB_ins_code 
_pdbx_struct_special_symmetry.label_asym_id 
_pdbx_struct_special_symmetry.label_comp_id 
_pdbx_struct_special_symmetry.label_seq_id 
1 1 A NA  1229 ? B NA  . 
2 1 A HOH 1339 ? D HOH . 
# 
_pdbx_struct_conn_angle.id                    1 
_pdbx_struct_conn_angle.ptnr1_label_atom_id   O 
_pdbx_struct_conn_angle.ptnr1_label_alt_id    ? 
_pdbx_struct_conn_angle.ptnr1_label_asym_id   A 
_pdbx_struct_conn_angle.ptnr1_label_comp_id   ALA 
_pdbx_struct_conn_angle.ptnr1_label_seq_id    77 
_pdbx_struct_conn_angle.ptnr1_auth_atom_id    ? 
_pdbx_struct_conn_angle.ptnr1_auth_asym_id    A 
_pdbx_struct_conn_angle.ptnr1_auth_comp_id    ALA 
_pdbx_struct_conn_angle.ptnr1_auth_seq_id     201 
_pdbx_struct_conn_angle.ptnr1_PDB_ins_code    ? 
_pdbx_struct_conn_angle.ptnr1_symmetry        1_555 
_pdbx_struct_conn_angle.ptnr2_label_atom_id   NA 
_pdbx_struct_conn_angle.ptnr2_label_alt_id    ? 
_pdbx_struct_conn_angle.ptnr2_label_asym_id   B 
_pdbx_struct_conn_angle.ptnr2_label_comp_id   NA 
_pdbx_struct_conn_angle.ptnr2_label_seq_id    . 
_pdbx_struct_conn_angle.ptnr2_auth_atom_id    ? 
_pdbx_struct_conn_angle.ptnr2_auth_asym_id    A 
_pdbx_struct_conn_angle.ptnr2_auth_comp_id    NA 
_pdbx_struct_conn_angle.ptnr2_auth_seq_id     1229 
_pdbx_struct_conn_angle.ptnr2_PDB_ins_code    ? 
_pdbx_struct_conn_angle.ptnr2_symmetry        1_555 
_pdbx_struct_conn_angle.ptnr3_label_atom_id   O 
_pdbx_struct_conn_angle.ptnr3_label_alt_id    ? 
_pdbx_struct_conn_angle.ptnr3_label_asym_id   D 
_pdbx_struct_conn_angle.ptnr3_label_comp_id   HOH 
_pdbx_struct_conn_angle.ptnr3_label_seq_id    . 
_pdbx_struct_conn_angle.ptnr3_auth_atom_id    ? 
_pdbx_struct_conn_angle.ptnr3_auth_asym_id    A 
_pdbx_struct_conn_angle.ptnr3_auth_comp_id    HOH 
_pdbx_struct_conn_angle.ptnr3_auth_seq_id     1261 
_pdbx_struct_conn_angle.ptnr3_PDB_ins_code    ? 
_pdbx_struct_conn_angle.ptnr3_symmetry        1_555 
_pdbx_struct_conn_angle.value                 103.5 
_pdbx_struct_conn_angle.value_esd             ? 
# 
loop_
_pdbx_audit_revision_history.ordinal 
_pdbx_audit_revision_history.data_content_type 
_pdbx_audit_revision_history.major_revision 
_pdbx_audit_revision_history.minor_revision 
_pdbx_audit_revision_history.revision_date 
1 'Structure model' 1 0 2011-05-18 
2 'Structure model' 1 1 2011-07-13 
3 'Structure model' 1 2 2023-09-06 
# 
_pdbx_audit_revision_details.ordinal             1 
_pdbx_audit_revision_details.revision_ordinal    1 
_pdbx_audit_revision_details.data_content_type   'Structure model' 
_pdbx_audit_revision_details.provider            repository 
_pdbx_audit_revision_details.type                'Initial release' 
_pdbx_audit_revision_details.description         ? 
_pdbx_audit_revision_details.details             ? 
# 
loop_
_pdbx_audit_revision_group.ordinal 
_pdbx_audit_revision_group.revision_ordinal 
_pdbx_audit_revision_group.data_content_type 
_pdbx_audit_revision_group.group 
1 2 'Structure model' 'Version format compliance' 
2 3 'Structure model' 'Data collection'           
3 3 'Structure model' 'Database references'       
4 3 'Structure model' 'Derived calculations'      
5 3 'Structure model' 'Refinement description'    
# 
loop_
_pdbx_audit_revision_category.ordinal 
_pdbx_audit_revision_category.revision_ordinal 
_pdbx_audit_revision_category.data_content_type 
_pdbx_audit_revision_category.category 
1 3 'Structure model' chem_comp_atom                
2 3 'Structure model' chem_comp_bond                
3 3 'Structure model' database_2                    
4 3 'Structure model' pdbx_initial_refinement_model 
5 3 'Structure model' pdbx_struct_conn_angle        
6 3 'Structure model' struct_conn                   
7 3 'Structure model' struct_ref_seq_dif            
8 3 'Structure model' struct_site                   
# 
loop_
_pdbx_audit_revision_item.ordinal 
_pdbx_audit_revision_item.revision_ordinal 
_pdbx_audit_revision_item.data_content_type 
_pdbx_audit_revision_item.item 
1  3 'Structure model' '_database_2.pdbx_DOI'                        
2  3 'Structure model' '_database_2.pdbx_database_accession'         
3  3 'Structure model' '_pdbx_struct_conn_angle.ptnr1_auth_comp_id'  
4  3 'Structure model' '_pdbx_struct_conn_angle.ptnr1_auth_seq_id'   
5  3 'Structure model' '_pdbx_struct_conn_angle.ptnr1_label_asym_id' 
6  3 'Structure model' '_pdbx_struct_conn_angle.ptnr1_label_comp_id' 
7  3 'Structure model' '_pdbx_struct_conn_angle.ptnr1_label_seq_id'  
8  3 'Structure model' '_pdbx_struct_conn_angle.ptnr3_auth_comp_id'  
9  3 'Structure model' '_pdbx_struct_conn_angle.ptnr3_auth_seq_id'   
10 3 'Structure model' '_pdbx_struct_conn_angle.ptnr3_label_asym_id' 
11 3 'Structure model' '_pdbx_struct_conn_angle.ptnr3_label_comp_id' 
12 3 'Structure model' '_pdbx_struct_conn_angle.ptnr3_label_seq_id'  
13 3 'Structure model' '_struct_conn.pdbx_dist_value'                
14 3 'Structure model' '_struct_conn.ptnr1_auth_comp_id'             
15 3 'Structure model' '_struct_conn.ptnr1_auth_seq_id'              
16 3 'Structure model' '_struct_conn.ptnr1_label_asym_id'            
17 3 'Structure model' '_struct_conn.ptnr1_label_atom_id'            
18 3 'Structure model' '_struct_conn.ptnr1_label_comp_id'            
19 3 'Structure model' '_struct_conn.ptnr1_label_seq_id'             
20 3 'Structure model' '_struct_conn.ptnr2_auth_comp_id'             
21 3 'Structure model' '_struct_conn.ptnr2_auth_seq_id'              
22 3 'Structure model' '_struct_conn.ptnr2_label_asym_id'            
23 3 'Structure model' '_struct_conn.ptnr2_label_atom_id'            
24 3 'Structure model' '_struct_conn.ptnr2_label_comp_id'            
25 3 'Structure model' '_struct_ref_seq_dif.details'                 
26 3 'Structure model' '_struct_site.pdbx_auth_asym_id'              
27 3 'Structure model' '_struct_site.pdbx_auth_comp_id'              
28 3 'Structure model' '_struct_site.pdbx_auth_seq_id'               
# 
loop_
_software.pdbx_ordinal 
_software.name 
_software.version 
_software.date 
_software.type 
_software.contact_author 
_software.contact_author_email 
_software.classification 
_software.location 
_software.language 
_software.citation_id 
1 SCALA       3.3.15    2009/03/31      other   'Phil R. Evans' pre@mrc-lmb.cam.ac.uk 'data processing' 
http://www.ccp4.ac.uk/dist/html/scala.html Fortran_77 ? 
2 PHENIX      1.6.1_357 ?               package 'Paul D. Adams' PDAdams@lbl.gov       refinement        
http://www.phenix-online.org/              C++        ? 
3 PDB_EXTRACT 3.100     'May. 21, 2010' package PDB             help@deposit.rcsb.org 'data extraction' 
http://sw-tools.pdb.org/apps/PDB_EXTRACT/  C++        ? 
4 HKL-2000    .         ?               ?       ?               ?                     'data collection' ? ?          ? 
5 MOSFLM      .         ?               ?       ?               ?                     'data reduction'  ? ?          ? 
6 SCALA       .         ?               ?       ?               ?                     'data scaling'    ? ?          ? 
7 MLPHARE     .         ?               ?       ?               ?                     phasing           ? ?          ? 
# 
loop_
_pdbx_validate_close_contact.id 
_pdbx_validate_close_contact.PDB_model_num 
_pdbx_validate_close_contact.auth_atom_id_1 
_pdbx_validate_close_contact.auth_asym_id_1 
_pdbx_validate_close_contact.auth_comp_id_1 
_pdbx_validate_close_contact.auth_seq_id_1 
_pdbx_validate_close_contact.PDB_ins_code_1 
_pdbx_validate_close_contact.label_alt_id_1 
_pdbx_validate_close_contact.auth_atom_id_2 
_pdbx_validate_close_contact.auth_asym_id_2 
_pdbx_validate_close_contact.auth_comp_id_2 
_pdbx_validate_close_contact.auth_seq_id_2 
_pdbx_validate_close_contact.PDB_ins_code_2 
_pdbx_validate_close_contact.label_alt_id_2 
_pdbx_validate_close_contact.dist 
1 1 O A HOH 1349 ? ? O A HOH 1355 ? ? 1.98 
2 1 O A HOH 1325 ? ? O A HOH 1357 ? ? 2.02 
3 1 O A HOH 1296 ? ? O A HOH 1311 ? ? 2.02 
4 1 O A HOH 1360 ? ? O A HOH 1373 ? ? 2.16 
# 
_pdbx_validate_torsion.id              1 
_pdbx_validate_torsion.PDB_model_num   1 
_pdbx_validate_torsion.auth_comp_id    ASP 
_pdbx_validate_torsion.auth_asym_id    A 
_pdbx_validate_torsion.auth_seq_id     184 
_pdbx_validate_torsion.PDB_ins_code    ? 
_pdbx_validate_torsion.label_alt_id    ? 
_pdbx_validate_torsion.phi             -87.23 
_pdbx_validate_torsion.psi             -151.27 
# 
loop_
_pdbx_unobs_or_zero_occ_residues.id 
_pdbx_unobs_or_zero_occ_residues.PDB_model_num 
_pdbx_unobs_or_zero_occ_residues.polymer_flag 
_pdbx_unobs_or_zero_occ_residues.occupancy_flag 
_pdbx_unobs_or_zero_occ_residues.auth_asym_id 
_pdbx_unobs_or_zero_occ_residues.auth_comp_id 
_pdbx_unobs_or_zero_occ_residues.auth_seq_id 
_pdbx_unobs_or_zero_occ_residues.PDB_ins_code 
_pdbx_unobs_or_zero_occ_residues.label_asym_id 
_pdbx_unobs_or_zero_occ_residues.label_comp_id 
_pdbx_unobs_or_zero_occ_residues.label_seq_id 
1  1 Y 1 A GLY 125 ? A GLY 1   
2  1 Y 1 A ILE 126 ? A ILE 2   
3  1 Y 1 A ASP 127 ? A ASP 3   
4  1 Y 1 A PRO 128 ? A PRO 4   
5  1 Y 1 A PHE 129 ? A PHE 5   
6  1 Y 1 A THR 130 ? A THR 6   
7  1 Y 1 A PRO 131 ? A PRO 7   
8  1 Y 1 A ALA 229 ? A ALA 105 
9  1 Y 1 A SER 230 ? A SER 106 
10 1 Y 1 A ASP 231 ? A ASP 107 
11 1 Y 1 A GLU 232 ? A GLU 108 
# 
loop_
_chem_comp_atom.comp_id 
_chem_comp_atom.atom_id 
_chem_comp_atom.type_symbol 
_chem_comp_atom.pdbx_aromatic_flag 
_chem_comp_atom.pdbx_stereo_config 
_chem_comp_atom.pdbx_ordinal 
ALA N    N  N N 1   
ALA CA   C  N S 2   
ALA C    C  N N 3   
ALA O    O  N N 4   
ALA CB   C  N N 5   
ALA OXT  O  N N 6   
ALA H    H  N N 7   
ALA H2   H  N N 8   
ALA HA   H  N N 9   
ALA HB1  H  N N 10  
ALA HB2  H  N N 11  
ALA HB3  H  N N 12  
ALA HXT  H  N N 13  
ARG N    N  N N 14  
ARG CA   C  N S 15  
ARG C    C  N N 16  
ARG O    O  N N 17  
ARG CB   C  N N 18  
ARG CG   C  N N 19  
ARG CD   C  N N 20  
ARG NE   N  N N 21  
ARG CZ   C  N N 22  
ARG NH1  N  N N 23  
ARG NH2  N  N N 24  
ARG OXT  O  N N 25  
ARG H    H  N N 26  
ARG H2   H  N N 27  
ARG HA   H  N N 28  
ARG HB2  H  N N 29  
ARG HB3  H  N N 30  
ARG HG2  H  N N 31  
ARG HG3  H  N N 32  
ARG HD2  H  N N 33  
ARG HD3  H  N N 34  
ARG HE   H  N N 35  
ARG HH11 H  N N 36  
ARG HH12 H  N N 37  
ARG HH21 H  N N 38  
ARG HH22 H  N N 39  
ARG HXT  H  N N 40  
ASN N    N  N N 41  
ASN CA   C  N S 42  
ASN C    C  N N 43  
ASN O    O  N N 44  
ASN CB   C  N N 45  
ASN CG   C  N N 46  
ASN OD1  O  N N 47  
ASN ND2  N  N N 48  
ASN OXT  O  N N 49  
ASN H    H  N N 50  
ASN H2   H  N N 51  
ASN HA   H  N N 52  
ASN HB2  H  N N 53  
ASN HB3  H  N N 54  
ASN HD21 H  N N 55  
ASN HD22 H  N N 56  
ASN HXT  H  N N 57  
ASP N    N  N N 58  
ASP CA   C  N S 59  
ASP C    C  N N 60  
ASP O    O  N N 61  
ASP CB   C  N N 62  
ASP CG   C  N N 63  
ASP OD1  O  N N 64  
ASP OD2  O  N N 65  
ASP OXT  O  N N 66  
ASP H    H  N N 67  
ASP H2   H  N N 68  
ASP HA   H  N N 69  
ASP HB2  H  N N 70  
ASP HB3  H  N N 71  
ASP HD2  H  N N 72  
ASP HXT  H  N N 73  
CYS N    N  N N 74  
CYS CA   C  N R 75  
CYS C    C  N N 76  
CYS O    O  N N 77  
CYS CB   C  N N 78  
CYS SG   S  N N 79  
CYS OXT  O  N N 80  
CYS H    H  N N 81  
CYS H2   H  N N 82  
CYS HA   H  N N 83  
CYS HB2  H  N N 84  
CYS HB3  H  N N 85  
CYS HG   H  N N 86  
CYS HXT  H  N N 87  
GLN N    N  N N 88  
GLN CA   C  N S 89  
GLN C    C  N N 90  
GLN O    O  N N 91  
GLN CB   C  N N 92  
GLN CG   C  N N 93  
GLN CD   C  N N 94  
GLN OE1  O  N N 95  
GLN NE2  N  N N 96  
GLN OXT  O  N N 97  
GLN H    H  N N 98  
GLN H2   H  N N 99  
GLN HA   H  N N 100 
GLN HB2  H  N N 101 
GLN HB3  H  N N 102 
GLN HG2  H  N N 103 
GLN HG3  H  N N 104 
GLN HE21 H  N N 105 
GLN HE22 H  N N 106 
GLN HXT  H  N N 107 
GLU N    N  N N 108 
GLU CA   C  N S 109 
GLU C    C  N N 110 
GLU O    O  N N 111 
GLU CB   C  N N 112 
GLU CG   C  N N 113 
GLU CD   C  N N 114 
GLU OE1  O  N N 115 
GLU OE2  O  N N 116 
GLU OXT  O  N N 117 
GLU H    H  N N 118 
GLU H2   H  N N 119 
GLU HA   H  N N 120 
GLU HB2  H  N N 121 
GLU HB3  H  N N 122 
GLU HG2  H  N N 123 
GLU HG3  H  N N 124 
GLU HE2  H  N N 125 
GLU HXT  H  N N 126 
GLY N    N  N N 127 
GLY CA   C  N N 128 
GLY C    C  N N 129 
GLY O    O  N N 130 
GLY OXT  O  N N 131 
GLY H    H  N N 132 
GLY H2   H  N N 133 
GLY HA2  H  N N 134 
GLY HA3  H  N N 135 
GLY HXT  H  N N 136 
HOH O    O  N N 137 
HOH H1   H  N N 138 
HOH H2   H  N N 139 
ILE N    N  N N 140 
ILE CA   C  N S 141 
ILE C    C  N N 142 
ILE O    O  N N 143 
ILE CB   C  N S 144 
ILE CG1  C  N N 145 
ILE CG2  C  N N 146 
ILE CD1  C  N N 147 
ILE OXT  O  N N 148 
ILE H    H  N N 149 
ILE H2   H  N N 150 
ILE HA   H  N N 151 
ILE HB   H  N N 152 
ILE HG12 H  N N 153 
ILE HG13 H  N N 154 
ILE HG21 H  N N 155 
ILE HG22 H  N N 156 
ILE HG23 H  N N 157 
ILE HD11 H  N N 158 
ILE HD12 H  N N 159 
ILE HD13 H  N N 160 
ILE HXT  H  N N 161 
LEU N    N  N N 162 
LEU CA   C  N S 163 
LEU C    C  N N 164 
LEU O    O  N N 165 
LEU CB   C  N N 166 
LEU CG   C  N N 167 
LEU CD1  C  N N 168 
LEU CD2  C  N N 169 
LEU OXT  O  N N 170 
LEU H    H  N N 171 
LEU H2   H  N N 172 
LEU HA   H  N N 173 
LEU HB2  H  N N 174 
LEU HB3  H  N N 175 
LEU HG   H  N N 176 
LEU HD11 H  N N 177 
LEU HD12 H  N N 178 
LEU HD13 H  N N 179 
LEU HD21 H  N N 180 
LEU HD22 H  N N 181 
LEU HD23 H  N N 182 
LEU HXT  H  N N 183 
LYS N    N  N N 184 
LYS CA   C  N S 185 
LYS C    C  N N 186 
LYS O    O  N N 187 
LYS CB   C  N N 188 
LYS CG   C  N N 189 
LYS CD   C  N N 190 
LYS CE   C  N N 191 
LYS NZ   N  N N 192 
LYS OXT  O  N N 193 
LYS H    H  N N 194 
LYS H2   H  N N 195 
LYS HA   H  N N 196 
LYS HB2  H  N N 197 
LYS HB3  H  N N 198 
LYS HG2  H  N N 199 
LYS HG3  H  N N 200 
LYS HD2  H  N N 201 
LYS HD3  H  N N 202 
LYS HE2  H  N N 203 
LYS HE3  H  N N 204 
LYS HZ1  H  N N 205 
LYS HZ2  H  N N 206 
LYS HZ3  H  N N 207 
LYS HXT  H  N N 208 
MET N    N  N N 209 
MET CA   C  N S 210 
MET C    C  N N 211 
MET O    O  N N 212 
MET CB   C  N N 213 
MET CG   C  N N 214 
MET SD   S  N N 215 
MET CE   C  N N 216 
MET OXT  O  N N 217 
MET H    H  N N 218 
MET H2   H  N N 219 
MET HA   H  N N 220 
MET HB2  H  N N 221 
MET HB3  H  N N 222 
MET HG2  H  N N 223 
MET HG3  H  N N 224 
MET HE1  H  N N 225 
MET HE2  H  N N 226 
MET HE3  H  N N 227 
MET HXT  H  N N 228 
NA  NA   NA N N 229 
PHE N    N  N N 230 
PHE CA   C  N S 231 
PHE C    C  N N 232 
PHE O    O  N N 233 
PHE CB   C  N N 234 
PHE CG   C  Y N 235 
PHE CD1  C  Y N 236 
PHE CD2  C  Y N 237 
PHE CE1  C  Y N 238 
PHE CE2  C  Y N 239 
PHE CZ   C  Y N 240 
PHE OXT  O  N N 241 
PHE H    H  N N 242 
PHE H2   H  N N 243 
PHE HA   H  N N 244 
PHE HB2  H  N N 245 
PHE HB3  H  N N 246 
PHE HD1  H  N N 247 
PHE HD2  H  N N 248 
PHE HE1  H  N N 249 
PHE HE2  H  N N 250 
PHE HZ   H  N N 251 
PHE HXT  H  N N 252 
PRO N    N  N N 253 
PRO CA   C  N S 254 
PRO C    C  N N 255 
PRO O    O  N N 256 
PRO CB   C  N N 257 
PRO CG   C  N N 258 
PRO CD   C  N N 259 
PRO OXT  O  N N 260 
PRO H    H  N N 261 
PRO HA   H  N N 262 
PRO HB2  H  N N 263 
PRO HB3  H  N N 264 
PRO HG2  H  N N 265 
PRO HG3  H  N N 266 
PRO HD2  H  N N 267 
PRO HD3  H  N N 268 
PRO HXT  H  N N 269 
SER N    N  N N 270 
SER CA   C  N S 271 
SER C    C  N N 272 
SER O    O  N N 273 
SER CB   C  N N 274 
SER OG   O  N N 275 
SER OXT  O  N N 276 
SER H    H  N N 277 
SER H2   H  N N 278 
SER HA   H  N N 279 
SER HB2  H  N N 280 
SER HB3  H  N N 281 
SER HG   H  N N 282 
SER HXT  H  N N 283 
THR N    N  N N 284 
THR CA   C  N S 285 
THR C    C  N N 286 
THR O    O  N N 287 
THR CB   C  N R 288 
THR OG1  O  N N 289 
THR CG2  C  N N 290 
THR OXT  O  N N 291 
THR H    H  N N 292 
THR H2   H  N N 293 
THR HA   H  N N 294 
THR HB   H  N N 295 
THR HG1  H  N N 296 
THR HG21 H  N N 297 
THR HG22 H  N N 298 
THR HG23 H  N N 299 
THR HXT  H  N N 300 
TYR N    N  N N 301 
TYR CA   C  N S 302 
TYR C    C  N N 303 
TYR O    O  N N 304 
TYR CB   C  N N 305 
TYR CG   C  Y N 306 
TYR CD1  C  Y N 307 
TYR CD2  C  Y N 308 
TYR CE1  C  Y N 309 
TYR CE2  C  Y N 310 
TYR CZ   C  Y N 311 
TYR OH   O  N N 312 
TYR OXT  O  N N 313 
TYR H    H  N N 314 
TYR H2   H  N N 315 
TYR HA   H  N N 316 
TYR HB2  H  N N 317 
TYR HB3  H  N N 318 
TYR HD1  H  N N 319 
TYR HD2  H  N N 320 
TYR HE1  H  N N 321 
TYR HE2  H  N N 322 
TYR HH   H  N N 323 
TYR HXT  H  N N 324 
VAL N    N  N N 325 
VAL CA   C  N S 326 
VAL C    C  N N 327 
VAL O    O  N N 328 
VAL CB   C  N N 329 
VAL CG1  C  N N 330 
VAL CG2  C  N N 331 
VAL OXT  O  N N 332 
VAL H    H  N N 333 
VAL H2   H  N N 334 
VAL HA   H  N N 335 
VAL HB   H  N N 336 
VAL HG11 H  N N 337 
VAL HG12 H  N N 338 
VAL HG13 H  N N 339 
VAL HG21 H  N N 340 
VAL HG22 H  N N 341 
VAL HG23 H  N N 342 
VAL HXT  H  N N 343 
# 
loop_
_chem_comp_bond.comp_id 
_chem_comp_bond.atom_id_1 
_chem_comp_bond.atom_id_2 
_chem_comp_bond.value_order 
_chem_comp_bond.pdbx_aromatic_flag 
_chem_comp_bond.pdbx_stereo_config 
_chem_comp_bond.pdbx_ordinal 
ALA N   CA   sing N N 1   
ALA N   H    sing N N 2   
ALA N   H2   sing N N 3   
ALA CA  C    sing N N 4   
ALA CA  CB   sing N N 5   
ALA CA  HA   sing N N 6   
ALA C   O    doub N N 7   
ALA C   OXT  sing N N 8   
ALA CB  HB1  sing N N 9   
ALA CB  HB2  sing N N 10  
ALA CB  HB3  sing N N 11  
ALA OXT HXT  sing N N 12  
ARG N   CA   sing N N 13  
ARG N   H    sing N N 14  
ARG N   H2   sing N N 15  
ARG CA  C    sing N N 16  
ARG CA  CB   sing N N 17  
ARG CA  HA   sing N N 18  
ARG C   O    doub N N 19  
ARG C   OXT  sing N N 20  
ARG CB  CG   sing N N 21  
ARG CB  HB2  sing N N 22  
ARG CB  HB3  sing N N 23  
ARG CG  CD   sing N N 24  
ARG CG  HG2  sing N N 25  
ARG CG  HG3  sing N N 26  
ARG CD  NE   sing N N 27  
ARG CD  HD2  sing N N 28  
ARG CD  HD3  sing N N 29  
ARG NE  CZ   sing N N 30  
ARG NE  HE   sing N N 31  
ARG CZ  NH1  sing N N 32  
ARG CZ  NH2  doub N N 33  
ARG NH1 HH11 sing N N 34  
ARG NH1 HH12 sing N N 35  
ARG NH2 HH21 sing N N 36  
ARG NH2 HH22 sing N N 37  
ARG OXT HXT  sing N N 38  
ASN N   CA   sing N N 39  
ASN N   H    sing N N 40  
ASN N   H2   sing N N 41  
ASN CA  C    sing N N 42  
ASN CA  CB   sing N N 43  
ASN CA  HA   sing N N 44  
ASN C   O    doub N N 45  
ASN C   OXT  sing N N 46  
ASN CB  CG   sing N N 47  
ASN CB  HB2  sing N N 48  
ASN CB  HB3  sing N N 49  
ASN CG  OD1  doub N N 50  
ASN CG  ND2  sing N N 51  
ASN ND2 HD21 sing N N 52  
ASN ND2 HD22 sing N N 53  
ASN OXT HXT  sing N N 54  
ASP N   CA   sing N N 55  
ASP N   H    sing N N 56  
ASP N   H2   sing N N 57  
ASP CA  C    sing N N 58  
ASP CA  CB   sing N N 59  
ASP CA  HA   sing N N 60  
ASP C   O    doub N N 61  
ASP C   OXT  sing N N 62  
ASP CB  CG   sing N N 63  
ASP CB  HB2  sing N N 64  
ASP CB  HB3  sing N N 65  
ASP CG  OD1  doub N N 66  
ASP CG  OD2  sing N N 67  
ASP OD2 HD2  sing N N 68  
ASP OXT HXT  sing N N 69  
CYS N   CA   sing N N 70  
CYS N   H    sing N N 71  
CYS N   H2   sing N N 72  
CYS CA  C    sing N N 73  
CYS CA  CB   sing N N 74  
CYS CA  HA   sing N N 75  
CYS C   O    doub N N 76  
CYS C   OXT  sing N N 77  
CYS CB  SG   sing N N 78  
CYS CB  HB2  sing N N 79  
CYS CB  HB3  sing N N 80  
CYS SG  HG   sing N N 81  
CYS OXT HXT  sing N N 82  
GLN N   CA   sing N N 83  
GLN N   H    sing N N 84  
GLN N   H2   sing N N 85  
GLN CA  C    sing N N 86  
GLN CA  CB   sing N N 87  
GLN CA  HA   sing N N 88  
GLN C   O    doub N N 89  
GLN C   OXT  sing N N 90  
GLN CB  CG   sing N N 91  
GLN CB  HB2  sing N N 92  
GLN CB  HB3  sing N N 93  
GLN CG  CD   sing N N 94  
GLN CG  HG2  sing N N 95  
GLN CG  HG3  sing N N 96  
GLN CD  OE1  doub N N 97  
GLN CD  NE2  sing N N 98  
GLN NE2 HE21 sing N N 99  
GLN NE2 HE22 sing N N 100 
GLN OXT HXT  sing N N 101 
GLU N   CA   sing N N 102 
GLU N   H    sing N N 103 
GLU N   H2   sing N N 104 
GLU CA  C    sing N N 105 
GLU CA  CB   sing N N 106 
GLU CA  HA   sing N N 107 
GLU C   O    doub N N 108 
GLU C   OXT  sing N N 109 
GLU CB  CG   sing N N 110 
GLU CB  HB2  sing N N 111 
GLU CB  HB3  sing N N 112 
GLU CG  CD   sing N N 113 
GLU CG  HG2  sing N N 114 
GLU CG  HG3  sing N N 115 
GLU CD  OE1  doub N N 116 
GLU CD  OE2  sing N N 117 
GLU OE2 HE2  sing N N 118 
GLU OXT HXT  sing N N 119 
GLY N   CA   sing N N 120 
GLY N   H    sing N N 121 
GLY N   H2   sing N N 122 
GLY CA  C    sing N N 123 
GLY CA  HA2  sing N N 124 
GLY CA  HA3  sing N N 125 
GLY C   O    doub N N 126 
GLY C   OXT  sing N N 127 
GLY OXT HXT  sing N N 128 
HOH O   H1   sing N N 129 
HOH O   H2   sing N N 130 
ILE N   CA   sing N N 131 
ILE N   H    sing N N 132 
ILE N   H2   sing N N 133 
ILE CA  C    sing N N 134 
ILE CA  CB   sing N N 135 
ILE CA  HA   sing N N 136 
ILE C   O    doub N N 137 
ILE C   OXT  sing N N 138 
ILE CB  CG1  sing N N 139 
ILE CB  CG2  sing N N 140 
ILE CB  HB   sing N N 141 
ILE CG1 CD1  sing N N 142 
ILE CG1 HG12 sing N N 143 
ILE CG1 HG13 sing N N 144 
ILE CG2 HG21 sing N N 145 
ILE CG2 HG22 sing N N 146 
ILE CG2 HG23 sing N N 147 
ILE CD1 HD11 sing N N 148 
ILE CD1 HD12 sing N N 149 
ILE CD1 HD13 sing N N 150 
ILE OXT HXT  sing N N 151 
LEU N   CA   sing N N 152 
LEU N   H    sing N N 153 
LEU N   H2   sing N N 154 
LEU CA  C    sing N N 155 
LEU CA  CB   sing N N 156 
LEU CA  HA   sing N N 157 
LEU C   O    doub N N 158 
LEU C   OXT  sing N N 159 
LEU CB  CG   sing N N 160 
LEU CB  HB2  sing N N 161 
LEU CB  HB3  sing N N 162 
LEU CG  CD1  sing N N 163 
LEU CG  CD2  sing N N 164 
LEU CG  HG   sing N N 165 
LEU CD1 HD11 sing N N 166 
LEU CD1 HD12 sing N N 167 
LEU CD1 HD13 sing N N 168 
LEU CD2 HD21 sing N N 169 
LEU CD2 HD22 sing N N 170 
LEU CD2 HD23 sing N N 171 
LEU OXT HXT  sing N N 172 
LYS N   CA   sing N N 173 
LYS N   H    sing N N 174 
LYS N   H2   sing N N 175 
LYS CA  C    sing N N 176 
LYS CA  CB   sing N N 177 
LYS CA  HA   sing N N 178 
LYS C   O    doub N N 179 
LYS C   OXT  sing N N 180 
LYS CB  CG   sing N N 181 
LYS CB  HB2  sing N N 182 
LYS CB  HB3  sing N N 183 
LYS CG  CD   sing N N 184 
LYS CG  HG2  sing N N 185 
LYS CG  HG3  sing N N 186 
LYS CD  CE   sing N N 187 
LYS CD  HD2  sing N N 188 
LYS CD  HD3  sing N N 189 
LYS CE  NZ   sing N N 190 
LYS CE  HE2  sing N N 191 
LYS CE  HE3  sing N N 192 
LYS NZ  HZ1  sing N N 193 
LYS NZ  HZ2  sing N N 194 
LYS NZ  HZ3  sing N N 195 
LYS OXT HXT  sing N N 196 
MET N   CA   sing N N 197 
MET N   H    sing N N 198 
MET N   H2   sing N N 199 
MET CA  C    sing N N 200 
MET CA  CB   sing N N 201 
MET CA  HA   sing N N 202 
MET C   O    doub N N 203 
MET C   OXT  sing N N 204 
MET CB  CG   sing N N 205 
MET CB  HB2  sing N N 206 
MET CB  HB3  sing N N 207 
MET CG  SD   sing N N 208 
MET CG  HG2  sing N N 209 
MET CG  HG3  sing N N 210 
MET SD  CE   sing N N 211 
MET CE  HE1  sing N N 212 
MET CE  HE2  sing N N 213 
MET CE  HE3  sing N N 214 
MET OXT HXT  sing N N 215 
PHE N   CA   sing N N 216 
PHE N   H    sing N N 217 
PHE N   H2   sing N N 218 
PHE CA  C    sing N N 219 
PHE CA  CB   sing N N 220 
PHE CA  HA   sing N N 221 
PHE C   O    doub N N 222 
PHE C   OXT  sing N N 223 
PHE CB  CG   sing N N 224 
PHE CB  HB2  sing N N 225 
PHE CB  HB3  sing N N 226 
PHE CG  CD1  doub Y N 227 
PHE CG  CD2  sing Y N 228 
PHE CD1 CE1  sing Y N 229 
PHE CD1 HD1  sing N N 230 
PHE CD2 CE2  doub Y N 231 
PHE CD2 HD2  sing N N 232 
PHE CE1 CZ   doub Y N 233 
PHE CE1 HE1  sing N N 234 
PHE CE2 CZ   sing Y N 235 
PHE CE2 HE2  sing N N 236 
PHE CZ  HZ   sing N N 237 
PHE OXT HXT  sing N N 238 
PRO N   CA   sing N N 239 
PRO N   CD   sing N N 240 
PRO N   H    sing N N 241 
PRO CA  C    sing N N 242 
PRO CA  CB   sing N N 243 
PRO CA  HA   sing N N 244 
PRO C   O    doub N N 245 
PRO C   OXT  sing N N 246 
PRO CB  CG   sing N N 247 
PRO CB  HB2  sing N N 248 
PRO CB  HB3  sing N N 249 
PRO CG  CD   sing N N 250 
PRO CG  HG2  sing N N 251 
PRO CG  HG3  sing N N 252 
PRO CD  HD2  sing N N 253 
PRO CD  HD3  sing N N 254 
PRO OXT HXT  sing N N 255 
SER N   CA   sing N N 256 
SER N   H    sing N N 257 
SER N   H2   sing N N 258 
SER CA  C    sing N N 259 
SER CA  CB   sing N N 260 
SER CA  HA   sing N N 261 
SER C   O    doub N N 262 
SER C   OXT  sing N N 263 
SER CB  OG   sing N N 264 
SER CB  HB2  sing N N 265 
SER CB  HB3  sing N N 266 
SER OG  HG   sing N N 267 
SER OXT HXT  sing N N 268 
THR N   CA   sing N N 269 
THR N   H    sing N N 270 
THR N   H2   sing N N 271 
THR CA  C    sing N N 272 
THR CA  CB   sing N N 273 
THR CA  HA   sing N N 274 
THR C   O    doub N N 275 
THR C   OXT  sing N N 276 
THR CB  OG1  sing N N 277 
THR CB  CG2  sing N N 278 
THR CB  HB   sing N N 279 
THR OG1 HG1  sing N N 280 
THR CG2 HG21 sing N N 281 
THR CG2 HG22 sing N N 282 
THR CG2 HG23 sing N N 283 
THR OXT HXT  sing N N 284 
TYR N   CA   sing N N 285 
TYR N   H    sing N N 286 
TYR N   H2   sing N N 287 
TYR CA  C    sing N N 288 
TYR CA  CB   sing N N 289 
TYR CA  HA   sing N N 290 
TYR C   O    doub N N 291 
TYR C   OXT  sing N N 292 
TYR CB  CG   sing N N 293 
TYR CB  HB2  sing N N 294 
TYR CB  HB3  sing N N 295 
TYR CG  CD1  doub Y N 296 
TYR CG  CD2  sing Y N 297 
TYR CD1 CE1  sing Y N 298 
TYR CD1 HD1  sing N N 299 
TYR CD2 CE2  doub Y N 300 
TYR CD2 HD2  sing N N 301 
TYR CE1 CZ   doub Y N 302 
TYR CE1 HE1  sing N N 303 
TYR CE2 CZ   sing Y N 304 
TYR CE2 HE2  sing N N 305 
TYR CZ  OH   sing N N 306 
TYR OH  HH   sing N N 307 
TYR OXT HXT  sing N N 308 
VAL N   CA   sing N N 309 
VAL N   H    sing N N 310 
VAL N   H2   sing N N 311 
VAL CA  C    sing N N 312 
VAL CA  CB   sing N N 313 
VAL CA  HA   sing N N 314 
VAL C   O    doub N N 315 
VAL C   OXT  sing N N 316 
VAL CB  CG1  sing N N 317 
VAL CB  CG2  sing N N 318 
VAL CB  HB   sing N N 319 
VAL CG1 HG11 sing N N 320 
VAL CG1 HG12 sing N N 321 
VAL CG1 HG13 sing N N 322 
VAL CG2 HG21 sing N N 323 
VAL CG2 HG22 sing N N 324 
VAL CG2 HG23 sing N N 325 
VAL OXT HXT  sing N N 326 
# 
loop_
_pdbx_entity_nonpoly.entity_id 
_pdbx_entity_nonpoly.name 
_pdbx_entity_nonpoly.comp_id 
2 'SODIUM ION' NA  
3 water        HOH 
# 
_pdbx_initial_refinement_model.id               1 
_pdbx_initial_refinement_model.entity_id_list   ? 
_pdbx_initial_refinement_model.type             'experimental model' 
_pdbx_initial_refinement_model.source_name      PDB 
_pdbx_initial_refinement_model.accession_code   2DME 
_pdbx_initial_refinement_model.details          'PDB ENTRY 2DME' 
# 
